data_1HE9
# 
_entry.id   1HE9 
# 
_audit_conform.dict_name       mmcif_pdbx.dic 
_audit_conform.dict_version    5.398 
_audit_conform.dict_location   http://mmcif.pdb.org/dictionaries/ascii/mmcif_pdbx.dic 
# 
loop_
_database_2.database_id 
_database_2.database_code 
_database_2.pdbx_database_accession 
_database_2.pdbx_DOI 
PDB   1HE9         pdb_00001he9 10.2210/pdb1he9/pdb 
PDBE  EBI-5571     ?            ?                   
WWPDB D_1290005571 ?            ?                   
# 
loop_
_pdbx_audit_revision_history.ordinal 
_pdbx_audit_revision_history.data_content_type 
_pdbx_audit_revision_history.major_revision 
_pdbx_audit_revision_history.minor_revision 
_pdbx_audit_revision_history.revision_date 
1 'Structure model' 1 0 2001-03-19 
2 'Structure model' 1 1 2011-05-08 
3 'Structure model' 1 2 2011-07-13 
4 'Structure model' 1 3 2024-11-13 
# 
_pdbx_audit_revision_details.ordinal             1 
_pdbx_audit_revision_details.revision_ordinal    1 
_pdbx_audit_revision_details.data_content_type   'Structure model' 
_pdbx_audit_revision_details.provider            repository 
_pdbx_audit_revision_details.type                'Initial release' 
_pdbx_audit_revision_details.description         ? 
_pdbx_audit_revision_details.details             ? 
# 
loop_
_pdbx_audit_revision_group.ordinal 
_pdbx_audit_revision_group.revision_ordinal 
_pdbx_audit_revision_group.data_content_type 
_pdbx_audit_revision_group.group 
1 2 'Structure model' 'Version format compliance' 
2 3 'Structure model' 'Version format compliance' 
3 4 'Structure model' 'Data collection'           
4 4 'Structure model' 'Database references'       
5 4 'Structure model' 'Derived calculations'      
6 4 'Structure model' Other                       
7 4 'Structure model' 'Structure summary'         
# 
loop_
_pdbx_audit_revision_category.ordinal 
_pdbx_audit_revision_category.revision_ordinal 
_pdbx_audit_revision_category.data_content_type 
_pdbx_audit_revision_category.category 
1 4 'Structure model' chem_comp_atom            
2 4 'Structure model' chem_comp_bond            
3 4 'Structure model' database_2                
4 4 'Structure model' pdbx_database_status      
5 4 'Structure model' pdbx_entry_details        
6 4 'Structure model' pdbx_modification_feature 
7 4 'Structure model' struct_conn               
# 
loop_
_pdbx_audit_revision_item.ordinal 
_pdbx_audit_revision_item.revision_ordinal 
_pdbx_audit_revision_item.data_content_type 
_pdbx_audit_revision_item.item 
1 4 'Structure model' '_database_2.pdbx_DOI'                 
2 4 'Structure model' '_database_2.pdbx_database_accession'  
3 4 'Structure model' '_pdbx_database_status.status_code_sf' 
4 4 'Structure model' '_struct_conn.pdbx_leaving_atom_flag'  
# 
_pdbx_database_status.status_code                     REL 
_pdbx_database_status.entry_id                        1HE9 
_pdbx_database_status.deposit_site                    PDBE 
_pdbx_database_status.process_site                    PDBE 
_pdbx_database_status.SG_entry                        . 
_pdbx_database_status.recvd_initial_deposition_date   2000-11-21 
_pdbx_database_status.pdb_format_compatible           Y 
_pdbx_database_status.status_code_sf                  REL 
_pdbx_database_status.status_code_mr                  ? 
_pdbx_database_status.status_code_cs                  ? 
_pdbx_database_status.methods_development_category    ? 
_pdbx_database_status.status_code_nmr_data            ? 
# 
_pdbx_database_related.db_name        PDB 
_pdbx_database_related.db_id          1HE1 
_pdbx_database_related.content_type   unspecified 
_pdbx_database_related.details        
'CRYSTAL STRUCTURE OF THE COMPLEX BETWEEN THE GAP DOMAIN OF THE PSEUDOMONAS AERUGINOSA EXOS TOXIN AND HUMAN RAC' 
# 
loop_
_audit_author.name 
_audit_author.pdbx_ordinal 
'Wurtele, M.'      1 
'Renault, L.'      2 
'Barbieri, J.T.'   3 
'Wittinghofer, A.' 4 
'Wolf, E.'         5 
# 
_citation.id                        primary 
_citation.title                     'Structure of the Exos Gtpase Activating Domain' 
_citation.journal_abbrev            'FEBS Lett.' 
_citation.journal_volume            491 
_citation.page_first                26 
_citation.page_last                 ? 
_citation.year                      2001 
_citation.journal_id_ASTM           FEBLAL 
_citation.country                   NE 
_citation.journal_id_ISSN           0014-5793 
_citation.journal_id_CSD            0165 
_citation.book_publisher            ? 
_citation.pdbx_database_id_PubMed   11226412 
_citation.pdbx_database_id_DOI      '10.1016/S0014-5793(01)02105-6' 
# 
loop_
_citation_author.citation_id 
_citation_author.name 
_citation_author.ordinal 
_citation_author.identifier_ORCID 
primary 'Wurtele, M.'      1 ? 
primary 'Renault, L.'      2 ? 
primary 'Barbieri, J.T.'   3 ? 
primary 'Wittinghofer, A.' 4 ? 
primary 'Wolf, E.'         5 ? 
# 
loop_
_entity.id 
_entity.type 
_entity.src_method 
_entity.pdbx_description 
_entity.formula_weight 
_entity.pdbx_number_of_molecules 
_entity.pdbx_ec 
_entity.pdbx_mutation 
_entity.pdbx_fragment 
_entity.details 
1 polymer man 'EXOENZYME S' 14432.834 1  ? ? '96-234 GTPASE-ACTIVATING PROTEIN (GAP-DOMAIN)' ? 
2 water   nat water         18.015    65 ? ? ?                                               ? 
# 
_entity_name_com.entity_id   1 
_entity_name_com.name        EXOS 
# 
_entity_poly.entity_id                      1 
_entity_poly.type                           'polypeptide(L)' 
_entity_poly.nstd_linkage                   no 
_entity_poly.nstd_monomer                   yes 
_entity_poly.pdbx_seq_one_letter_code       
;KQ(MSE)VLQQALP(MSE)TLKGLDKASELATLTPEGLAREHSRLASGDGALRSLSTALAGIRAGSQVEESRIQAGRLLE
RSIGGIALQQWGTTGGAASQLVLDASPELRREITDQLHQV(MSE)SEVALLRQAVESEVSRVSADY
;
_entity_poly.pdbx_seq_one_letter_code_can   
;KQMVLQQALPMTLKGLDKASELATLTPEGLAREHSRLASGDGALRSLSTALAGIRAGSQVEESRIQAGRLLERSIGGIAL
QQWGTTGGAASQLVLDASPELRREITDQLHQVMSEVALLRQAVESEVSRVSADY
;
_entity_poly.pdbx_strand_id                 A 
_entity_poly.pdbx_target_identifier         ? 
# 
_pdbx_entity_nonpoly.entity_id   2 
_pdbx_entity_nonpoly.name        water 
_pdbx_entity_nonpoly.comp_id     HOH 
# 
loop_
_entity_poly_seq.entity_id 
_entity_poly_seq.num 
_entity_poly_seq.mon_id 
_entity_poly_seq.hetero 
1 1   LYS n 
1 2   GLN n 
1 3   MSE n 
1 4   VAL n 
1 5   LEU n 
1 6   GLN n 
1 7   GLN n 
1 8   ALA n 
1 9   LEU n 
1 10  PRO n 
1 11  MSE n 
1 12  THR n 
1 13  LEU n 
1 14  LYS n 
1 15  GLY n 
1 16  LEU n 
1 17  ASP n 
1 18  LYS n 
1 19  ALA n 
1 20  SER n 
1 21  GLU n 
1 22  LEU n 
1 23  ALA n 
1 24  THR n 
1 25  LEU n 
1 26  THR n 
1 27  PRO n 
1 28  GLU n 
1 29  GLY n 
1 30  LEU n 
1 31  ALA n 
1 32  ARG n 
1 33  GLU n 
1 34  HIS n 
1 35  SER n 
1 36  ARG n 
1 37  LEU n 
1 38  ALA n 
1 39  SER n 
1 40  GLY n 
1 41  ASP n 
1 42  GLY n 
1 43  ALA n 
1 44  LEU n 
1 45  ARG n 
1 46  SER n 
1 47  LEU n 
1 48  SER n 
1 49  THR n 
1 50  ALA n 
1 51  LEU n 
1 52  ALA n 
1 53  GLY n 
1 54  ILE n 
1 55  ARG n 
1 56  ALA n 
1 57  GLY n 
1 58  SER n 
1 59  GLN n 
1 60  VAL n 
1 61  GLU n 
1 62  GLU n 
1 63  SER n 
1 64  ARG n 
1 65  ILE n 
1 66  GLN n 
1 67  ALA n 
1 68  GLY n 
1 69  ARG n 
1 70  LEU n 
1 71  LEU n 
1 72  GLU n 
1 73  ARG n 
1 74  SER n 
1 75  ILE n 
1 76  GLY n 
1 77  GLY n 
1 78  ILE n 
1 79  ALA n 
1 80  LEU n 
1 81  GLN n 
1 82  GLN n 
1 83  TRP n 
1 84  GLY n 
1 85  THR n 
1 86  THR n 
1 87  GLY n 
1 88  GLY n 
1 89  ALA n 
1 90  ALA n 
1 91  SER n 
1 92  GLN n 
1 93  LEU n 
1 94  VAL n 
1 95  LEU n 
1 96  ASP n 
1 97  ALA n 
1 98  SER n 
1 99  PRO n 
1 100 GLU n 
1 101 LEU n 
1 102 ARG n 
1 103 ARG n 
1 104 GLU n 
1 105 ILE n 
1 106 THR n 
1 107 ASP n 
1 108 GLN n 
1 109 LEU n 
1 110 HIS n 
1 111 GLN n 
1 112 VAL n 
1 113 MSE n 
1 114 SER n 
1 115 GLU n 
1 116 VAL n 
1 117 ALA n 
1 118 LEU n 
1 119 LEU n 
1 120 ARG n 
1 121 GLN n 
1 122 ALA n 
1 123 VAL n 
1 124 GLU n 
1 125 SER n 
1 126 GLU n 
1 127 VAL n 
1 128 SER n 
1 129 ARG n 
1 130 VAL n 
1 131 SER n 
1 132 ALA n 
1 133 ASP n 
1 134 TYR n 
# 
_entity_src_gen.entity_id                          1 
_entity_src_gen.pdbx_src_id                        1 
_entity_src_gen.pdbx_alt_source_flag               sample 
_entity_src_gen.pdbx_seq_type                      ? 
_entity_src_gen.pdbx_beg_seq_num                   ? 
_entity_src_gen.pdbx_end_seq_num                   ? 
_entity_src_gen.gene_src_common_name               ? 
_entity_src_gen.gene_src_genus                     ? 
_entity_src_gen.pdbx_gene_src_gene                 EXOS 
_entity_src_gen.gene_src_species                   ? 
_entity_src_gen.gene_src_strain                    ? 
_entity_src_gen.gene_src_tissue                    ? 
_entity_src_gen.gene_src_tissue_fraction           ? 
_entity_src_gen.gene_src_details                   ? 
_entity_src_gen.pdbx_gene_src_fragment             ? 
_entity_src_gen.pdbx_gene_src_scientific_name      'PSEUDOMONAS AERUGINOSA' 
_entity_src_gen.pdbx_gene_src_ncbi_taxonomy_id     287 
_entity_src_gen.pdbx_gene_src_variant              ? 
_entity_src_gen.pdbx_gene_src_cell_line            ? 
_entity_src_gen.pdbx_gene_src_atcc                 ? 
_entity_src_gen.pdbx_gene_src_organ                ? 
_entity_src_gen.pdbx_gene_src_organelle            ? 
_entity_src_gen.pdbx_gene_src_cell                 ? 
_entity_src_gen.pdbx_gene_src_cellular_location    ? 
_entity_src_gen.host_org_common_name               ? 
_entity_src_gen.pdbx_host_org_scientific_name      'ESCHERICHIA COLI' 
_entity_src_gen.pdbx_host_org_ncbi_taxonomy_id     562 
_entity_src_gen.host_org_genus                     ? 
_entity_src_gen.pdbx_host_org_gene                 ? 
_entity_src_gen.pdbx_host_org_organ                ? 
_entity_src_gen.host_org_species                   ? 
_entity_src_gen.pdbx_host_org_tissue               ? 
_entity_src_gen.pdbx_host_org_tissue_fraction      ? 
_entity_src_gen.pdbx_host_org_strain               ? 
_entity_src_gen.pdbx_host_org_variant              ? 
_entity_src_gen.pdbx_host_org_cell_line            ? 
_entity_src_gen.pdbx_host_org_atcc                 ? 
_entity_src_gen.pdbx_host_org_culture_collection   ? 
_entity_src_gen.pdbx_host_org_cell                 ? 
_entity_src_gen.pdbx_host_org_organelle            ? 
_entity_src_gen.pdbx_host_org_cellular_location    ? 
_entity_src_gen.pdbx_host_org_vector_type          ? 
_entity_src_gen.pdbx_host_org_vector               ? 
_entity_src_gen.host_org_details                   ? 
_entity_src_gen.expression_system_id               ? 
_entity_src_gen.plasmid_name                       PGEX-2T 
_entity_src_gen.plasmid_details                    ? 
_entity_src_gen.pdbx_description                   ? 
# 
loop_
_chem_comp.id 
_chem_comp.type 
_chem_comp.mon_nstd_flag 
_chem_comp.name 
_chem_comp.pdbx_synonyms 
_chem_comp.formula 
_chem_comp.formula_weight 
ALA 'L-peptide linking' y ALANINE          ? 'C3 H7 N O2'     89.093  
ARG 'L-peptide linking' y ARGININE         ? 'C6 H15 N4 O2 1' 175.209 
ASP 'L-peptide linking' y 'ASPARTIC ACID'  ? 'C4 H7 N O4'     133.103 
GLN 'L-peptide linking' y GLUTAMINE        ? 'C5 H10 N2 O3'   146.144 
GLU 'L-peptide linking' y 'GLUTAMIC ACID'  ? 'C5 H9 N O4'     147.129 
GLY 'peptide linking'   y GLYCINE          ? 'C2 H5 N O2'     75.067  
HIS 'L-peptide linking' y HISTIDINE        ? 'C6 H10 N3 O2 1' 156.162 
HOH non-polymer         . WATER            ? 'H2 O'           18.015  
ILE 'L-peptide linking' y ISOLEUCINE       ? 'C6 H13 N O2'    131.173 
LEU 'L-peptide linking' y LEUCINE          ? 'C6 H13 N O2'    131.173 
LYS 'L-peptide linking' y LYSINE           ? 'C6 H15 N2 O2 1' 147.195 
MET 'L-peptide linking' y METHIONINE       ? 'C5 H11 N O2 S'  149.211 
MSE 'L-peptide linking' n SELENOMETHIONINE ? 'C5 H11 N O2 Se' 196.106 
PRO 'L-peptide linking' y PROLINE          ? 'C5 H9 N O2'     115.130 
SER 'L-peptide linking' y SERINE           ? 'C3 H7 N O3'     105.093 
THR 'L-peptide linking' y THREONINE        ? 'C4 H9 N O3'     119.119 
TRP 'L-peptide linking' y TRYPTOPHAN       ? 'C11 H12 N2 O2'  204.225 
TYR 'L-peptide linking' y TYROSINE         ? 'C9 H11 N O3'    181.189 
VAL 'L-peptide linking' y VALINE           ? 'C5 H11 N O2'    117.146 
# 
loop_
_pdbx_poly_seq_scheme.asym_id 
_pdbx_poly_seq_scheme.entity_id 
_pdbx_poly_seq_scheme.seq_id 
_pdbx_poly_seq_scheme.mon_id 
_pdbx_poly_seq_scheme.ndb_seq_num 
_pdbx_poly_seq_scheme.pdb_seq_num 
_pdbx_poly_seq_scheme.auth_seq_num 
_pdbx_poly_seq_scheme.pdb_mon_id 
_pdbx_poly_seq_scheme.auth_mon_id 
_pdbx_poly_seq_scheme.pdb_strand_id 
_pdbx_poly_seq_scheme.pdb_ins_code 
_pdbx_poly_seq_scheme.hetero 
A 1 1   LYS 1   102 102 LYS LYS A . n 
A 1 2   GLN 2   103 103 GLN GLN A . n 
A 1 3   MSE 3   104 104 MSE MSE A . n 
A 1 4   VAL 4   105 105 VAL VAL A . n 
A 1 5   LEU 5   106 106 LEU LEU A . n 
A 1 6   GLN 6   107 107 GLN GLN A . n 
A 1 7   GLN 7   108 108 GLN GLN A . n 
A 1 8   ALA 8   109 109 ALA ALA A . n 
A 1 9   LEU 9   110 110 LEU LEU A . n 
A 1 10  PRO 10  111 111 PRO PRO A . n 
A 1 11  MSE 11  112 112 MSE MSE A . n 
A 1 12  THR 12  113 113 THR THR A . n 
A 1 13  LEU 13  114 114 LEU LEU A . n 
A 1 14  LYS 14  115 115 LYS LYS A . n 
A 1 15  GLY 15  116 116 GLY GLY A . n 
A 1 16  LEU 16  117 117 LEU LEU A . n 
A 1 17  ASP 17  118 118 ASP ASP A . n 
A 1 18  LYS 18  119 119 LYS LYS A . n 
A 1 19  ALA 19  120 120 ALA ALA A . n 
A 1 20  SER 20  121 121 SER SER A . n 
A 1 21  GLU 21  122 122 GLU GLU A . n 
A 1 22  LEU 22  123 123 LEU LEU A . n 
A 1 23  ALA 23  124 124 ALA ALA A . n 
A 1 24  THR 24  125 125 THR THR A . n 
A 1 25  LEU 25  126 126 LEU LEU A . n 
A 1 26  THR 26  127 127 THR THR A . n 
A 1 27  PRO 27  128 128 PRO PRO A . n 
A 1 28  GLU 28  129 129 GLU GLU A . n 
A 1 29  GLY 29  130 130 GLY GLY A . n 
A 1 30  LEU 30  131 131 LEU LEU A . n 
A 1 31  ALA 31  132 132 ALA ALA A . n 
A 1 32  ARG 32  133 133 ARG ARG A . n 
A 1 33  GLU 33  134 134 GLU GLU A . n 
A 1 34  HIS 34  135 135 HIS HIS A . n 
A 1 35  SER 35  136 136 SER SER A . n 
A 1 36  ARG 36  137 137 ARG ARG A . n 
A 1 37  LEU 37  138 138 LEU LEU A . n 
A 1 38  ALA 38  139 139 ALA ALA A . n 
A 1 39  SER 39  140 140 SER SER A . n 
A 1 40  GLY 40  141 141 GLY GLY A . n 
A 1 41  ASP 41  142 142 ASP ASP A . n 
A 1 42  GLY 42  143 143 GLY GLY A . n 
A 1 43  ALA 43  144 144 ALA ALA A . n 
A 1 44  LEU 44  145 145 LEU LEU A . n 
A 1 45  ARG 45  146 146 ARG ARG A . n 
A 1 46  SER 46  147 147 SER SER A . n 
A 1 47  LEU 47  148 148 LEU LEU A . n 
A 1 48  SER 48  149 149 SER SER A . n 
A 1 49  THR 49  150 150 THR THR A . n 
A 1 50  ALA 50  151 151 ALA ALA A . n 
A 1 51  LEU 51  152 152 LEU LEU A . n 
A 1 52  ALA 52  153 153 ALA ALA A . n 
A 1 53  GLY 53  154 154 GLY GLY A . n 
A 1 54  ILE 54  155 155 ILE ILE A . n 
A 1 55  ARG 55  156 156 ARG ARG A . n 
A 1 56  ALA 56  157 157 ALA ALA A . n 
A 1 57  GLY 57  158 158 GLY GLY A . n 
A 1 58  SER 58  159 159 SER SER A . n 
A 1 59  GLN 59  160 160 GLN GLN A . n 
A 1 60  VAL 60  161 161 VAL VAL A . n 
A 1 61  GLU 61  162 162 GLU GLU A . n 
A 1 62  GLU 62  163 163 GLU GLU A . n 
A 1 63  SER 63  164 164 SER SER A . n 
A 1 64  ARG 64  165 165 ARG ARG A . n 
A 1 65  ILE 65  166 166 ILE ILE A . n 
A 1 66  GLN 66  167 167 GLN GLN A . n 
A 1 67  ALA 67  168 168 ALA ALA A . n 
A 1 68  GLY 68  169 169 GLY GLY A . n 
A 1 69  ARG 69  170 170 ARG ARG A . n 
A 1 70  LEU 70  171 171 LEU LEU A . n 
A 1 71  LEU 71  172 172 LEU LEU A . n 
A 1 72  GLU 72  173 173 GLU GLU A . n 
A 1 73  ARG 73  174 174 ARG ARG A . n 
A 1 74  SER 74  175 175 SER SER A . n 
A 1 75  ILE 75  176 176 ILE ILE A . n 
A 1 76  GLY 76  177 177 GLY GLY A . n 
A 1 77  GLY 77  178 178 GLY GLY A . n 
A 1 78  ILE 78  179 179 ILE ILE A . n 
A 1 79  ALA 79  180 180 ALA ALA A . n 
A 1 80  LEU 80  181 181 LEU LEU A . n 
A 1 81  GLN 81  182 182 GLN GLN A . n 
A 1 82  GLN 82  183 183 GLN GLN A . n 
A 1 83  TRP 83  184 184 TRP TRP A . n 
A 1 84  GLY 84  185 185 GLY GLY A . n 
A 1 85  THR 85  186 186 THR THR A . n 
A 1 86  THR 86  187 187 THR THR A . n 
A 1 87  GLY 87  188 188 GLY GLY A . n 
A 1 88  GLY 88  189 189 GLY GLY A . n 
A 1 89  ALA 89  190 190 ALA ALA A . n 
A 1 90  ALA 90  191 191 ALA ALA A . n 
A 1 91  SER 91  192 192 SER SER A . n 
A 1 92  GLN 92  193 193 GLN GLN A . n 
A 1 93  LEU 93  194 194 LEU LEU A . n 
A 1 94  VAL 94  195 195 VAL VAL A . n 
A 1 95  LEU 95  196 196 LEU LEU A . n 
A 1 96  ASP 96  197 197 ASP ASP A . n 
A 1 97  ALA 97  198 198 ALA ALA A . n 
A 1 98  SER 98  199 199 SER SER A . n 
A 1 99  PRO 99  200 200 PRO PRO A . n 
A 1 100 GLU 100 201 201 GLU GLU A . n 
A 1 101 LEU 101 202 202 LEU LEU A . n 
A 1 102 ARG 102 203 203 ARG ARG A . n 
A 1 103 ARG 103 204 204 ARG ARG A . n 
A 1 104 GLU 104 205 205 GLU GLU A . n 
A 1 105 ILE 105 206 206 ILE ILE A . n 
A 1 106 THR 106 207 207 THR THR A . n 
A 1 107 ASP 107 208 208 ASP ASP A . n 
A 1 108 GLN 108 209 209 GLN GLN A . n 
A 1 109 LEU 109 210 210 LEU LEU A . n 
A 1 110 HIS 110 211 211 HIS HIS A . n 
A 1 111 GLN 111 212 212 GLN GLN A . n 
A 1 112 VAL 112 213 213 VAL VAL A . n 
A 1 113 MSE 113 214 214 MSE MSE A . n 
A 1 114 SER 114 215 215 SER SER A . n 
A 1 115 GLU 115 216 216 GLU GLU A . n 
A 1 116 VAL 116 217 217 VAL VAL A . n 
A 1 117 ALA 117 218 218 ALA ALA A . n 
A 1 118 LEU 118 219 219 LEU LEU A . n 
A 1 119 LEU 119 220 220 LEU LEU A . n 
A 1 120 ARG 120 221 221 ARG ARG A . n 
A 1 121 GLN 121 222 222 GLN GLN A . n 
A 1 122 ALA 122 223 223 ALA ALA A . n 
A 1 123 VAL 123 224 224 VAL VAL A . n 
A 1 124 GLU 124 225 225 GLU GLU A . n 
A 1 125 SER 125 226 226 SER SER A . n 
A 1 126 GLU 126 227 227 GLU GLU A . n 
A 1 127 VAL 127 228 228 VAL VAL A . n 
A 1 128 SER 128 229 229 SER SER A . n 
A 1 129 ARG 129 230 230 ARG ARG A . n 
A 1 130 VAL 130 231 231 VAL VAL A . n 
A 1 131 SER 131 232 232 SER SER A . n 
A 1 132 ALA 132 233 233 ALA ALA A . n 
A 1 133 ASP 133 234 234 ASP ASP A . n 
A 1 134 TYR 134 235 235 TYR TYR A . n 
# 
loop_
_pdbx_nonpoly_scheme.asym_id 
_pdbx_nonpoly_scheme.entity_id 
_pdbx_nonpoly_scheme.mon_id 
_pdbx_nonpoly_scheme.ndb_seq_num 
_pdbx_nonpoly_scheme.pdb_seq_num 
_pdbx_nonpoly_scheme.auth_seq_num 
_pdbx_nonpoly_scheme.pdb_mon_id 
_pdbx_nonpoly_scheme.auth_mon_id 
_pdbx_nonpoly_scheme.pdb_strand_id 
_pdbx_nonpoly_scheme.pdb_ins_code 
B 2 HOH 1  2001 2001 HOH HOH A . 
B 2 HOH 2  2002 2002 HOH HOH A . 
B 2 HOH 3  2003 2003 HOH HOH A . 
B 2 HOH 4  2004 2004 HOH HOH A . 
B 2 HOH 5  2005 2005 HOH HOH A . 
B 2 HOH 6  2006 2006 HOH HOH A . 
B 2 HOH 7  2007 2007 HOH HOH A . 
B 2 HOH 8  2008 2008 HOH HOH A . 
B 2 HOH 9  2009 2009 HOH HOH A . 
B 2 HOH 10 2010 2010 HOH HOH A . 
B 2 HOH 11 2011 2011 HOH HOH A . 
B 2 HOH 12 2012 2012 HOH HOH A . 
B 2 HOH 13 2013 2013 HOH HOH A . 
B 2 HOH 14 2014 2014 HOH HOH A . 
B 2 HOH 15 2015 2015 HOH HOH A . 
B 2 HOH 16 2016 2016 HOH HOH A . 
B 2 HOH 17 2017 2017 HOH HOH A . 
B 2 HOH 18 2018 2018 HOH HOH A . 
B 2 HOH 19 2019 2019 HOH HOH A . 
B 2 HOH 20 2020 2020 HOH HOH A . 
B 2 HOH 21 2021 2021 HOH HOH A . 
B 2 HOH 22 2022 2022 HOH HOH A . 
B 2 HOH 23 2023 2023 HOH HOH A . 
B 2 HOH 24 2024 2024 HOH HOH A . 
B 2 HOH 25 2025 2025 HOH HOH A . 
B 2 HOH 26 2026 2026 HOH HOH A . 
B 2 HOH 27 2027 2027 HOH HOH A . 
B 2 HOH 28 2028 2028 HOH HOH A . 
B 2 HOH 29 2029 2029 HOH HOH A . 
B 2 HOH 30 2030 2030 HOH HOH A . 
B 2 HOH 31 2031 2031 HOH HOH A . 
B 2 HOH 32 2032 2032 HOH HOH A . 
B 2 HOH 33 2033 2033 HOH HOH A . 
B 2 HOH 34 2034 2034 HOH HOH A . 
B 2 HOH 35 2035 2035 HOH HOH A . 
B 2 HOH 36 2036 2036 HOH HOH A . 
B 2 HOH 37 2037 2037 HOH HOH A . 
B 2 HOH 38 2038 2038 HOH HOH A . 
B 2 HOH 39 2039 2039 HOH HOH A . 
B 2 HOH 40 2040 2040 HOH HOH A . 
B 2 HOH 41 2041 2041 HOH HOH A . 
B 2 HOH 42 2042 2042 HOH HOH A . 
B 2 HOH 43 2043 2043 HOH HOH A . 
B 2 HOH 44 2044 2044 HOH HOH A . 
B 2 HOH 45 2045 2045 HOH HOH A . 
B 2 HOH 46 2046 2046 HOH HOH A . 
B 2 HOH 47 2047 2047 HOH HOH A . 
B 2 HOH 48 2048 2048 HOH HOH A . 
B 2 HOH 49 2049 2049 HOH HOH A . 
B 2 HOH 50 2050 2050 HOH HOH A . 
B 2 HOH 51 2051 2051 HOH HOH A . 
B 2 HOH 52 2052 2052 HOH HOH A . 
B 2 HOH 53 2053 2053 HOH HOH A . 
B 2 HOH 54 2054 2054 HOH HOH A . 
B 2 HOH 55 2055 2055 HOH HOH A . 
B 2 HOH 56 2056 2056 HOH HOH A . 
B 2 HOH 57 2057 2057 HOH HOH A . 
B 2 HOH 58 2058 2058 HOH HOH A . 
B 2 HOH 59 2059 2059 HOH HOH A . 
B 2 HOH 60 2060 2060 HOH HOH A . 
B 2 HOH 61 2061 2061 HOH HOH A . 
B 2 HOH 62 2062 2062 HOH HOH A . 
B 2 HOH 63 2063 2063 HOH HOH A . 
B 2 HOH 64 2064 2064 HOH HOH A . 
B 2 HOH 65 2065 2065 HOH HOH A . 
# 
loop_
_software.name 
_software.classification 
_software.version 
_software.citation_id 
_software.pdbx_ordinal 
CNS       refinement       1.0 ? 1 
DENZO     'data reduction' .   ? 2 
SCALEPACK 'data scaling'   .   ? 3 
SHARP     phasing          .   ? 4 
# 
_cell.entry_id           1HE9 
_cell.length_a           42.897 
_cell.length_b           55.646 
_cell.length_c           107.472 
_cell.angle_alpha        90.00 
_cell.angle_beta         90.00 
_cell.angle_gamma        90.00 
_cell.Z_PDB              8 
_cell.pdbx_unique_axis   ? 
# 
_symmetry.entry_id                         1HE9 
_symmetry.space_group_name_H-M             'C 2 2 21' 
_symmetry.pdbx_full_space_group_name_H-M   ? 
_symmetry.cell_setting                     ? 
_symmetry.Int_Tables_number                20 
# 
_exptl.entry_id          1HE9 
_exptl.method            'X-RAY DIFFRACTION' 
_exptl.crystals_number   1 
# 
_exptl_crystal.id                    1 
_exptl_crystal.density_meas          ? 
_exptl_crystal.density_Matthews      2.22 
_exptl_crystal.density_percent_sol   44.64 
_exptl_crystal.description           ? 
# 
_exptl_crystal_grow.crystal_id      1 
_exptl_crystal_grow.method          ? 
_exptl_crystal_grow.temp            ? 
_exptl_crystal_grow.temp_details    ? 
_exptl_crystal_grow.pH              5.50 
_exptl_crystal_grow.pdbx_pH_range   ? 
_exptl_crystal_grow.pdbx_details    'MGCL2, (NH4)2SO4, PEG 6000, NA-CACODYLATE PH5.5, pH 5.50' 
# 
_diffrn.id                     1 
_diffrn.ambient_temp           100.0 
_diffrn.ambient_temp_details   ? 
_diffrn.crystal_id             1 
# 
_diffrn_detector.diffrn_id              1 
_diffrn_detector.detector               CCD 
_diffrn_detector.type                   MARRESEARCH 
_diffrn_detector.pdbx_collection_date   2000-07-15 
_diffrn_detector.details                ? 
# 
_diffrn_radiation.diffrn_id                        1 
_diffrn_radiation.wavelength_id                    1 
_diffrn_radiation.pdbx_monochromatic_or_laue_m_l   M 
_diffrn_radiation.monochromator                    ? 
_diffrn_radiation.pdbx_diffrn_protocol             MAD 
_diffrn_radiation.pdbx_scattering_type             x-ray 
# 
loop_
_diffrn_radiation_wavelength.id 
_diffrn_radiation_wavelength.wavelength 
_diffrn_radiation_wavelength.wt 
1 0.9789 1.0 
2 0.9790 1.0 
3 0.8856 1.0 
4 1.54   1.0 
# 
_diffrn_source.diffrn_id                   1 
_diffrn_source.source                      SYNCHROTRON 
_diffrn_source.type                        'ESRF BEAMLINE BM14' 
_diffrn_source.pdbx_synchrotron_site       ESRF 
_diffrn_source.pdbx_synchrotron_beamline   BM14 
_diffrn_source.pdbx_wavelength             ? 
_diffrn_source.pdbx_wavelength_list        0.9789,0.9790,0.8856,1.54 
# 
_reflns.pdbx_diffrn_id               1 
_reflns.pdbx_ordinal                 1 
_reflns.entry_id                     1HE9 
_reflns.observed_criterion_sigma_I   3.000 
_reflns.observed_criterion_sigma_F   ? 
_reflns.d_resolution_low             20.000 
_reflns.d_resolution_high            2.400 
_reflns.number_obs                   5237 
_reflns.number_all                   ? 
_reflns.percent_possible_obs         99.1 
_reflns.pdbx_Rmerge_I_obs            ? 
_reflns.pdbx_Rsym_value              0.05300 
_reflns.pdbx_netI_over_sigmaI        34.0000 
_reflns.B_iso_Wilson_estimate        ? 
_reflns.pdbx_redundancy              ? 
# 
_reflns_shell.pdbx_diffrn_id         1 
_reflns_shell.pdbx_ordinal           1 
_reflns_shell.d_res_high             2.40 
_reflns_shell.d_res_low              2.49 
_reflns_shell.percent_possible_all   98.4 
_reflns_shell.Rmerge_I_obs           ? 
_reflns_shell.pdbx_Rsym_value        0.17500 
_reflns_shell.meanI_over_sigI_obs    8.000 
_reflns_shell.pdbx_redundancy        ? 
# 
_refine.pdbx_refine_id                           'X-RAY DIFFRACTION' 
_refine.entry_id                                 1HE9 
_refine.pdbx_diffrn_id                           1 
_refine.pdbx_TLS_residual_ADP_flag               ? 
_refine.ls_number_reflns_obs                     5237 
_refine.ls_number_reflns_all                     ? 
_refine.pdbx_ls_sigma_I                          ? 
_refine.pdbx_ls_sigma_F                          0.0 
_refine.pdbx_data_cutoff_high_absF               1274374.44 
_refine.pdbx_data_cutoff_low_absF                ? 
_refine.pdbx_data_cutoff_high_rms_absF           ? 
_refine.ls_d_res_low                             20.00 
_refine.ls_d_res_high                            2.40 
_refine.ls_percent_reflns_obs                    99.1 
_refine.ls_R_factor_obs                          0.257 
_refine.ls_R_factor_all                          ? 
_refine.ls_R_factor_R_work                       0.257 
_refine.ls_R_factor_R_free                       0.265 
_refine.ls_R_factor_R_free_error                 0.012 
_refine.ls_R_factor_R_free_error_details         ? 
_refine.ls_percent_reflns_R_free                 9.9 
_refine.ls_number_reflns_R_free                  518 
_refine.ls_number_parameters                     ? 
_refine.ls_number_restraints                     ? 
_refine.occupancy_min                            ? 
_refine.occupancy_max                            ? 
_refine.correlation_coeff_Fo_to_Fc               ? 
_refine.correlation_coeff_Fo_to_Fc_free          ? 
_refine.B_iso_mean                               62.4 
_refine.aniso_B[1][1]                            -13.82 
_refine.aniso_B[2][2]                            28.18 
_refine.aniso_B[3][3]                            -14.36 
_refine.aniso_B[1][2]                            0.00 
_refine.aniso_B[1][3]                            0.00 
_refine.aniso_B[2][3]                            0.00 
_refine.solvent_model_details                    'FLAT MODEL' 
_refine.solvent_model_param_ksol                 0.389157 
_refine.solvent_model_param_bsol                 75.8674 
_refine.pdbx_solvent_vdw_probe_radii             ? 
_refine.pdbx_solvent_ion_probe_radii             ? 
_refine.pdbx_solvent_shrinkage_radii             ? 
_refine.pdbx_ls_cross_valid_method               THROUGHOUT 
_refine.details                                  
'FIRST POST SUBMISSION CORRECTION C- TERMINUS NOT VISIBLE IN THE ELECTRON DENSITY MAPS.' 
_refine.pdbx_starting_model                      ? 
_refine.pdbx_method_to_determine_struct          MAD 
_refine.pdbx_isotropic_thermal_model             RESTRAINED 
_refine.pdbx_stereochemistry_target_values       ? 
_refine.pdbx_stereochem_target_val_spec_case     ? 
_refine.pdbx_R_Free_selection_details            RANDOM 
_refine.pdbx_overall_ESU_R                       ? 
_refine.pdbx_overall_ESU_R_Free                  ? 
_refine.overall_SU_ML                            ? 
_refine.pdbx_overall_phase_error                 ? 
_refine.overall_SU_B                             ? 
_refine.overall_SU_R_Cruickshank_DPI             ? 
_refine.pdbx_overall_SU_R_free_Cruickshank_DPI   ? 
_refine.pdbx_overall_SU_R_Blow_DPI               ? 
_refine.pdbx_overall_SU_R_free_Blow_DPI          ? 
# 
_refine_analyze.pdbx_refine_id                  'X-RAY DIFFRACTION' 
_refine_analyze.entry_id                        1HE9 
_refine_analyze.Luzzati_coordinate_error_obs    0.35 
_refine_analyze.Luzzati_sigma_a_obs             0.32 
_refine_analyze.Luzzati_d_res_low_obs           5.00 
_refine_analyze.Luzzati_coordinate_error_free   0.41 
_refine_analyze.Luzzati_sigma_a_free            0.30 
_refine_analyze.Luzzati_d_res_low_free          ? 
_refine_analyze.number_disordered_residues      ? 
_refine_analyze.occupancy_sum_hydrogen          ? 
_refine_analyze.occupancy_sum_non_hydrogen      ? 
# 
_refine_hist.pdbx_refine_id                   'X-RAY DIFFRACTION' 
_refine_hist.cycle_id                         LAST 
_refine_hist.pdbx_number_atoms_protein        1000 
_refine_hist.pdbx_number_atoms_nucleic_acid   0 
_refine_hist.pdbx_number_atoms_ligand         0 
_refine_hist.number_atoms_solvent             65 
_refine_hist.number_atoms_total               1065 
_refine_hist.d_res_high                       2.40 
_refine_hist.d_res_low                        20.00 
# 
loop_
_refine_ls_restr.type 
_refine_ls_restr.dev_ideal 
_refine_ls_restr.dev_ideal_target 
_refine_ls_restr.weight 
_refine_ls_restr.number 
_refine_ls_restr.pdbx_refine_id 
_refine_ls_restr.pdbx_restraint_function 
c_bond_d                0.019 ?    ? ? 'X-RAY DIFFRACTION' ? 
c_bond_d_na             ?     ?    ? ? 'X-RAY DIFFRACTION' ? 
c_bond_d_prot           ?     ?    ? ? 'X-RAY DIFFRACTION' ? 
c_angle_d               ?     ?    ? ? 'X-RAY DIFFRACTION' ? 
c_angle_d_na            ?     ?    ? ? 'X-RAY DIFFRACTION' ? 
c_angle_d_prot          ?     ?    ? ? 'X-RAY DIFFRACTION' ? 
c_angle_deg             2.1   ?    ? ? 'X-RAY DIFFRACTION' ? 
c_angle_deg_na          ?     ?    ? ? 'X-RAY DIFFRACTION' ? 
c_angle_deg_prot        ?     ?    ? ? 'X-RAY DIFFRACTION' ? 
c_dihedral_angle_d      21.7  ?    ? ? 'X-RAY DIFFRACTION' ? 
c_dihedral_angle_d_na   ?     ?    ? ? 'X-RAY DIFFRACTION' ? 
c_dihedral_angle_d_prot ?     ?    ? ? 'X-RAY DIFFRACTION' ? 
c_improper_angle_d      1.36  ?    ? ? 'X-RAY DIFFRACTION' ? 
c_improper_angle_d_na   ?     ?    ? ? 'X-RAY DIFFRACTION' ? 
c_improper_angle_d_prot ?     ?    ? ? 'X-RAY DIFFRACTION' ? 
c_mcbond_it             1.96  1.50 ? ? 'X-RAY DIFFRACTION' ? 
c_mcangle_it            3.44  2.00 ? ? 'X-RAY DIFFRACTION' ? 
c_scbond_it             2.83  2.00 ? ? 'X-RAY DIFFRACTION' ? 
c_scangle_it            4.14  2.50 ? ? 'X-RAY DIFFRACTION' ? 
# 
_refine_ls_shell.pdbx_refine_id                   'X-RAY DIFFRACTION' 
_refine_ls_shell.pdbx_total_number_of_bins_used   6 
_refine_ls_shell.d_res_high                       2.40 
_refine_ls_shell.d_res_low                        2.55 
_refine_ls_shell.number_reflns_R_work             747 
_refine_ls_shell.R_factor_R_work                  0.311 
_refine_ls_shell.percent_reflns_obs               96.3 
_refine_ls_shell.R_factor_R_free                  0.347 
_refine_ls_shell.R_factor_R_free_error            0.038 
_refine_ls_shell.percent_reflns_R_free            10.2 
_refine_ls_shell.number_reflns_R_free             85 
_refine_ls_shell.number_reflns_all                ? 
_refine_ls_shell.R_factor_all                     ? 
# 
loop_
_pdbx_xplor_file.pdbx_refine_id 
_pdbx_xplor_file.serial_no 
_pdbx_xplor_file.param_file 
_pdbx_xplor_file.topol_file 
'X-RAY DIFFRACTION' 1 PROTEIN_REP.PARAM PROTEIN.TOP 
'X-RAY DIFFRACTION' 2 WATER_REP.PARAM   WATER.TOP   
'X-RAY DIFFRACTION' 3 WATER_REP.PARAM   WATER.TOP   
'X-RAY DIFFRACTION' 4 ION.PARAM         ION.TOP     
# 
_struct.entry_id                  1HE9 
_struct.title                     'Crystal structure of the GAP domain of the Pseudomonas aeruginosa ExoS toxin' 
_struct.pdbx_model_details        ? 
_struct.pdbx_CASP_flag            ? 
_struct.pdbx_model_type_details   ? 
# 
_struct_keywords.entry_id        1HE9 
_struct_keywords.pdbx_keywords   'TOXIN (EXOENZYME S)' 
_struct_keywords.text            
'TOXIN (EXOENZYME S), EXOS, PSEUDOMONAS AERUGINOSA, GAP, TOXIN, VIRULENCE FACTOR, SIGNAL TRANSDUCTION' 
# 
loop_
_struct_asym.id 
_struct_asym.pdbx_blank_PDB_chainid_flag 
_struct_asym.pdbx_modified 
_struct_asym.entity_id 
_struct_asym.details 
A N N 1 ? 
B N N 2 ? 
# 
_struct_ref.id                         1 
_struct_ref.db_name                    UNP 
_struct_ref.db_code                    Q51451 
_struct_ref.entity_id                  1 
_struct_ref.pdbx_seq_one_letter_code   ? 
_struct_ref.pdbx_align_begin           ? 
_struct_ref.pdbx_db_accession          Q51451 
_struct_ref.pdbx_db_isoform            ? 
# 
_struct_ref_seq.align_id                      1 
_struct_ref_seq.ref_id                        1 
_struct_ref_seq.pdbx_PDB_id_code              1HE9 
_struct_ref_seq.pdbx_strand_id                A 
_struct_ref_seq.seq_align_beg                 1 
_struct_ref_seq.pdbx_seq_align_beg_ins_code   ? 
_struct_ref_seq.seq_align_end                 134 
_struct_ref_seq.pdbx_seq_align_end_ins_code   ? 
_struct_ref_seq.pdbx_db_accession             Q51451 
_struct_ref_seq.db_align_beg                  102 
_struct_ref_seq.pdbx_db_align_beg_ins_code    ? 
_struct_ref_seq.db_align_end                  235 
_struct_ref_seq.pdbx_db_align_end_ins_code    ? 
_struct_ref_seq.pdbx_auth_seq_align_beg       102 
_struct_ref_seq.pdbx_auth_seq_align_end       235 
# 
loop_
_struct_ref_seq_dif.align_id 
_struct_ref_seq_dif.pdbx_pdb_id_code 
_struct_ref_seq_dif.mon_id 
_struct_ref_seq_dif.pdbx_pdb_strand_id 
_struct_ref_seq_dif.seq_num 
_struct_ref_seq_dif.pdbx_pdb_ins_code 
_struct_ref_seq_dif.pdbx_seq_db_name 
_struct_ref_seq_dif.pdbx_seq_db_accession_code 
_struct_ref_seq_dif.db_mon_id 
_struct_ref_seq_dif.pdbx_seq_db_seq_num 
_struct_ref_seq_dif.details 
_struct_ref_seq_dif.pdbx_auth_seq_num 
_struct_ref_seq_dif.pdbx_ordinal 
1 1HE9 TYR A 134 ? UNP Q51451 LYS 235 'cloning artifact' 235 1 
1 1HE9 MSE A 3   ? UNP Q51451 MET 104 'modified residue' 104 2 
1 1HE9 MSE A 11  ? UNP Q51451 MET 112 'modified residue' 112 3 
1 1HE9 MSE A 113 ? UNP Q51451 MET 214 'modified residue' 214 4 
# 
_pdbx_struct_assembly.id                   1 
_pdbx_struct_assembly.details              software_defined_assembly 
_pdbx_struct_assembly.method_details       PQS 
_pdbx_struct_assembly.oligomeric_details   dimeric 
_pdbx_struct_assembly.oligomeric_count     2 
# 
loop_
_pdbx_struct_assembly_prop.biol_id 
_pdbx_struct_assembly_prop.type 
_pdbx_struct_assembly_prop.value 
_pdbx_struct_assembly_prop.details 
1 'ABSA (A^2)' 1770  ? 
1 MORE         -10.9 ? 
1 'SSA (A^2)'  15420 ? 
# 
_pdbx_struct_assembly_gen.assembly_id       1 
_pdbx_struct_assembly_gen.oper_expression   1,2 
_pdbx_struct_assembly_gen.asym_id_list      A,B 
# 
loop_
_pdbx_struct_oper_list.id 
_pdbx_struct_oper_list.type 
_pdbx_struct_oper_list.name 
_pdbx_struct_oper_list.symmetry_operation 
_pdbx_struct_oper_list.matrix[1][1] 
_pdbx_struct_oper_list.matrix[1][2] 
_pdbx_struct_oper_list.matrix[1][3] 
_pdbx_struct_oper_list.vector[1] 
_pdbx_struct_oper_list.matrix[2][1] 
_pdbx_struct_oper_list.matrix[2][2] 
_pdbx_struct_oper_list.matrix[2][3] 
_pdbx_struct_oper_list.vector[2] 
_pdbx_struct_oper_list.matrix[3][1] 
_pdbx_struct_oper_list.matrix[3][2] 
_pdbx_struct_oper_list.matrix[3][3] 
_pdbx_struct_oper_list.vector[3] 
1 'identity operation'         1_555 x,y,z       1.0000000000  0.0000000000  0.0000000000  0.0000000000   0.0000000000  1.0000000000 0.0000000000 0.0000000000  0.0000000000  0.0000000000 1.0000000000  0.0000000000  
2 'crystal symmetry operation' 4_566 x,-y+1,-z+1 -0.8929385753 -0.4455955660 -0.0640725551 -29.9006204263 -0.4455955660 0.8545933700 0.2666735149 -6.0392234724 -0.0640725551 0.2666735149 -0.9616547947 -7.9620957875 
# 
_struct_biol.id        1 
_struct_biol.details   'BIOLOGICAL_UNIT: MONOMER' 
# 
loop_
_struct_conf.conf_type_id 
_struct_conf.id 
_struct_conf.pdbx_PDB_helix_id 
_struct_conf.beg_label_comp_id 
_struct_conf.beg_label_asym_id 
_struct_conf.beg_label_seq_id 
_struct_conf.pdbx_beg_PDB_ins_code 
_struct_conf.end_label_comp_id 
_struct_conf.end_label_asym_id 
_struct_conf.end_label_seq_id 
_struct_conf.pdbx_end_PDB_ins_code 
_struct_conf.beg_auth_comp_id 
_struct_conf.beg_auth_asym_id 
_struct_conf.beg_auth_seq_id 
_struct_conf.end_auth_comp_id 
_struct_conf.end_auth_asym_id 
_struct_conf.end_auth_seq_id 
_struct_conf.pdbx_PDB_helix_class 
_struct_conf.details 
_struct_conf.pdbx_PDB_helix_length 
HELX_P HELX_P1  1  LYS A 1   ? ALA A 8   ? LYS A 102 ALA A 109 1 ? 8  
HELX_P HELX_P2  2  THR A 12  ? LYS A 18  ? THR A 113 LYS A 119 1 ? 7  
HELX_P HELX_P3  3  ALA A 19  ? THR A 24  ? ALA A 120 THR A 125 5 ? 6  
HELX_P HELX_P4  4  THR A 26  ? HIS A 34  ? THR A 127 HIS A 135 1 ? 9  
HELX_P HELX_P5  5  GLY A 42  ? SER A 58  ? GLY A 143 SER A 159 1 ? 17 
HELX_P HELX_P6  6  VAL A 60  ? ARG A 73  ? VAL A 161 ARG A 174 1 ? 14 
HELX_P HELX_P7  7  GLN A 81  ? TRP A 83  ? GLN A 182 TRP A 184 5 ? 3  
HELX_P HELX_P8  8  GLY A 88  ? ALA A 97  ? GLY A 189 ALA A 198 1 ? 10 
HELX_P HELX_P9  9  GLU A 100 ? VAL A 112 ? GLU A 201 VAL A 213 1 ? 13 
HELX_P HELX_P10 10 SER A 114 ? SER A 131 ? SER A 215 SER A 232 1 ? 18 
# 
_struct_conf_type.id          HELX_P 
_struct_conf_type.criteria    ? 
_struct_conf_type.reference   ? 
# 
loop_
_struct_conn.id 
_struct_conn.conn_type_id 
_struct_conn.pdbx_leaving_atom_flag 
_struct_conn.pdbx_PDB_id 
_struct_conn.ptnr1_label_asym_id 
_struct_conn.ptnr1_label_comp_id 
_struct_conn.ptnr1_label_seq_id 
_struct_conn.ptnr1_label_atom_id 
_struct_conn.pdbx_ptnr1_label_alt_id 
_struct_conn.pdbx_ptnr1_PDB_ins_code 
_struct_conn.pdbx_ptnr1_standard_comp_id 
_struct_conn.ptnr1_symmetry 
_struct_conn.ptnr2_label_asym_id 
_struct_conn.ptnr2_label_comp_id 
_struct_conn.ptnr2_label_seq_id 
_struct_conn.ptnr2_label_atom_id 
_struct_conn.pdbx_ptnr2_label_alt_id 
_struct_conn.pdbx_ptnr2_PDB_ins_code 
_struct_conn.ptnr1_auth_asym_id 
_struct_conn.ptnr1_auth_comp_id 
_struct_conn.ptnr1_auth_seq_id 
_struct_conn.ptnr2_auth_asym_id 
_struct_conn.ptnr2_auth_comp_id 
_struct_conn.ptnr2_auth_seq_id 
_struct_conn.ptnr2_symmetry 
_struct_conn.pdbx_ptnr3_label_atom_id 
_struct_conn.pdbx_ptnr3_label_seq_id 
_struct_conn.pdbx_ptnr3_label_comp_id 
_struct_conn.pdbx_ptnr3_label_asym_id 
_struct_conn.pdbx_ptnr3_label_alt_id 
_struct_conn.pdbx_ptnr3_PDB_ins_code 
_struct_conn.details 
_struct_conn.pdbx_dist_value 
_struct_conn.pdbx_value_order 
_struct_conn.pdbx_role 
covale1 covale both ? A GLN 2   C ? ? ? 1_555 A MSE 3   N ? ? A GLN 103 A MSE 104 1_555 ? ? ? ? ? ? ? 1.333 ? ? 
covale2 covale both ? A MSE 3   C ? ? ? 1_555 A VAL 4   N ? ? A MSE 104 A VAL 105 1_555 ? ? ? ? ? ? ? 1.333 ? ? 
covale3 covale both ? A PRO 10  C ? ? ? 1_555 A MSE 11  N ? ? A PRO 111 A MSE 112 1_555 ? ? ? ? ? ? ? 1.327 ? ? 
covale4 covale both ? A MSE 11  C ? ? ? 1_555 A THR 12  N ? ? A MSE 112 A THR 113 1_555 ? ? ? ? ? ? ? 1.322 ? ? 
covale5 covale both ? A VAL 112 C ? ? ? 1_555 A MSE 113 N ? ? A VAL 213 A MSE 214 1_555 ? ? ? ? ? ? ? 1.331 ? ? 
covale6 covale both ? A MSE 113 C ? ? ? 1_555 A SER 114 N ? ? A MSE 214 A SER 215 1_555 ? ? ? ? ? ? ? 1.329 ? ? 
# 
_struct_conn_type.id          covale 
_struct_conn_type.criteria    ? 
_struct_conn_type.reference   ? 
# 
loop_
_pdbx_modification_feature.ordinal 
_pdbx_modification_feature.label_comp_id 
_pdbx_modification_feature.label_asym_id 
_pdbx_modification_feature.label_seq_id 
_pdbx_modification_feature.label_alt_id 
_pdbx_modification_feature.modified_residue_label_comp_id 
_pdbx_modification_feature.modified_residue_label_asym_id 
_pdbx_modification_feature.modified_residue_label_seq_id 
_pdbx_modification_feature.modified_residue_label_alt_id 
_pdbx_modification_feature.auth_comp_id 
_pdbx_modification_feature.auth_asym_id 
_pdbx_modification_feature.auth_seq_id 
_pdbx_modification_feature.PDB_ins_code 
_pdbx_modification_feature.symmetry 
_pdbx_modification_feature.modified_residue_auth_comp_id 
_pdbx_modification_feature.modified_residue_auth_asym_id 
_pdbx_modification_feature.modified_residue_auth_seq_id 
_pdbx_modification_feature.modified_residue_PDB_ins_code 
_pdbx_modification_feature.modified_residue_symmetry 
_pdbx_modification_feature.comp_id_linking_atom 
_pdbx_modification_feature.modified_residue_id_linking_atom 
_pdbx_modification_feature.modified_residue_id 
_pdbx_modification_feature.ref_pcm_id 
_pdbx_modification_feature.ref_comp_id 
_pdbx_modification_feature.type 
_pdbx_modification_feature.category 
1 MSE A 3   ? . . . . MSE A 104 ? 1_555 . . . . . . . MET 1 MSE Selenomethionine 'Named protein modification' 
2 MSE A 11  ? . . . . MSE A 112 ? 1_555 . . . . . . . MET 1 MSE Selenomethionine 'Named protein modification' 
3 MSE A 113 ? . . . . MSE A 214 ? 1_555 . . . . . . . MET 1 MSE Selenomethionine 'Named protein modification' 
# 
_struct_sheet.id               AA 
_struct_sheet.type             ? 
_struct_sheet.number_strands   2 
_struct_sheet.details          ? 
# 
_struct_sheet_order.sheet_id     AA 
_struct_sheet_order.range_id_1   1 
_struct_sheet_order.range_id_2   2 
_struct_sheet_order.offset       ? 
_struct_sheet_order.sense        anti-parallel 
# 
loop_
_struct_sheet_range.sheet_id 
_struct_sheet_range.id 
_struct_sheet_range.beg_label_comp_id 
_struct_sheet_range.beg_label_asym_id 
_struct_sheet_range.beg_label_seq_id 
_struct_sheet_range.pdbx_beg_PDB_ins_code 
_struct_sheet_range.end_label_comp_id 
_struct_sheet_range.end_label_asym_id 
_struct_sheet_range.end_label_seq_id 
_struct_sheet_range.pdbx_end_PDB_ins_code 
_struct_sheet_range.beg_auth_comp_id 
_struct_sheet_range.beg_auth_asym_id 
_struct_sheet_range.beg_auth_seq_id 
_struct_sheet_range.end_auth_comp_id 
_struct_sheet_range.end_auth_asym_id 
_struct_sheet_range.end_auth_seq_id 
AA 1 SER A 74 ? ILE A 75 ? SER A 175 ILE A 176 
AA 2 ILE A 78 ? ALA A 79 ? ILE A 179 ALA A 180 
# 
_pdbx_struct_sheet_hbond.sheet_id                AA 
_pdbx_struct_sheet_hbond.range_id_1              1 
_pdbx_struct_sheet_hbond.range_id_2              2 
_pdbx_struct_sheet_hbond.range_1_label_atom_id   N 
_pdbx_struct_sheet_hbond.range_1_label_comp_id   ILE 
_pdbx_struct_sheet_hbond.range_1_label_asym_id   A 
_pdbx_struct_sheet_hbond.range_1_label_seq_id    75 
_pdbx_struct_sheet_hbond.range_1_PDB_ins_code    ? 
_pdbx_struct_sheet_hbond.range_1_auth_atom_id    N 
_pdbx_struct_sheet_hbond.range_1_auth_comp_id    ILE 
_pdbx_struct_sheet_hbond.range_1_auth_asym_id    A 
_pdbx_struct_sheet_hbond.range_1_auth_seq_id     176 
_pdbx_struct_sheet_hbond.range_2_label_atom_id   O 
_pdbx_struct_sheet_hbond.range_2_label_comp_id   ILE 
_pdbx_struct_sheet_hbond.range_2_label_asym_id   A 
_pdbx_struct_sheet_hbond.range_2_label_seq_id    78 
_pdbx_struct_sheet_hbond.range_2_PDB_ins_code    ? 
_pdbx_struct_sheet_hbond.range_2_auth_atom_id    O 
_pdbx_struct_sheet_hbond.range_2_auth_comp_id    ILE 
_pdbx_struct_sheet_hbond.range_2_auth_asym_id    A 
_pdbx_struct_sheet_hbond.range_2_auth_seq_id     179 
# 
_pdbx_entry_details.entry_id                   1HE9 
_pdbx_entry_details.compound_details           ? 
_pdbx_entry_details.source_details             ? 
_pdbx_entry_details.nonpolymer_details         ? 
_pdbx_entry_details.sequence_details           ? 
_pdbx_entry_details.has_ligand_of_interest     ? 
_pdbx_entry_details.has_protein_modification   Y 
# 
loop_
_pdbx_validate_rmsd_angle.id 
_pdbx_validate_rmsd_angle.PDB_model_num 
_pdbx_validate_rmsd_angle.auth_atom_id_1 
_pdbx_validate_rmsd_angle.auth_asym_id_1 
_pdbx_validate_rmsd_angle.auth_comp_id_1 
_pdbx_validate_rmsd_angle.auth_seq_id_1 
_pdbx_validate_rmsd_angle.PDB_ins_code_1 
_pdbx_validate_rmsd_angle.label_alt_id_1 
_pdbx_validate_rmsd_angle.auth_atom_id_2 
_pdbx_validate_rmsd_angle.auth_asym_id_2 
_pdbx_validate_rmsd_angle.auth_comp_id_2 
_pdbx_validate_rmsd_angle.auth_seq_id_2 
_pdbx_validate_rmsd_angle.PDB_ins_code_2 
_pdbx_validate_rmsd_angle.label_alt_id_2 
_pdbx_validate_rmsd_angle.auth_atom_id_3 
_pdbx_validate_rmsd_angle.auth_asym_id_3 
_pdbx_validate_rmsd_angle.auth_comp_id_3 
_pdbx_validate_rmsd_angle.auth_seq_id_3 
_pdbx_validate_rmsd_angle.PDB_ins_code_3 
_pdbx_validate_rmsd_angle.label_alt_id_3 
_pdbx_validate_rmsd_angle.angle_value 
_pdbx_validate_rmsd_angle.angle_target_value 
_pdbx_validate_rmsd_angle.angle_deviation 
_pdbx_validate_rmsd_angle.angle_standard_deviation 
_pdbx_validate_rmsd_angle.linker_flag 
1 1 CB A ASP 118 ? ? CG A ASP 118 ? ? OD2 A ASP 118 ? ? 111.95 118.30 -6.35 0.90 N 
2 1 NE A ARG 174 ? ? CZ A ARG 174 ? ? NH1 A ARG 174 ? ? 116.51 120.30 -3.79 0.50 N 
# 
loop_
_pdbx_validate_torsion.id 
_pdbx_validate_torsion.PDB_model_num 
_pdbx_validate_torsion.auth_comp_id 
_pdbx_validate_torsion.auth_asym_id 
_pdbx_validate_torsion.auth_seq_id 
_pdbx_validate_torsion.PDB_ins_code 
_pdbx_validate_torsion.label_alt_id 
_pdbx_validate_torsion.phi 
_pdbx_validate_torsion.psi 
1  1 LYS A 119 ? ? -66.91  0.33   
2  1 ARG A 133 ? ? -66.95  -71.16 
3  1 HIS A 135 ? ? -24.66  -60.77 
4  1 SER A 136 ? ? -52.87  -95.09 
5  1 ARG A 137 ? ? -17.09  -61.38 
6  1 LEU A 138 ? ? -70.23  48.18  
7  1 ALA A 139 ? ? -158.43 8.79   
8  1 TRP A 184 ? ? -57.53  -9.81  
9  1 PRO A 200 ? ? -37.40  -9.10  
10 1 ALA A 233 ? ? -53.96  -73.02 
# 
loop_
_pdbx_struct_mod_residue.id 
_pdbx_struct_mod_residue.label_asym_id 
_pdbx_struct_mod_residue.label_comp_id 
_pdbx_struct_mod_residue.label_seq_id 
_pdbx_struct_mod_residue.auth_asym_id 
_pdbx_struct_mod_residue.auth_comp_id 
_pdbx_struct_mod_residue.auth_seq_id 
_pdbx_struct_mod_residue.PDB_ins_code 
_pdbx_struct_mod_residue.parent_comp_id 
_pdbx_struct_mod_residue.details 
1 A MSE 3   A MSE 104 ? MET SELENOMETHIONINE 
2 A MSE 11  A MSE 112 ? MET SELENOMETHIONINE 
3 A MSE 113 A MSE 214 ? MET SELENOMETHIONINE 
# 
loop_
_chem_comp_atom.comp_id 
_chem_comp_atom.atom_id 
_chem_comp_atom.type_symbol 
_chem_comp_atom.pdbx_aromatic_flag 
_chem_comp_atom.pdbx_stereo_config 
_chem_comp_atom.pdbx_ordinal 
ALA N    N  N N 1   
ALA CA   C  N S 2   
ALA C    C  N N 3   
ALA O    O  N N 4   
ALA CB   C  N N 5   
ALA OXT  O  N N 6   
ALA H    H  N N 7   
ALA H2   H  N N 8   
ALA HA   H  N N 9   
ALA HB1  H  N N 10  
ALA HB2  H  N N 11  
ALA HB3  H  N N 12  
ALA HXT  H  N N 13  
ARG N    N  N N 14  
ARG CA   C  N S 15  
ARG C    C  N N 16  
ARG O    O  N N 17  
ARG CB   C  N N 18  
ARG CG   C  N N 19  
ARG CD   C  N N 20  
ARG NE   N  N N 21  
ARG CZ   C  N N 22  
ARG NH1  N  N N 23  
ARG NH2  N  N N 24  
ARG OXT  O  N N 25  
ARG H    H  N N 26  
ARG H2   H  N N 27  
ARG HA   H  N N 28  
ARG HB2  H  N N 29  
ARG HB3  H  N N 30  
ARG HG2  H  N N 31  
ARG HG3  H  N N 32  
ARG HD2  H  N N 33  
ARG HD3  H  N N 34  
ARG HE   H  N N 35  
ARG HH11 H  N N 36  
ARG HH12 H  N N 37  
ARG HH21 H  N N 38  
ARG HH22 H  N N 39  
ARG HXT  H  N N 40  
ASP N    N  N N 41  
ASP CA   C  N S 42  
ASP C    C  N N 43  
ASP O    O  N N 44  
ASP CB   C  N N 45  
ASP CG   C  N N 46  
ASP OD1  O  N N 47  
ASP OD2  O  N N 48  
ASP OXT  O  N N 49  
ASP H    H  N N 50  
ASP H2   H  N N 51  
ASP HA   H  N N 52  
ASP HB2  H  N N 53  
ASP HB3  H  N N 54  
ASP HD2  H  N N 55  
ASP HXT  H  N N 56  
GLN N    N  N N 57  
GLN CA   C  N S 58  
GLN C    C  N N 59  
GLN O    O  N N 60  
GLN CB   C  N N 61  
GLN CG   C  N N 62  
GLN CD   C  N N 63  
GLN OE1  O  N N 64  
GLN NE2  N  N N 65  
GLN OXT  O  N N 66  
GLN H    H  N N 67  
GLN H2   H  N N 68  
GLN HA   H  N N 69  
GLN HB2  H  N N 70  
GLN HB3  H  N N 71  
GLN HG2  H  N N 72  
GLN HG3  H  N N 73  
GLN HE21 H  N N 74  
GLN HE22 H  N N 75  
GLN HXT  H  N N 76  
GLU N    N  N N 77  
GLU CA   C  N S 78  
GLU C    C  N N 79  
GLU O    O  N N 80  
GLU CB   C  N N 81  
GLU CG   C  N N 82  
GLU CD   C  N N 83  
GLU OE1  O  N N 84  
GLU OE2  O  N N 85  
GLU OXT  O  N N 86  
GLU H    H  N N 87  
GLU H2   H  N N 88  
GLU HA   H  N N 89  
GLU HB2  H  N N 90  
GLU HB3  H  N N 91  
GLU HG2  H  N N 92  
GLU HG3  H  N N 93  
GLU HE2  H  N N 94  
GLU HXT  H  N N 95  
GLY N    N  N N 96  
GLY CA   C  N N 97  
GLY C    C  N N 98  
GLY O    O  N N 99  
GLY OXT  O  N N 100 
GLY H    H  N N 101 
GLY H2   H  N N 102 
GLY HA2  H  N N 103 
GLY HA3  H  N N 104 
GLY HXT  H  N N 105 
HIS N    N  N N 106 
HIS CA   C  N S 107 
HIS C    C  N N 108 
HIS O    O  N N 109 
HIS CB   C  N N 110 
HIS CG   C  Y N 111 
HIS ND1  N  Y N 112 
HIS CD2  C  Y N 113 
HIS CE1  C  Y N 114 
HIS NE2  N  Y N 115 
HIS OXT  O  N N 116 
HIS H    H  N N 117 
HIS H2   H  N N 118 
HIS HA   H  N N 119 
HIS HB2  H  N N 120 
HIS HB3  H  N N 121 
HIS HD1  H  N N 122 
HIS HD2  H  N N 123 
HIS HE1  H  N N 124 
HIS HE2  H  N N 125 
HIS HXT  H  N N 126 
HOH O    O  N N 127 
HOH H1   H  N N 128 
HOH H2   H  N N 129 
ILE N    N  N N 130 
ILE CA   C  N S 131 
ILE C    C  N N 132 
ILE O    O  N N 133 
ILE CB   C  N S 134 
ILE CG1  C  N N 135 
ILE CG2  C  N N 136 
ILE CD1  C  N N 137 
ILE OXT  O  N N 138 
ILE H    H  N N 139 
ILE H2   H  N N 140 
ILE HA   H  N N 141 
ILE HB   H  N N 142 
ILE HG12 H  N N 143 
ILE HG13 H  N N 144 
ILE HG21 H  N N 145 
ILE HG22 H  N N 146 
ILE HG23 H  N N 147 
ILE HD11 H  N N 148 
ILE HD12 H  N N 149 
ILE HD13 H  N N 150 
ILE HXT  H  N N 151 
LEU N    N  N N 152 
LEU CA   C  N S 153 
LEU C    C  N N 154 
LEU O    O  N N 155 
LEU CB   C  N N 156 
LEU CG   C  N N 157 
LEU CD1  C  N N 158 
LEU CD2  C  N N 159 
LEU OXT  O  N N 160 
LEU H    H  N N 161 
LEU H2   H  N N 162 
LEU HA   H  N N 163 
LEU HB2  H  N N 164 
LEU HB3  H  N N 165 
LEU HG   H  N N 166 
LEU HD11 H  N N 167 
LEU HD12 H  N N 168 
LEU HD13 H  N N 169 
LEU HD21 H  N N 170 
LEU HD22 H  N N 171 
LEU HD23 H  N N 172 
LEU HXT  H  N N 173 
LYS N    N  N N 174 
LYS CA   C  N S 175 
LYS C    C  N N 176 
LYS O    O  N N 177 
LYS CB   C  N N 178 
LYS CG   C  N N 179 
LYS CD   C  N N 180 
LYS CE   C  N N 181 
LYS NZ   N  N N 182 
LYS OXT  O  N N 183 
LYS H    H  N N 184 
LYS H2   H  N N 185 
LYS HA   H  N N 186 
LYS HB2  H  N N 187 
LYS HB3  H  N N 188 
LYS HG2  H  N N 189 
LYS HG3  H  N N 190 
LYS HD2  H  N N 191 
LYS HD3  H  N N 192 
LYS HE2  H  N N 193 
LYS HE3  H  N N 194 
LYS HZ1  H  N N 195 
LYS HZ2  H  N N 196 
LYS HZ3  H  N N 197 
LYS HXT  H  N N 198 
MET N    N  N N 199 
MET CA   C  N S 200 
MET C    C  N N 201 
MET O    O  N N 202 
MET CB   C  N N 203 
MET CG   C  N N 204 
MET SD   S  N N 205 
MET CE   C  N N 206 
MET OXT  O  N N 207 
MET H    H  N N 208 
MET H2   H  N N 209 
MET HA   H  N N 210 
MET HB2  H  N N 211 
MET HB3  H  N N 212 
MET HG2  H  N N 213 
MET HG3  H  N N 214 
MET HE1  H  N N 215 
MET HE2  H  N N 216 
MET HE3  H  N N 217 
MET HXT  H  N N 218 
MSE N    N  N N 219 
MSE CA   C  N S 220 
MSE C    C  N N 221 
MSE O    O  N N 222 
MSE OXT  O  N N 223 
MSE CB   C  N N 224 
MSE CG   C  N N 225 
MSE SE   SE N N 226 
MSE CE   C  N N 227 
MSE H    H  N N 228 
MSE H2   H  N N 229 
MSE HA   H  N N 230 
MSE HXT  H  N N 231 
MSE HB2  H  N N 232 
MSE HB3  H  N N 233 
MSE HG2  H  N N 234 
MSE HG3  H  N N 235 
MSE HE1  H  N N 236 
MSE HE2  H  N N 237 
MSE HE3  H  N N 238 
PRO N    N  N N 239 
PRO CA   C  N S 240 
PRO C    C  N N 241 
PRO O    O  N N 242 
PRO CB   C  N N 243 
PRO CG   C  N N 244 
PRO CD   C  N N 245 
PRO OXT  O  N N 246 
PRO H    H  N N 247 
PRO HA   H  N N 248 
PRO HB2  H  N N 249 
PRO HB3  H  N N 250 
PRO HG2  H  N N 251 
PRO HG3  H  N N 252 
PRO HD2  H  N N 253 
PRO HD3  H  N N 254 
PRO HXT  H  N N 255 
SER N    N  N N 256 
SER CA   C  N S 257 
SER C    C  N N 258 
SER O    O  N N 259 
SER CB   C  N N 260 
SER OG   O  N N 261 
SER OXT  O  N N 262 
SER H    H  N N 263 
SER H2   H  N N 264 
SER HA   H  N N 265 
SER HB2  H  N N 266 
SER HB3  H  N N 267 
SER HG   H  N N 268 
SER HXT  H  N N 269 
THR N    N  N N 270 
THR CA   C  N S 271 
THR C    C  N N 272 
THR O    O  N N 273 
THR CB   C  N R 274 
THR OG1  O  N N 275 
THR CG2  C  N N 276 
THR OXT  O  N N 277 
THR H    H  N N 278 
THR H2   H  N N 279 
THR HA   H  N N 280 
THR HB   H  N N 281 
THR HG1  H  N N 282 
THR HG21 H  N N 283 
THR HG22 H  N N 284 
THR HG23 H  N N 285 
THR HXT  H  N N 286 
TRP N    N  N N 287 
TRP CA   C  N S 288 
TRP C    C  N N 289 
TRP O    O  N N 290 
TRP CB   C  N N 291 
TRP CG   C  Y N 292 
TRP CD1  C  Y N 293 
TRP CD2  C  Y N 294 
TRP NE1  N  Y N 295 
TRP CE2  C  Y N 296 
TRP CE3  C  Y N 297 
TRP CZ2  C  Y N 298 
TRP CZ3  C  Y N 299 
TRP CH2  C  Y N 300 
TRP OXT  O  N N 301 
TRP H    H  N N 302 
TRP H2   H  N N 303 
TRP HA   H  N N 304 
TRP HB2  H  N N 305 
TRP HB3  H  N N 306 
TRP HD1  H  N N 307 
TRP HE1  H  N N 308 
TRP HE3  H  N N 309 
TRP HZ2  H  N N 310 
TRP HZ3  H  N N 311 
TRP HH2  H  N N 312 
TRP HXT  H  N N 313 
TYR N    N  N N 314 
TYR CA   C  N S 315 
TYR C    C  N N 316 
TYR O    O  N N 317 
TYR CB   C  N N 318 
TYR CG   C  Y N 319 
TYR CD1  C  Y N 320 
TYR CD2  C  Y N 321 
TYR CE1  C  Y N 322 
TYR CE2  C  Y N 323 
TYR CZ   C  Y N 324 
TYR OH   O  N N 325 
TYR OXT  O  N N 326 
TYR H    H  N N 327 
TYR H2   H  N N 328 
TYR HA   H  N N 329 
TYR HB2  H  N N 330 
TYR HB3  H  N N 331 
TYR HD1  H  N N 332 
TYR HD2  H  N N 333 
TYR HE1  H  N N 334 
TYR HE2  H  N N 335 
TYR HH   H  N N 336 
TYR HXT  H  N N 337 
VAL N    N  N N 338 
VAL CA   C  N S 339 
VAL C    C  N N 340 
VAL O    O  N N 341 
VAL CB   C  N N 342 
VAL CG1  C  N N 343 
VAL CG2  C  N N 344 
VAL OXT  O  N N 345 
VAL H    H  N N 346 
VAL H2   H  N N 347 
VAL HA   H  N N 348 
VAL HB   H  N N 349 
VAL HG11 H  N N 350 
VAL HG12 H  N N 351 
VAL HG13 H  N N 352 
VAL HG21 H  N N 353 
VAL HG22 H  N N 354 
VAL HG23 H  N N 355 
VAL HXT  H  N N 356 
# 
loop_
_chem_comp_bond.comp_id 
_chem_comp_bond.atom_id_1 
_chem_comp_bond.atom_id_2 
_chem_comp_bond.value_order 
_chem_comp_bond.pdbx_aromatic_flag 
_chem_comp_bond.pdbx_stereo_config 
_chem_comp_bond.pdbx_ordinal 
ALA N   CA   sing N N 1   
ALA N   H    sing N N 2   
ALA N   H2   sing N N 3   
ALA CA  C    sing N N 4   
ALA CA  CB   sing N N 5   
ALA CA  HA   sing N N 6   
ALA C   O    doub N N 7   
ALA C   OXT  sing N N 8   
ALA CB  HB1  sing N N 9   
ALA CB  HB2  sing N N 10  
ALA CB  HB3  sing N N 11  
ALA OXT HXT  sing N N 12  
ARG N   CA   sing N N 13  
ARG N   H    sing N N 14  
ARG N   H2   sing N N 15  
ARG CA  C    sing N N 16  
ARG CA  CB   sing N N 17  
ARG CA  HA   sing N N 18  
ARG C   O    doub N N 19  
ARG C   OXT  sing N N 20  
ARG CB  CG   sing N N 21  
ARG CB  HB2  sing N N 22  
ARG CB  HB3  sing N N 23  
ARG CG  CD   sing N N 24  
ARG CG  HG2  sing N N 25  
ARG CG  HG3  sing N N 26  
ARG CD  NE   sing N N 27  
ARG CD  HD2  sing N N 28  
ARG CD  HD3  sing N N 29  
ARG NE  CZ   sing N N 30  
ARG NE  HE   sing N N 31  
ARG CZ  NH1  sing N N 32  
ARG CZ  NH2  doub N N 33  
ARG NH1 HH11 sing N N 34  
ARG NH1 HH12 sing N N 35  
ARG NH2 HH21 sing N N 36  
ARG NH2 HH22 sing N N 37  
ARG OXT HXT  sing N N 38  
ASP N   CA   sing N N 39  
ASP N   H    sing N N 40  
ASP N   H2   sing N N 41  
ASP CA  C    sing N N 42  
ASP CA  CB   sing N N 43  
ASP CA  HA   sing N N 44  
ASP C   O    doub N N 45  
ASP C   OXT  sing N N 46  
ASP CB  CG   sing N N 47  
ASP CB  HB2  sing N N 48  
ASP CB  HB3  sing N N 49  
ASP CG  OD1  doub N N 50  
ASP CG  OD2  sing N N 51  
ASP OD2 HD2  sing N N 52  
ASP OXT HXT  sing N N 53  
GLN N   CA   sing N N 54  
GLN N   H    sing N N 55  
GLN N   H2   sing N N 56  
GLN CA  C    sing N N 57  
GLN CA  CB   sing N N 58  
GLN CA  HA   sing N N 59  
GLN C   O    doub N N 60  
GLN C   OXT  sing N N 61  
GLN CB  CG   sing N N 62  
GLN CB  HB2  sing N N 63  
GLN CB  HB3  sing N N 64  
GLN CG  CD   sing N N 65  
GLN CG  HG2  sing N N 66  
GLN CG  HG3  sing N N 67  
GLN CD  OE1  doub N N 68  
GLN CD  NE2  sing N N 69  
GLN NE2 HE21 sing N N 70  
GLN NE2 HE22 sing N N 71  
GLN OXT HXT  sing N N 72  
GLU N   CA   sing N N 73  
GLU N   H    sing N N 74  
GLU N   H2   sing N N 75  
GLU CA  C    sing N N 76  
GLU CA  CB   sing N N 77  
GLU CA  HA   sing N N 78  
GLU C   O    doub N N 79  
GLU C   OXT  sing N N 80  
GLU CB  CG   sing N N 81  
GLU CB  HB2  sing N N 82  
GLU CB  HB3  sing N N 83  
GLU CG  CD   sing N N 84  
GLU CG  HG2  sing N N 85  
GLU CG  HG3  sing N N 86  
GLU CD  OE1  doub N N 87  
GLU CD  OE2  sing N N 88  
GLU OE2 HE2  sing N N 89  
GLU OXT HXT  sing N N 90  
GLY N   CA   sing N N 91  
GLY N   H    sing N N 92  
GLY N   H2   sing N N 93  
GLY CA  C    sing N N 94  
GLY CA  HA2  sing N N 95  
GLY CA  HA3  sing N N 96  
GLY C   O    doub N N 97  
GLY C   OXT  sing N N 98  
GLY OXT HXT  sing N N 99  
HIS N   CA   sing N N 100 
HIS N   H    sing N N 101 
HIS N   H2   sing N N 102 
HIS CA  C    sing N N 103 
HIS CA  CB   sing N N 104 
HIS CA  HA   sing N N 105 
HIS C   O    doub N N 106 
HIS C   OXT  sing N N 107 
HIS CB  CG   sing N N 108 
HIS CB  HB2  sing N N 109 
HIS CB  HB3  sing N N 110 
HIS CG  ND1  sing Y N 111 
HIS CG  CD2  doub Y N 112 
HIS ND1 CE1  doub Y N 113 
HIS ND1 HD1  sing N N 114 
HIS CD2 NE2  sing Y N 115 
HIS CD2 HD2  sing N N 116 
HIS CE1 NE2  sing Y N 117 
HIS CE1 HE1  sing N N 118 
HIS NE2 HE2  sing N N 119 
HIS OXT HXT  sing N N 120 
HOH O   H1   sing N N 121 
HOH O   H2   sing N N 122 
ILE N   CA   sing N N 123 
ILE N   H    sing N N 124 
ILE N   H2   sing N N 125 
ILE CA  C    sing N N 126 
ILE CA  CB   sing N N 127 
ILE CA  HA   sing N N 128 
ILE C   O    doub N N 129 
ILE C   OXT  sing N N 130 
ILE CB  CG1  sing N N 131 
ILE CB  CG2  sing N N 132 
ILE CB  HB   sing N N 133 
ILE CG1 CD1  sing N N 134 
ILE CG1 HG12 sing N N 135 
ILE CG1 HG13 sing N N 136 
ILE CG2 HG21 sing N N 137 
ILE CG2 HG22 sing N N 138 
ILE CG2 HG23 sing N N 139 
ILE CD1 HD11 sing N N 140 
ILE CD1 HD12 sing N N 141 
ILE CD1 HD13 sing N N 142 
ILE OXT HXT  sing N N 143 
LEU N   CA   sing N N 144 
LEU N   H    sing N N 145 
LEU N   H2   sing N N 146 
LEU CA  C    sing N N 147 
LEU CA  CB   sing N N 148 
LEU CA  HA   sing N N 149 
LEU C   O    doub N N 150 
LEU C   OXT  sing N N 151 
LEU CB  CG   sing N N 152 
LEU CB  HB2  sing N N 153 
LEU CB  HB3  sing N N 154 
LEU CG  CD1  sing N N 155 
LEU CG  CD2  sing N N 156 
LEU CG  HG   sing N N 157 
LEU CD1 HD11 sing N N 158 
LEU CD1 HD12 sing N N 159 
LEU CD1 HD13 sing N N 160 
LEU CD2 HD21 sing N N 161 
LEU CD2 HD22 sing N N 162 
LEU CD2 HD23 sing N N 163 
LEU OXT HXT  sing N N 164 
LYS N   CA   sing N N 165 
LYS N   H    sing N N 166 
LYS N   H2   sing N N 167 
LYS CA  C    sing N N 168 
LYS CA  CB   sing N N 169 
LYS CA  HA   sing N N 170 
LYS C   O    doub N N 171 
LYS C   OXT  sing N N 172 
LYS CB  CG   sing N N 173 
LYS CB  HB2  sing N N 174 
LYS CB  HB3  sing N N 175 
LYS CG  CD   sing N N 176 
LYS CG  HG2  sing N N 177 
LYS CG  HG3  sing N N 178 
LYS CD  CE   sing N N 179 
LYS CD  HD2  sing N N 180 
LYS CD  HD3  sing N N 181 
LYS CE  NZ   sing N N 182 
LYS CE  HE2  sing N N 183 
LYS CE  HE3  sing N N 184 
LYS NZ  HZ1  sing N N 185 
LYS NZ  HZ2  sing N N 186 
LYS NZ  HZ3  sing N N 187 
LYS OXT HXT  sing N N 188 
MET N   CA   sing N N 189 
MET N   H    sing N N 190 
MET N   H2   sing N N 191 
MET CA  C    sing N N 192 
MET CA  CB   sing N N 193 
MET CA  HA   sing N N 194 
MET C   O    doub N N 195 
MET C   OXT  sing N N 196 
MET CB  CG   sing N N 197 
MET CB  HB2  sing N N 198 
MET CB  HB3  sing N N 199 
MET CG  SD   sing N N 200 
MET CG  HG2  sing N N 201 
MET CG  HG3  sing N N 202 
MET SD  CE   sing N N 203 
MET CE  HE1  sing N N 204 
MET CE  HE2  sing N N 205 
MET CE  HE3  sing N N 206 
MET OXT HXT  sing N N 207 
MSE N   CA   sing N N 208 
MSE N   H    sing N N 209 
MSE N   H2   sing N N 210 
MSE CA  C    sing N N 211 
MSE CA  CB   sing N N 212 
MSE CA  HA   sing N N 213 
MSE C   O    doub N N 214 
MSE C   OXT  sing N N 215 
MSE OXT HXT  sing N N 216 
MSE CB  CG   sing N N 217 
MSE CB  HB2  sing N N 218 
MSE CB  HB3  sing N N 219 
MSE CG  SE   sing N N 220 
MSE CG  HG2  sing N N 221 
MSE CG  HG3  sing N N 222 
MSE SE  CE   sing N N 223 
MSE CE  HE1  sing N N 224 
MSE CE  HE2  sing N N 225 
MSE CE  HE3  sing N N 226 
PRO N   CA   sing N N 227 
PRO N   CD   sing N N 228 
PRO N   H    sing N N 229 
PRO CA  C    sing N N 230 
PRO CA  CB   sing N N 231 
PRO CA  HA   sing N N 232 
PRO C   O    doub N N 233 
PRO C   OXT  sing N N 234 
PRO CB  CG   sing N N 235 
PRO CB  HB2  sing N N 236 
PRO CB  HB3  sing N N 237 
PRO CG  CD   sing N N 238 
PRO CG  HG2  sing N N 239 
PRO CG  HG3  sing N N 240 
PRO CD  HD2  sing N N 241 
PRO CD  HD3  sing N N 242 
PRO OXT HXT  sing N N 243 
SER N   CA   sing N N 244 
SER N   H    sing N N 245 
SER N   H2   sing N N 246 
SER CA  C    sing N N 247 
SER CA  CB   sing N N 248 
SER CA  HA   sing N N 249 
SER C   O    doub N N 250 
SER C   OXT  sing N N 251 
SER CB  OG   sing N N 252 
SER CB  HB2  sing N N 253 
SER CB  HB3  sing N N 254 
SER OG  HG   sing N N 255 
SER OXT HXT  sing N N 256 
THR N   CA   sing N N 257 
THR N   H    sing N N 258 
THR N   H2   sing N N 259 
THR CA  C    sing N N 260 
THR CA  CB   sing N N 261 
THR CA  HA   sing N N 262 
THR C   O    doub N N 263 
THR C   OXT  sing N N 264 
THR CB  OG1  sing N N 265 
THR CB  CG2  sing N N 266 
THR CB  HB   sing N N 267 
THR OG1 HG1  sing N N 268 
THR CG2 HG21 sing N N 269 
THR CG2 HG22 sing N N 270 
THR CG2 HG23 sing N N 271 
THR OXT HXT  sing N N 272 
TRP N   CA   sing N N 273 
TRP N   H    sing N N 274 
TRP N   H2   sing N N 275 
TRP CA  C    sing N N 276 
TRP CA  CB   sing N N 277 
TRP CA  HA   sing N N 278 
TRP C   O    doub N N 279 
TRP C   OXT  sing N N 280 
TRP CB  CG   sing N N 281 
TRP CB  HB2  sing N N 282 
TRP CB  HB3  sing N N 283 
TRP CG  CD1  doub Y N 284 
TRP CG  CD2  sing Y N 285 
TRP CD1 NE1  sing Y N 286 
TRP CD1 HD1  sing N N 287 
TRP CD2 CE2  doub Y N 288 
TRP CD2 CE3  sing Y N 289 
TRP NE1 CE2  sing Y N 290 
TRP NE1 HE1  sing N N 291 
TRP CE2 CZ2  sing Y N 292 
TRP CE3 CZ3  doub Y N 293 
TRP CE3 HE3  sing N N 294 
TRP CZ2 CH2  doub Y N 295 
TRP CZ2 HZ2  sing N N 296 
TRP CZ3 CH2  sing Y N 297 
TRP CZ3 HZ3  sing N N 298 
TRP CH2 HH2  sing N N 299 
TRP OXT HXT  sing N N 300 
TYR N   CA   sing N N 301 
TYR N   H    sing N N 302 
TYR N   H2   sing N N 303 
TYR CA  C    sing N N 304 
TYR CA  CB   sing N N 305 
TYR CA  HA   sing N N 306 
TYR C   O    doub N N 307 
TYR C   OXT  sing N N 308 
TYR CB  CG   sing N N 309 
TYR CB  HB2  sing N N 310 
TYR CB  HB3  sing N N 311 
TYR CG  CD1  doub Y N 312 
TYR CG  CD2  sing Y N 313 
TYR CD1 CE1  sing Y N 314 
TYR CD1 HD1  sing N N 315 
TYR CD2 CE2  doub Y N 316 
TYR CD2 HD2  sing N N 317 
TYR CE1 CZ   doub Y N 318 
TYR CE1 HE1  sing N N 319 
TYR CE2 CZ   sing Y N 320 
TYR CE2 HE2  sing N N 321 
TYR CZ  OH   sing N N 322 
TYR OH  HH   sing N N 323 
TYR OXT HXT  sing N N 324 
VAL N   CA   sing N N 325 
VAL N   H    sing N N 326 
VAL N   H2   sing N N 327 
VAL CA  C    sing N N 328 
VAL CA  CB   sing N N 329 
VAL CA  HA   sing N N 330 
VAL C   O    doub N N 331 
VAL C   OXT  sing N N 332 
VAL CB  CG1  sing N N 333 
VAL CB  CG2  sing N N 334 
VAL CB  HB   sing N N 335 
VAL CG1 HG11 sing N N 336 
VAL CG1 HG12 sing N N 337 
VAL CG1 HG13 sing N N 338 
VAL CG2 HG21 sing N N 339 
VAL CG2 HG22 sing N N 340 
VAL CG2 HG23 sing N N 341 
VAL OXT HXT  sing N N 342 
# 
_atom_sites.entry_id                    1HE9 
_atom_sites.fract_transf_matrix[1][1]   0.00539363 
_atom_sites.fract_transf_matrix[1][2]   -0.02244858 
_atom_sites.fract_transf_matrix[1][3]   -0.00322790 
_atom_sites.fract_transf_matrix[2][1]   -0.00731234 
_atom_sites.fract_transf_matrix[2][2]   0.00060198 
_atom_sites.fract_transf_matrix[2][3]   -0.01640500 
_atom_sites.fract_transf_matrix[3][1]   0.00822272 
_atom_sites.fract_transf_matrix[3][2]   0.00248952 
_atom_sites.fract_transf_matrix[3][3]   -0.00357383 
_atom_sites.fract_transf_vector[1]      0.260054 
_atom_sites.fract_transf_vector[2]      0.327194 
_atom_sites.fract_transf_vector[3]      0.616235 
# 
loop_
_atom_type.symbol 
C  
N  
O  
SE 
# 
loop_
_atom_site.group_PDB 
_atom_site.id 
_atom_site.type_symbol 
_atom_site.label_atom_id 
_atom_site.label_alt_id 
_atom_site.label_comp_id 
_atom_site.label_asym_id 
_atom_site.label_entity_id 
_atom_site.label_seq_id 
_atom_site.pdbx_PDB_ins_code 
_atom_site.Cartn_x 
_atom_site.Cartn_y 
_atom_site.Cartn_z 
_atom_site.occupancy 
_atom_site.B_iso_or_equiv 
_atom_site.pdbx_formal_charge 
_atom_site.auth_seq_id 
_atom_site.auth_comp_id 
_atom_site.auth_asym_id 
_atom_site.auth_atom_id 
_atom_site.pdbx_PDB_model_num 
ATOM   1    N  N   . LYS A 1 1   ? -23.685 3.651   -0.944  1.00 87.91  ? 102  LYS A N   1 
ATOM   2    C  CA  . LYS A 1 1   ? -22.425 3.159   -1.606  1.00 88.50  ? 102  LYS A CA  1 
ATOM   3    C  C   . LYS A 1 1   ? -21.482 2.689   -0.520  1.00 88.01  ? 102  LYS A C   1 
ATOM   4    O  O   . LYS A 1 1   ? -20.329 2.318   -0.789  1.00 88.46  ? 102  LYS A O   1 
ATOM   5    C  CB  . LYS A 1 1   ? -21.700 4.269   -2.410  1.00 88.82  ? 102  LYS A CB  1 
ATOM   6    C  CG  . LYS A 1 1   ? -20.179 3.988   -2.665  1.00 87.42  ? 102  LYS A CG  1 
ATOM   7    C  CD  . LYS A 1 1   ? -19.405 5.180   -3.213  1.00 87.70  ? 102  LYS A CD  1 
ATOM   8    C  CE  . LYS A 1 1   ? -19.716 5.399   -4.681  1.00 86.60  ? 102  LYS A CE  1 
ATOM   9    N  NZ  . LYS A 1 1   ? -18.822 6.399   -5.313  1.00 87.25  ? 102  LYS A NZ  1 
ATOM   10   N  N   . GLN A 1 2   ? -21.966 2.733   0.715   1.00 86.99  ? 103  GLN A N   1 
ATOM   11   C  CA  . GLN A 1 2   ? -21.171 2.307   1.862   1.00 84.68  ? 103  GLN A CA  1 
ATOM   12   C  C   . GLN A 1 2   ? -20.952 0.810   1.834   1.00 81.80  ? 103  GLN A C   1 
ATOM   13   O  O   . GLN A 1 2   ? -19.816 0.315   1.783   1.00 81.60  ? 103  GLN A O   1 
ATOM   14   C  CB  . GLN A 1 2   ? -21.902 2.619   3.147   1.00 87.49  ? 103  GLN A CB  1 
ATOM   15   C  CG  . GLN A 1 2   ? -20.996 2.494   4.337   1.00 90.28  ? 103  GLN A CG  1 
ATOM   16   C  CD  . GLN A 1 2   ? -19.903 3.575   4.347   1.00 91.29  ? 103  GLN A CD  1 
ATOM   17   O  OE1 . GLN A 1 2   ? -19.079 3.691   3.413   1.00 91.44  ? 103  GLN A OE1 1 
ATOM   18   N  NE2 . GLN A 1 2   ? -19.897 4.378   5.412   1.00 91.57  ? 103  GLN A NE2 1 
HETATM 19   N  N   . MSE A 1 3   ? -22.091 0.121   1.904   1.00 78.33  ? 104  MSE A N   1 
HETATM 20   C  CA  . MSE A 1 3   ? -22.192 -1.330  1.889   1.00 73.63  ? 104  MSE A CA  1 
HETATM 21   C  C   . MSE A 1 3   ? -21.467 -1.914  0.688   1.00 66.93  ? 104  MSE A C   1 
HETATM 22   O  O   . MSE A 1 3   ? -21.103 -3.061  0.732   1.00 64.05  ? 104  MSE A O   1 
HETATM 23   C  CB  . MSE A 1 3   ? -23.668 -1.789  1.821   1.00 77.56  ? 104  MSE A CB  1 
HETATM 24   C  CG  . MSE A 1 3   ? -24.725 -0.830  2.390   1.00 79.27  ? 104  MSE A CG  1 
HETATM 25   SE SE  . MSE A 1 3   ? -25.146 0.614   1.343   1.00 81.68  ? 104  MSE A SE  1 
HETATM 26   C  CE  . MSE A 1 3   ? -26.682 0.053   0.501   1.00 78.93  ? 104  MSE A CE  1 
ATOM   27   N  N   . VAL A 1 4   ? -21.249 -1.144  -0.378  1.00 61.32  ? 105  VAL A N   1 
ATOM   28   C  CA  . VAL A 1 4   ? -20.589 -1.725  -1.546  1.00 58.11  ? 105  VAL A CA  1 
ATOM   29   C  C   . VAL A 1 4   ? -19.124 -1.748  -1.310  1.00 54.72  ? 105  VAL A C   1 
ATOM   30   O  O   . VAL A 1 4   ? -18.472 -2.723  -1.655  1.00 53.06  ? 105  VAL A O   1 
ATOM   31   C  CB  . VAL A 1 4   ? -20.981 -1.026  -2.922  1.00 57.39  ? 105  VAL A CB  1 
ATOM   32   C  CG1 . VAL A 1 4   ? -22.153 -0.119  -2.704  1.00 59.57  ? 105  VAL A CG1 1 
ATOM   33   C  CG2 . VAL A 1 4   ? -19.814 -0.346  -3.588  1.00 55.88  ? 105  VAL A CG2 1 
ATOM   34   N  N   . LEU A 1 5   ? -18.612 -0.683  -0.701  1.00 53.67  ? 106  LEU A N   1 
ATOM   35   C  CA  . LEU A 1 5   ? -17.200 -0.617  -0.329  1.00 51.10  ? 106  LEU A CA  1 
ATOM   36   C  C   . LEU A 1 5   ? -16.939 -1.815  0.646   1.00 48.24  ? 106  LEU A C   1 
ATOM   37   O  O   . LEU A 1 5   ? -15.947 -2.499  0.525   1.00 45.77  ? 106  LEU A O   1 
ATOM   38   C  CB  . LEU A 1 5   ? -16.912 0.739   0.344   1.00 52.45  ? 106  LEU A CB  1 
ATOM   39   C  CG  . LEU A 1 5   ? -16.562 2.064   -0.379  1.00 53.83  ? 106  LEU A CG  1 
ATOM   40   C  CD1 . LEU A 1 5   ? -15.960 1.861   -1.773  1.00 49.96  ? 106  LEU A CD1 1 
ATOM   41   C  CD2 . LEU A 1 5   ? -17.788 2.952   -0.365  1.00 53.33  ? 106  LEU A CD2 1 
ATOM   42   N  N   . GLN A 1 6   ? -17.847 -2.073  1.580   1.00 46.75  ? 107  GLN A N   1 
ATOM   43   C  CA  . GLN A 1 6   ? -17.728 -3.192  2.496   1.00 48.86  ? 107  GLN A CA  1 
ATOM   44   C  C   . GLN A 1 6   ? -17.712 -4.543  1.821   1.00 51.19  ? 107  GLN A C   1 
ATOM   45   O  O   . GLN A 1 6   ? -16.933 -5.427  2.218   1.00 53.39  ? 107  GLN A O   1 
ATOM   46   C  CB  . GLN A 1 6   ? -18.858 -3.129  3.523   1.00 49.73  ? 107  GLN A CB  1 
ATOM   47   C  CG  . GLN A 1 6   ? -18.627 -1.996  4.518   1.00 53.05  ? 107  GLN A CG  1 
ATOM   48   C  CD  . GLN A 1 6   ? -19.790 -1.679  5.427   1.00 54.03  ? 107  GLN A CD  1 
ATOM   49   O  OE1 . GLN A 1 6   ? -19.804 -0.616  6.045   1.00 54.92  ? 107  GLN A OE1 1 
ATOM   50   N  NE2 . GLN A 1 6   ? -20.733 -2.609  5.559   1.00 56.04  ? 107  GLN A NE2 1 
ATOM   51   N  N   . GLN A 1 7   ? -18.582 -4.719  0.812   1.00 52.89  ? 108  GLN A N   1 
ATOM   52   C  CA  . GLN A 1 7   ? -18.640 -6.009  0.166   1.00 53.15  ? 108  GLN A CA  1 
ATOM   53   C  C   . GLN A 1 7   ? -17.366 -6.292  -0.609  1.00 50.09  ? 108  GLN A C   1 
ATOM   54   O  O   . GLN A 1 7   ? -16.981 -7.468  -0.808  1.00 49.83  ? 108  GLN A O   1 
ATOM   55   C  CB  . GLN A 1 7   ? -19.999 -6.199  -0.563  1.00 58.54  ? 108  GLN A CB  1 
ATOM   56   C  CG  . GLN A 1 7   ? -20.790 -7.376  0.039   1.00 65.03  ? 108  GLN A CG  1 
ATOM   57   C  CD  . GLN A 1 7   ? -21.640 -6.989  1.254   1.00 69.35  ? 108  GLN A CD  1 
ATOM   58   O  OE1 . GLN A 1 7   ? -21.901 -7.818  2.120   1.00 69.61  ? 108  GLN A OE1 1 
ATOM   59   N  NE2 . GLN A 1 7   ? -22.053 -5.734  1.308   1.00 71.86  ? 108  GLN A NE2 1 
ATOM   60   N  N   . ALA A 1 8   ? -16.631 -5.253  -0.945  1.00 47.16  ? 109  ALA A N   1 
ATOM   61   C  CA  . ALA A 1 8   ? -15.353 -5.519  -1.598  1.00 44.12  ? 109  ALA A CA  1 
ATOM   62   C  C   . ALA A 1 8   ? -14.129 -5.767  -0.621  1.00 41.44  ? 109  ALA A C   1 
ATOM   63   O  O   . ALA A 1 8   ? -13.048 -6.088  -1.056  1.00 40.12  ? 109  ALA A O   1 
ATOM   64   C  CB  . ALA A 1 8   ? -15.029 -4.422  -2.608  1.00 43.73  ? 109  ALA A CB  1 
ATOM   65   N  N   . LEU A 1 9   ? -14.278 -5.677  0.678   1.00 40.60  ? 110  LEU A N   1 
ATOM   66   C  CA  . LEU A 1 9   ? -13.060 -5.898  1.516   1.00 39.23  ? 110  LEU A CA  1 
ATOM   67   C  C   . LEU A 1 9   ? -12.223 -7.064  1.015   1.00 40.59  ? 110  LEU A C   1 
ATOM   68   O  O   . LEU A 1 9   ? -11.036 -6.921  0.869   1.00 44.97  ? 110  LEU A O   1 
ATOM   69   C  CB  . LEU A 1 9   ? -13.443 -6.184  2.930   1.00 36.07  ? 110  LEU A CB  1 
ATOM   70   C  CG  . LEU A 1 9   ? -12.982 -5.321  4.081   1.00 36.21  ? 110  LEU A CG  1 
ATOM   71   C  CD1 . LEU A 1 9   ? -12.911 -6.261  5.286   1.00 35.04  ? 110  LEU A CD1 1 
ATOM   72   C  CD2 . LEU A 1 9   ? -11.665 -4.630  3.819   1.00 32.02  ? 110  LEU A CD2 1 
ATOM   73   N  N   . PRO A 1 10  ? -12.842 -8.214  0.678   1.00 41.81  ? 111  PRO A N   1 
ATOM   74   C  CA  . PRO A 1 10  ? -12.028 -9.340  0.189   1.00 41.87  ? 111  PRO A CA  1 
ATOM   75   C  C   . PRO A 1 10  ? -10.937 -9.045  -0.840  1.00 43.82  ? 111  PRO A C   1 
ATOM   76   O  O   . PRO A 1 10  ? -9.875  -9.618  -0.765  1.00 46.16  ? 111  PRO A O   1 
ATOM   77   C  CB  . PRO A 1 10  ? -13.066 -10.296 -0.395  1.00 40.86  ? 111  PRO A CB  1 
ATOM   78   C  CG  . PRO A 1 10  ? -14.230 -10.133 0.502   1.00 39.03  ? 111  PRO A CG  1 
ATOM   79   C  CD  . PRO A 1 10  ? -14.272 -8.583  0.661   1.00 39.45  ? 111  PRO A CD  1 
HETATM 80   N  N   . MSE A 1 11  ? -11.233 -8.227  -1.843  1.00 46.07  ? 112  MSE A N   1 
HETATM 81   C  CA  . MSE A 1 11  ? -10.285 -7.865  -2.918  1.00 47.83  ? 112  MSE A CA  1 
HETATM 82   C  C   . MSE A 1 11  ? -8.969  -7.190  -2.404  1.00 48.55  ? 112  MSE A C   1 
HETATM 83   O  O   . MSE A 1 11  ? -7.915  -7.173  -3.066  1.00 49.87  ? 112  MSE A O   1 
HETATM 84   C  CB  . MSE A 1 11  ? -10.980 -6.876  -3.873  1.00 52.20  ? 112  MSE A CB  1 
HETATM 85   C  CG  . MSE A 1 11  ? -12.214 -7.353  -4.688  1.00 56.54  ? 112  MSE A CG  1 
HETATM 86   SE SE  . MSE A 1 11  ? -11.600 -8.718  -5.815  1.00 67.78  ? 112  MSE A SE  1 
HETATM 87   C  CE  . MSE A 1 11  ? -10.203 -7.822  -6.781  1.00 57.65  ? 112  MSE A CE  1 
ATOM   88   N  N   . THR A 1 12  ? -9.099  -6.592  -1.232  1.00 46.52  ? 113  THR A N   1 
ATOM   89   C  CA  . THR A 1 12  ? -8.082  -5.867  -0.496  1.00 42.40  ? 113  THR A CA  1 
ATOM   90   C  C   . THR A 1 12  ? -6.892  -6.751  -0.221  1.00 40.72  ? 113  THR A C   1 
ATOM   91   O  O   . THR A 1 12  ? -5.761  -6.322  -0.388  1.00 40.03  ? 113  THR A O   1 
ATOM   92   C  CB  . THR A 1 12  ? -8.858  -5.316  0.741   1.00 40.87  ? 113  THR A CB  1 
ATOM   93   O  OG1 . THR A 1 12  ? -9.152  -3.938  0.528   1.00 44.56  ? 113  THR A OG1 1 
ATOM   94   C  CG2 . THR A 1 12  ? -8.291  -5.599  1.957   1.00 34.06  ? 113  THR A CG2 1 
ATOM   95   N  N   . LEU A 1 13  ? -7.169  -8.005  0.109   1.00 40.47  ? 114  LEU A N   1 
ATOM   96   C  CA  . LEU A 1 13  ? -6.136  -8.961  0.437   1.00 42.15  ? 114  LEU A CA  1 
ATOM   97   C  C   . LEU A 1 13  ? -5.256  -9.273  -0.730  1.00 45.73  ? 114  LEU A C   1 
ATOM   98   O  O   . LEU A 1 13  ? -4.050  -9.457  -0.559  1.00 46.68  ? 114  LEU A O   1 
ATOM   99   C  CB  . LEU A 1 13  ? -6.752  -10.249 0.944   1.00 37.82  ? 114  LEU A CB  1 
ATOM   100  C  CG  . LEU A 1 13  ? -7.465  -10.128 2.291   1.00 39.67  ? 114  LEU A CG  1 
ATOM   101  C  CD1 . LEU A 1 13  ? -7.993  -11.476 2.670   1.00 38.75  ? 114  LEU A CD1 1 
ATOM   102  C  CD2 . LEU A 1 13  ? -6.511  -9.636  3.393   1.00 36.40  ? 114  LEU A CD2 1 
ATOM   103  N  N   . LYS A 1 14  ? -5.840  -9.300  -1.922  1.00 49.07  ? 115  LYS A N   1 
ATOM   104  C  CA  . LYS A 1 14  ? -5.059  -9.636  -3.107  1.00 50.38  ? 115  LYS A CA  1 
ATOM   105  C  C   . LYS A 1 14  ? -4.153  -8.441  -3.461  1.00 49.80  ? 115  LYS A C   1 
ATOM   106  O  O   . LYS A 1 14  ? -3.027  -8.608  -3.976  1.00 50.50  ? 115  LYS A O   1 
ATOM   107  C  CB  . LYS A 1 14  ? -6.018  -10.113 -4.234  1.00 55.57  ? 115  LYS A CB  1 
ATOM   108  C  CG  . LYS A 1 14  ? -6.902  -11.350 -3.751  1.00 60.63  ? 115  LYS A CG  1 
ATOM   109  C  CD  . LYS A 1 14  ? -7.738  -12.091 -4.858  1.00 66.35  ? 115  LYS A CD  1 
ATOM   110  C  CE  . LYS A 1 14  ? -9.040  -11.347 -5.429  1.00 68.26  ? 115  LYS A CE  1 
ATOM   111  N  NZ  . LYS A 1 14  ? -9.752  -12.064 -6.599  1.00 69.35  ? 115  LYS A NZ  1 
ATOM   112  N  N   . GLY A 1 15  ? -4.618  -7.236  -3.121  1.00 46.90  ? 116  GLY A N   1 
ATOM   113  C  CA  . GLY A 1 15  ? -3.805  -6.039  -3.334  1.00 45.12  ? 116  GLY A CA  1 
ATOM   114  C  C   . GLY A 1 15  ? -2.570  -6.055  -2.434  1.00 44.61  ? 116  GLY A C   1 
ATOM   115  O  O   . GLY A 1 15  ? -1.443  -5.815  -2.885  1.00 46.38  ? 116  GLY A O   1 
ATOM   116  N  N   . LEU A 1 16  ? -2.799  -6.343  -1.160  1.00 43.72  ? 117  LEU A N   1 
ATOM   117  C  CA  . LEU A 1 16  ? -1.738  -6.455  -0.187  1.00 44.03  ? 117  LEU A CA  1 
ATOM   118  C  C   . LEU A 1 16  ? -0.769  -7.536  -0.780  1.00 47.17  ? 117  LEU A C   1 
ATOM   119  O  O   . LEU A 1 16  ? 0.444   -7.320  -0.921  1.00 48.47  ? 117  LEU A O   1 
ATOM   120  C  CB  . LEU A 1 16  ? -2.388  -6.856  1.148   1.00 39.97  ? 117  LEU A CB  1 
ATOM   121  C  CG  . LEU A 1 16  ? -2.584  -5.718  2.165   1.00 39.81  ? 117  LEU A CG  1 
ATOM   122  C  CD1 . LEU A 1 16  ? -2.627  -4.327  1.563   1.00 34.85  ? 117  LEU A CD1 1 
ATOM   123  C  CD2 . LEU A 1 16  ? -3.742  -6.003  2.949   1.00 39.63  ? 117  LEU A CD2 1 
ATOM   124  N  N   . ASP A 1 17  ? -1.299  -8.678  -1.209  1.00 48.22  ? 118  ASP A N   1 
ATOM   125  C  CA  . ASP A 1 17  ? -0.407  -9.687  -1.786  1.00 48.80  ? 118  ASP A CA  1 
ATOM   126  C  C   . ASP A 1 17  ? 0.443   -9.185  -2.920  1.00 48.33  ? 118  ASP A C   1 
ATOM   127  O  O   . ASP A 1 17  ? 1.614   -9.451  -2.934  1.00 48.01  ? 118  ASP A O   1 
ATOM   128  C  CB  . ASP A 1 17  ? -1.147  -10.881 -2.329  1.00 48.04  ? 118  ASP A CB  1 
ATOM   129  C  CG  . ASP A 1 17  ? -1.803  -11.694 -1.258  1.00 51.40  ? 118  ASP A CG  1 
ATOM   130  O  OD1 . ASP A 1 17  ? -1.434  -11.600 -0.023  1.00 51.37  ? 118  ASP A OD1 1 
ATOM   131  O  OD2 . ASP A 1 17  ? -2.700  -12.445 -1.721  1.00 49.41  ? 118  ASP A OD2 1 
ATOM   132  N  N   . LYS A 1 18  ? -0.133  -8.480  -3.879  1.00 50.13  ? 119  LYS A N   1 
ATOM   133  C  CA  . LYS A 1 18  ? 0.652   -7.991  -5.000  1.00 52.03  ? 119  LYS A CA  1 
ATOM   134  C  C   . LYS A 1 18  ? 1.681   -6.938  -4.636  1.00 52.62  ? 119  LYS A C   1 
ATOM   135  O  O   . LYS A 1 18  ? 2.380   -6.443  -5.517  1.00 54.39  ? 119  LYS A O   1 
ATOM   136  C  CB  . LYS A 1 18  ? -0.271  -7.398  -6.045  1.00 55.91  ? 119  LYS A CB  1 
ATOM   137  C  CG  . LYS A 1 18  ? -1.183  -8.430  -6.698  1.00 61.32  ? 119  LYS A CG  1 
ATOM   138  C  CD  . LYS A 1 18  ? -2.230  -7.765  -7.643  1.00 65.08  ? 119  LYS A CD  1 
ATOM   139  C  CE  . LYS A 1 18  ? -2.446  -8.565  -8.982  1.00 67.22  ? 119  LYS A CE  1 
ATOM   140  N  NZ  . LYS A 1 18  ? -2.866  -10.017 -8.857  1.00 67.27  ? 119  LYS A NZ  1 
ATOM   141  N  N   . ALA A 1 19  ? 1.753   -6.590  -3.357  1.00 51.78  ? 120  ALA A N   1 
ATOM   142  C  CA  . ALA A 1 19  ? 2.650   -5.562  -2.873  1.00 50.52  ? 120  ALA A CA  1 
ATOM   143  C  C   . ALA A 1 19  ? 3.848   -6.146  -2.149  1.00 50.41  ? 120  ALA A C   1 
ATOM   144  O  O   . ALA A 1 19  ? 4.725   -5.396  -1.731  1.00 49.78  ? 120  ALA A O   1 
ATOM   145  C  CB  . ALA A 1 19  ? 1.883   -4.633  -1.920  1.00 49.70  ? 120  ALA A CB  1 
ATOM   146  N  N   . SER A 1 20  ? 3.922   -7.470  -2.019  1.00 49.14  ? 121  SER A N   1 
ATOM   147  C  CA  . SER A 1 20  ? 5.023   -8.066  -1.256  1.00 50.86  ? 121  SER A CA  1 
ATOM   148  C  C   . SER A 1 20  ? 6.460   -7.672  -1.566  1.00 49.97  ? 121  SER A C   1 
ATOM   149  O  O   . SER A 1 20  ? 7.260   -7.556  -0.640  1.00 50.11  ? 121  SER A O   1 
ATOM   150  C  CB  . SER A 1 20  ? 4.916   -9.597  -1.229  1.00 52.33  ? 121  SER A CB  1 
ATOM   151  O  OG  . SER A 1 20  ? 4.966   -10.135 -2.533  1.00 54.64  ? 121  SER A OG  1 
ATOM   152  N  N   . GLU A 1 21  ? 6.793   -7.471  -2.839  1.00 49.16  ? 122  GLU A N   1 
ATOM   153  C  CA  . GLU A 1 21  ? 8.142   -7.058  -3.239  1.00 52.10  ? 122  GLU A CA  1 
ATOM   154  C  C   . GLU A 1 21  ? 8.690   -5.878  -2.385  1.00 52.25  ? 122  GLU A C   1 
ATOM   155  O  O   . GLU A 1 21  ? 9.900   -5.821  -2.053  1.00 50.73  ? 122  GLU A O   1 
ATOM   156  C  CB  . GLU A 1 21  ? 8.118   -6.639  -4.713  1.00 53.18  ? 122  GLU A CB  1 
ATOM   157  C  CG  . GLU A 1 21  ? 9.273   -5.721  -5.103  1.00 58.14  ? 122  GLU A CG  1 
ATOM   158  C  CD  . GLU A 1 21  ? 9.319   -5.393  -6.618  1.00 61.12  ? 122  GLU A CD  1 
ATOM   159  O  OE1 . GLU A 1 21  ? 10.304  -4.744  -7.068  1.00 60.18  ? 122  GLU A OE1 1 
ATOM   160  O  OE2 . GLU A 1 21  ? 8.373   -5.788  -7.355  1.00 63.59  ? 122  GLU A OE2 1 
ATOM   161  N  N   . LEU A 1 22  ? 7.777   -4.953  -2.053  1.00 50.64  ? 123  LEU A N   1 
ATOM   162  C  CA  . LEU A 1 22  ? 8.063   -3.750  -1.279  1.00 48.96  ? 123  LEU A CA  1 
ATOM   163  C  C   . LEU A 1 22  ? 8.636   -4.050  0.083   1.00 48.42  ? 123  LEU A C   1 
ATOM   164  O  O   . LEU A 1 22  ? 9.292   -3.214  0.656   1.00 48.37  ? 123  LEU A O   1 
ATOM   165  C  CB  . LEU A 1 22  ? 6.793   -2.903  -1.114  1.00 46.73  ? 123  LEU A CB  1 
ATOM   166  C  CG  . LEU A 1 22  ? 6.243   -2.291  -2.400  1.00 46.32  ? 123  LEU A CG  1 
ATOM   167  C  CD1 . LEU A 1 22  ? 4.921   -1.603  -2.105  1.00 44.38  ? 123  LEU A CD1 1 
ATOM   168  C  CD2 . LEU A 1 22  ? 7.236   -1.297  -2.989  1.00 46.02  ? 123  LEU A CD2 1 
ATOM   169  N  N   . ALA A 1 23  ? 8.413   -5.250  0.594   1.00 47.41  ? 124  ALA A N   1 
ATOM   170  C  CA  . ALA A 1 23  ? 8.906   -5.582  1.912   1.00 48.76  ? 124  ALA A CA  1 
ATOM   171  C  C   . ALA A 1 23  ? 10.426  -5.756  1.949   1.00 50.48  ? 124  ALA A C   1 
ATOM   172  O  O   . ALA A 1 23  ? 11.038  -5.754  3.035   1.00 49.50  ? 124  ALA A O   1 
ATOM   173  C  CB  . ALA A 1 23  ? 8.197   -6.859  2.432   1.00 46.37  ? 124  ALA A CB  1 
ATOM   174  N  N   . THR A 1 24  ? 11.034  -5.939  0.777   1.00 51.89  ? 125  THR A N   1 
ATOM   175  C  CA  . THR A 1 24  ? 12.486  -6.105  0.689   1.00 53.62  ? 125  THR A CA  1 
ATOM   176  C  C   . THR A 1 24  ? 13.076  -5.252  -0.450  1.00 55.42  ? 125  THR A C   1 
ATOM   177  O  O   . THR A 1 24  ? 14.231  -5.415  -0.810  1.00 56.74  ? 125  THR A O   1 
ATOM   178  C  CB  . THR A 1 24  ? 12.878  -7.596  0.445   1.00 53.61  ? 125  THR A CB  1 
ATOM   179  O  OG1 . THR A 1 24  ? 12.291  -8.069  -0.783  1.00 52.93  ? 125  THR A OG1 1 
ATOM   180  C  CG2 . THR A 1 24  ? 12.433  -8.451  1.607   1.00 52.96  ? 125  THR A CG2 1 
ATOM   181  N  N   . LEU A 1 25  ? 12.266  -4.373  -1.039  1.00 56.38  ? 126  LEU A N   1 
ATOM   182  C  CA  . LEU A 1 25  ? 12.729  -3.504  -2.117  1.00 57.58  ? 126  LEU A CA  1 
ATOM   183  C  C   . LEU A 1 25  ? 14.058  -2.930  -1.699  1.00 58.20  ? 126  LEU A C   1 
ATOM   184  O  O   . LEU A 1 25  ? 14.199  -2.464  -0.566  1.00 57.95  ? 126  LEU A O   1 
ATOM   185  C  CB  . LEU A 1 25  ? 11.749  -2.353  -2.353  1.00 57.88  ? 126  LEU A CB  1 
ATOM   186  C  CG  . LEU A 1 25  ? 11.991  -1.435  -3.563  1.00 58.85  ? 126  LEU A CG  1 
ATOM   187  C  CD1 . LEU A 1 25  ? 12.179  -2.306  -4.817  1.00 57.24  ? 126  LEU A CD1 1 
ATOM   188  C  CD2 . LEU A 1 25  ? 10.796  -0.457  -3.756  1.00 57.34  ? 126  LEU A CD2 1 
ATOM   189  N  N   . THR A 1 26  ? 15.053  -3.001  -2.581  1.00 59.06  ? 127  THR A N   1 
ATOM   190  C  CA  . THR A 1 26  ? 16.367  -2.436  -2.239  1.00 58.08  ? 127  THR A CA  1 
ATOM   191  C  C   . THR A 1 26  ? 16.532  -1.057  -2.886  1.00 57.13  ? 127  THR A C   1 
ATOM   192  O  O   . THR A 1 26  ? 15.883  -0.730  -3.907  1.00 56.11  ? 127  THR A O   1 
ATOM   193  C  CB  . THR A 1 26  ? 17.590  -3.301  -2.723  1.00 57.87  ? 127  THR A CB  1 
ATOM   194  O  OG1 . THR A 1 26  ? 17.586  -3.348  -4.157  1.00 57.53  ? 127  THR A OG1 1 
ATOM   195  C  CG2 . THR A 1 26  ? 17.579  -4.720  -2.088  1.00 56.01  ? 127  THR A CG2 1 
ATOM   196  N  N   . PRO A 1 27  ? 17.387  -0.219  -2.278  1.00 56.89  ? 128  PRO A N   1 
ATOM   197  C  CA  . PRO A 1 27  ? 17.647  1.126   -2.800  1.00 57.15  ? 128  PRO A CA  1 
ATOM   198  C  C   . PRO A 1 27  ? 17.931  1.084   -4.331  1.00 58.37  ? 128  PRO A C   1 
ATOM   199  O  O   . PRO A 1 27  ? 17.360  1.873   -5.105  1.00 58.44  ? 128  PRO A O   1 
ATOM   200  C  CB  . PRO A 1 27  ? 18.871  1.567   -2.011  1.00 56.55  ? 128  PRO A CB  1 
ATOM   201  C  CG  . PRO A 1 27  ? 18.760  0.846   -0.681  1.00 56.79  ? 128  PRO A CG  1 
ATOM   202  C  CD  . PRO A 1 27  ? 18.158  -0.502  -1.044  1.00 56.42  ? 128  PRO A CD  1 
ATOM   203  N  N   . GLU A 1 28  ? 18.772  0.147   -4.777  1.00 58.37  ? 129  GLU A N   1 
ATOM   204  C  CA  . GLU A 1 28  ? 19.085  0.072   -6.204  1.00 59.95  ? 129  GLU A CA  1 
ATOM   205  C  C   . GLU A 1 28  ? 17.877  -0.411  -7.012  1.00 60.86  ? 129  GLU A C   1 
ATOM   206  O  O   . GLU A 1 28  ? 17.628  0.056   -8.145  1.00 58.70  ? 129  GLU A O   1 
ATOM   207  C  CB  . GLU A 1 28  ? 20.331  -0.807  -6.424  1.00 62.05  ? 129  GLU A CB  1 
ATOM   208  C  CG  . GLU A 1 28  ? 20.720  -1.715  -5.202  1.00 66.47  ? 129  GLU A CG  1 
ATOM   209  C  CD  . GLU A 1 28  ? 21.284  -0.973  -3.947  1.00 68.42  ? 129  GLU A CD  1 
ATOM   210  O  OE1 . GLU A 1 28  ? 22.168  -0.107  -4.123  1.00 68.66  ? 129  GLU A OE1 1 
ATOM   211  O  OE2 . GLU A 1 28  ? 20.879  -1.274  -2.785  1.00 70.70  ? 129  GLU A OE2 1 
ATOM   212  N  N   . GLY A 1 29  ? 17.105  -1.313  -6.411  1.00 63.94  ? 130  GLY A N   1 
ATOM   213  C  CA  . GLY A 1 29  ? 15.915  -1.832  -7.074  1.00 65.97  ? 130  GLY A CA  1 
ATOM   214  C  C   . GLY A 1 29  ? 14.863  -0.763  -7.348  1.00 67.60  ? 130  GLY A C   1 
ATOM   215  O  O   . GLY A 1 29  ? 14.222  -0.779  -8.406  1.00 66.67  ? 130  GLY A O   1 
ATOM   216  N  N   . LEU A 1 30  ? 14.670  0.153   -6.391  1.00 70.32  ? 131  LEU A N   1 
ATOM   217  C  CA  . LEU A 1 30  ? 13.701  1.258   -6.539  1.00 73.35  ? 131  LEU A CA  1 
ATOM   218  C  C   . LEU A 1 30  ? 14.098  2.101   -7.734  1.00 76.08  ? 131  LEU A C   1 
ATOM   219  O  O   . LEU A 1 30  ? 13.251  2.453   -8.568  1.00 75.48  ? 131  LEU A O   1 
ATOM   220  C  CB  . LEU A 1 30  ? 13.698  2.155   -5.310  1.00 71.65  ? 131  LEU A CB  1 
ATOM   221  C  CG  . LEU A 1 30  ? 12.892  3.453   -5.366  1.00 70.31  ? 131  LEU A CG  1 
ATOM   222  C  CD1 . LEU A 1 30  ? 11.396  3.228   -5.567  1.00 68.93  ? 131  LEU A CD1 1 
ATOM   223  C  CD2 . LEU A 1 30  ? 13.170  4.157   -4.051  1.00 70.86  ? 131  LEU A CD2 1 
ATOM   224  N  N   . ALA A 1 31  ? 15.398  2.402   -7.800  1.00 80.45  ? 132  ALA A N   1 
ATOM   225  C  CA  . ALA A 1 31  ? 15.997  3.189   -8.882  1.00 84.87  ? 132  ALA A CA  1 
ATOM   226  C  C   . ALA A 1 31  ? 15.696  2.554   -10.232 1.00 88.22  ? 132  ALA A C   1 
ATOM   227  O  O   . ALA A 1 31  ? 15.250  3.237   -11.158 1.00 88.32  ? 132  ALA A O   1 
ATOM   228  C  CB  . ALA A 1 31  ? 17.499  3.303   -8.682  1.00 83.97  ? 132  ALA A CB  1 
ATOM   229  N  N   . ARG A 1 32  ? 15.917  1.247   -10.337 1.00 92.02  ? 133  ARG A N   1 
ATOM   230  C  CA  . ARG A 1 32  ? 15.654  0.552   -11.588 1.00 96.28  ? 133  ARG A CA  1 
ATOM   231  C  C   . ARG A 1 32  ? 14.190  0.480   -11.981 1.00 98.34  ? 133  ARG A C   1 
ATOM   232  O  O   . ARG A 1 32  ? 13.780  1.149   -12.913 1.00 99.29  ? 133  ARG A O   1 
ATOM   233  C  CB  . ARG A 1 32  ? 16.244  -0.860  -11.561 1.00 97.78  ? 133  ARG A CB  1 
ATOM   234  C  CG  . ARG A 1 32  ? 15.940  -1.711  -12.812 1.00 99.26  ? 133  ARG A CG  1 
ATOM   235  C  CD  . ARG A 1 32  ? 16.776  -3.014  -12.870 1.00 100.63 ? 133  ARG A CD  1 
ATOM   236  N  NE  . ARG A 1 32  ? 16.665  -3.845  -11.659 1.00 102.43 ? 133  ARG A NE  1 
ATOM   237  C  CZ  . ARG A 1 32  ? 17.443  -3.742  -10.576 1.00 102.31 ? 133  ARG A CZ  1 
ATOM   238  N  NH1 . ARG A 1 32  ? 18.418  -2.838  -10.530 1.00 101.56 ? 133  ARG A NH1 1 
ATOM   239  N  NH2 . ARG A 1 32  ? 17.242  -4.539  -9.523  1.00 102.47 ? 133  ARG A NH2 1 
ATOM   240  N  N   . GLU A 1 33  ? 13.391  -0.313  -11.281 1.00 101.18 ? 134  GLU A N   1 
ATOM   241  C  CA  . GLU A 1 33  ? 11.982  -0.455  -11.650 1.00 104.43 ? 134  GLU A CA  1 
ATOM   242  C  C   . GLU A 1 33  ? 11.079  0.662   -11.163 1.00 106.18 ? 134  GLU A C   1 
ATOM   243  O  O   . GLU A 1 33  ? 9.842   0.541   -11.215 1.00 105.56 ? 134  GLU A O   1 
ATOM   244  C  CB  . GLU A 1 33  ? 11.452  -1.780  -11.122 1.00 105.54 ? 134  GLU A CB  1 
ATOM   245  C  CG  . GLU A 1 33  ? 11.600  -1.914  -9.621  1.00 107.32 ? 134  GLU A CG  1 
ATOM   246  C  CD  . GLU A 1 33  ? 11.671  -3.356  -9.180  1.00 107.81 ? 134  GLU A CD  1 
ATOM   247  O  OE1 . GLU A 1 33  ? 10.780  -4.138  -9.585  1.00 108.73 ? 134  GLU A OE1 1 
ATOM   248  O  OE2 . GLU A 1 33  ? 12.616  -3.702  -8.432  1.00 107.87 ? 134  GLU A OE2 1 
ATOM   249  N  N   . HIS A 1 34  ? 11.710  1.737   -10.691 1.00 108.48 ? 135  HIS A N   1 
ATOM   250  C  CA  . HIS A 1 34  ? 10.998  2.888   -10.165 1.00 111.30 ? 135  HIS A CA  1 
ATOM   251  C  C   . HIS A 1 34  ? 9.614   2.953   -10.764 1.00 112.49 ? 135  HIS A C   1 
ATOM   252  O  O   . HIS A 1 34  ? 8.588   2.862   -10.077 1.00 112.32 ? 135  HIS A O   1 
ATOM   253  C  CB  . HIS A 1 34  ? 11.793  4.202   -10.423 1.00 112.99 ? 135  HIS A CB  1 
ATOM   254  C  CG  . HIS A 1 34  ? 11.972  4.585   -11.886 1.00 115.25 ? 135  HIS A CG  1 
ATOM   255  N  ND1 . HIS A 1 34  ? 10.958  4.981   -12.682 1.00 115.86 ? 135  HIS A ND1 1 
ATOM   256  C  CD2 . HIS A 1 34  ? 13.128  4.703   -12.615 1.00 116.02 ? 135  HIS A CD2 1 
ATOM   257  C  CE1 . HIS A 1 34  ? 11.445  5.347   -13.888 1.00 116.19 ? 135  HIS A CE1 1 
ATOM   258  N  NE2 . HIS A 1 34  ? 12.737  5.181   -13.846 1.00 116.50 ? 135  HIS A NE2 1 
ATOM   259  N  N   . SER A 1 35  ? 9.608   3.078   -12.076 1.00 114.03 ? 136  SER A N   1 
ATOM   260  C  CA  . SER A 1 35  ? 8.391   3.153   -12.831 1.00 115.45 ? 136  SER A CA  1 
ATOM   261  C  C   . SER A 1 35  ? 7.496   1.969   -12.474 1.00 115.49 ? 136  SER A C   1 
ATOM   262  O  O   . SER A 1 35  ? 6.778   2.001   -11.476 1.00 115.70 ? 136  SER A O   1 
ATOM   263  C  CB  . SER A 1 35  ? 8.752   3.167   -14.320 1.00 116.00 ? 136  SER A CB  1 
ATOM   264  O  OG  . SER A 1 35  ? 7.868   2.369   -15.077 1.00 118.51 ? 136  SER A OG  1 
ATOM   265  N  N   . ARG A 1 36  ? 7.592   0.919   -13.284 1.00 115.71 ? 137  ARG A N   1 
ATOM   266  C  CA  . ARG A 1 36  ? 6.813   -0.311  -13.164 1.00 115.84 ? 137  ARG A CA  1 
ATOM   267  C  C   . ARG A 1 36  ? 6.121   -0.576  -11.834 1.00 115.04 ? 137  ARG A C   1 
ATOM   268  O  O   . ARG A 1 36  ? 4.887   -0.701  -11.796 1.00 114.99 ? 137  ARG A O   1 
ATOM   269  C  CB  . ARG A 1 36  ? 7.688   -1.508  -13.519 1.00 116.85 ? 137  ARG A CB  1 
ATOM   270  C  CG  . ARG A 1 36  ? 6.884   -2.746  -13.877 1.00 118.84 ? 137  ARG A CG  1 
ATOM   271  C  CD  . ARG A 1 36  ? 6.389   -3.506  -12.646 1.00 120.80 ? 137  ARG A CD  1 
ATOM   272  N  NE  . ARG A 1 36  ? 7.433   -4.331  -12.033 1.00 122.47 ? 137  ARG A NE  1 
ATOM   273  C  CZ  . ARG A 1 36  ? 7.215   -5.239  -11.085 1.00 122.85 ? 137  ARG A CZ  1 
ATOM   274  N  NH1 . ARG A 1 36  ? 5.984   -5.453  -10.624 1.00 122.88 ? 137  ARG A NH1 1 
ATOM   275  N  NH2 . ARG A 1 36  ? 8.237   -5.931  -10.593 1.00 123.15 ? 137  ARG A NH2 1 
ATOM   276  N  N   . LEU A 1 37  ? 6.914   -0.694  -10.764 1.00 113.57 ? 138  LEU A N   1 
ATOM   277  C  CA  . LEU A 1 37  ? 6.378   -0.934  -9.422  1.00 111.88 ? 138  LEU A CA  1 
ATOM   278  C  C   . LEU A 1 37  ? 5.660   0.328   -8.937  1.00 110.95 ? 138  LEU A C   1 
ATOM   279  O  O   . LEU A 1 37  ? 5.868   0.794   -7.809  1.00 110.34 ? 138  LEU A O   1 
ATOM   280  C  CB  . LEU A 1 37  ? 7.489   -1.375  -8.416  1.00 110.94 ? 138  LEU A CB  1 
ATOM   281  C  CG  . LEU A 1 37  ? 8.824   -0.683  -8.079  1.00 109.58 ? 138  LEU A CG  1 
ATOM   282  C  CD1 . LEU A 1 37  ? 8.729   0.823   -8.026  1.00 109.79 ? 138  LEU A CD1 1 
ATOM   283  C  CD2 . LEU A 1 37  ? 9.255   -1.208  -6.744  1.00 108.97 ? 138  LEU A CD2 1 
ATOM   284  N  N   . ALA A 1 38  ? 4.803   0.880   -9.795  1.00 109.70 ? 139  ALA A N   1 
ATOM   285  C  CA  . ALA A 1 38  ? 4.067   2.081   -9.430  1.00 108.52 ? 139  ALA A CA  1 
ATOM   286  C  C   . ALA A 1 38  ? 2.798   2.275   -10.257 1.00 107.55 ? 139  ALA A C   1 
ATOM   287  O  O   . ALA A 1 38  ? 2.137   3.315   -10.171 1.00 107.30 ? 139  ALA A O   1 
ATOM   288  C  CB  . ALA A 1 38  ? 4.992   3.309   -9.572  1.00 108.38 ? 139  ALA A CB  1 
ATOM   289  N  N   . SER A 1 39  ? 2.441   1.268   -11.045 1.00 105.73 ? 140  SER A N   1 
ATOM   290  C  CA  . SER A 1 39  ? 1.291   1.414   -11.916 1.00 103.61 ? 140  SER A CA  1 
ATOM   291  C  C   . SER A 1 39  ? 0.876   0.075   -12.417 1.00 101.84 ? 140  SER A C   1 
ATOM   292  O  O   . SER A 1 39  ? 1.516   -0.922  -12.122 1.00 101.96 ? 140  SER A O   1 
ATOM   293  C  CB  . SER A 1 39  ? 1.683   2.283   -13.114 1.00 104.55 ? 140  SER A CB  1 
ATOM   294  O  OG  . SER A 1 39  ? 2.950   1.883   -13.637 1.00 104.13 ? 140  SER A OG  1 
ATOM   295  N  N   . GLY A 1 40  ? -0.169  0.053   -13.223 1.00 99.96  ? 141  GLY A N   1 
ATOM   296  C  CA  . GLY A 1 40  ? -0.593  -1.219  -13.746 1.00 97.76  ? 141  GLY A CA  1 
ATOM   297  C  C   . GLY A 1 40  ? -0.860  -2.184  -12.612 1.00 96.49  ? 141  GLY A C   1 
ATOM   298  O  O   . GLY A 1 40  ? -1.838  -2.047  -11.878 1.00 96.82  ? 141  GLY A O   1 
ATOM   299  N  N   . ASP A 1 41  ? 0.018   -3.169  -12.477 1.00 94.52  ? 142  ASP A N   1 
ATOM   300  C  CA  . ASP A 1 41  ? -0.107  -4.199  -11.448 1.00 92.33  ? 142  ASP A CA  1 
ATOM   301  C  C   . ASP A 1 41  ? 0.979   -3.965  -10.383 1.00 89.31  ? 142  ASP A C   1 
ATOM   302  O  O   . ASP A 1 41  ? 1.102   -4.740  -9.414  1.00 88.52  ? 142  ASP A O   1 
ATOM   303  C  CB  . ASP A 1 41  ? 0.075   -5.584  -12.099 1.00 93.58  ? 142  ASP A CB  1 
ATOM   304  C  CG  . ASP A 1 41  ? -0.890  -6.621  -11.560 1.00 94.94  ? 142  ASP A CG  1 
ATOM   305  O  OD1 . ASP A 1 41  ? -0.642  -7.843  -11.765 1.00 95.12  ? 142  ASP A OD1 1 
ATOM   306  O  OD2 . ASP A 1 41  ? -1.899  -6.197  -10.947 1.00 95.99  ? 142  ASP A OD2 1 
ATOM   307  N  N   . GLY A 1 42  ? 1.751   -2.888  -10.598 1.00 85.68  ? 143  GLY A N   1 
ATOM   308  C  CA  . GLY A 1 42  ? 2.861   -2.472  -9.735  1.00 82.24  ? 143  GLY A CA  1 
ATOM   309  C  C   . GLY A 1 42  ? 2.615   -2.588  -8.242  1.00 78.89  ? 143  GLY A C   1 
ATOM   310  O  O   . GLY A 1 42  ? 1.474   -2.478  -7.807  1.00 80.70  ? 143  GLY A O   1 
ATOM   311  N  N   . ALA A 1 43  ? 3.658   -2.807  -7.449  1.00 73.70  ? 144  ALA A N   1 
ATOM   312  C  CA  . ALA A 1 43  ? 3.442   -2.958  -6.027  1.00 68.48  ? 144  ALA A CA  1 
ATOM   313  C  C   . ALA A 1 43  ? 2.903   -1.679  -5.430  1.00 65.84  ? 144  ALA A C   1 
ATOM   314  O  O   . ALA A 1 43  ? 1.933   -1.695  -4.693  1.00 64.84  ? 144  ALA A O   1 
ATOM   315  C  CB  . ALA A 1 43  ? 4.708   -3.344  -5.350  1.00 66.93  ? 144  ALA A CB  1 
ATOM   316  N  N   . LEU A 1 44  ? 3.494   -0.555  -5.779  1.00 63.24  ? 145  LEU A N   1 
ATOM   317  C  CA  . LEU A 1 44  ? 3.026   0.644   -5.169  1.00 61.56  ? 145  LEU A CA  1 
ATOM   318  C  C   . LEU A 1 44  ? 1.556   0.940   -5.407  1.00 61.65  ? 145  LEU A C   1 
ATOM   319  O  O   . LEU A 1 44  ? 0.847   1.323   -4.461  1.00 60.87  ? 145  LEU A O   1 
ATOM   320  C  CB  . LEU A 1 44  ? 3.930   1.820   -5.554  1.00 61.54  ? 145  LEU A CB  1 
ATOM   321  C  CG  . LEU A 1 44  ? 5.048   2.249   -4.572  1.00 60.55  ? 145  LEU A CG  1 
ATOM   322  C  CD1 . LEU A 1 44  ? 5.139   1.322   -3.382  1.00 60.49  ? 145  LEU A CD1 1 
ATOM   323  C  CD2 . LEU A 1 44  ? 6.386   2.226   -5.285  1.00 61.69  ? 145  LEU A CD2 1 
ATOM   324  N  N   . ARG A 1 45  ? 1.059   0.739   -6.627  1.00 61.60  ? 146  ARG A N   1 
ATOM   325  C  CA  . ARG A 1 45  ? -0.358  1.044   -6.867  1.00 59.99  ? 146  ARG A CA  1 
ATOM   326  C  C   . ARG A 1 45  ? -1.295  0.072   -6.168  1.00 55.62  ? 146  ARG A C   1 
ATOM   327  O  O   . ARG A 1 45  ? -2.348  0.465   -5.654  1.00 55.17  ? 146  ARG A O   1 
ATOM   328  C  CB  . ARG A 1 45  ? -0.693  1.083   -8.367  1.00 65.63  ? 146  ARG A CB  1 
ATOM   329  C  CG  . ARG A 1 45  ? -2.124  1.619   -8.634  1.00 70.94  ? 146  ARG A CG  1 
ATOM   330  C  CD  . ARG A 1 45  ? -2.473  1.972   -10.127 1.00 77.87  ? 146  ARG A CD  1 
ATOM   331  N  NE  . ARG A 1 45  ? -3.807  2.610   -10.211 1.00 82.12  ? 146  ARG A NE  1 
ATOM   332  C  CZ  . ARG A 1 45  ? -4.910  2.081   -10.761 1.00 83.39  ? 146  ARG A CZ  1 
ATOM   333  N  NH1 . ARG A 1 45  ? -6.056  2.782   -10.741 1.00 84.02  ? 146  ARG A NH1 1 
ATOM   334  N  NH2 . ARG A 1 45  ? -4.874  0.877   -11.350 1.00 81.75  ? 146  ARG A NH2 1 
ATOM   335  N  N   . SER A 1 46  ? -0.895  -1.192  -6.137  1.00 49.46  ? 147  SER A N   1 
ATOM   336  C  CA  . SER A 1 46  ? -1.702  -2.213  -5.500  1.00 47.14  ? 147  SER A CA  1 
ATOM   337  C  C   . SER A 1 46  ? -1.826  -2.010  -3.997  1.00 43.92  ? 147  SER A C   1 
ATOM   338  O  O   . SER A 1 46  ? -2.876  -2.277  -3.409  1.00 41.57  ? 147  SER A O   1 
ATOM   339  C  CB  . SER A 1 46  ? -1.117  -3.600  -5.786  1.00 49.92  ? 147  SER A CB  1 
ATOM   340  O  OG  . SER A 1 46  ? -0.913  -3.755  -7.178  1.00 53.45  ? 147  SER A OG  1 
ATOM   341  N  N   . LEU A 1 47  ? -0.758  -1.509  -3.390  1.00 42.87  ? 148  LEU A N   1 
ATOM   342  C  CA  . LEU A 1 47  ? -0.715  -1.291  -1.957  1.00 40.80  ? 148  LEU A CA  1 
ATOM   343  C  C   . LEU A 1 47  ? -1.699  -0.187  -1.576  1.00 39.08  ? 148  LEU A C   1 
ATOM   344  O  O   . LEU A 1 47  ? -2.577  -0.364  -0.727  1.00 35.00  ? 148  LEU A O   1 
ATOM   345  C  CB  . LEU A 1 47  ? 0.734   -0.935  -1.533  1.00 39.50  ? 148  LEU A CB  1 
ATOM   346  C  CG  . LEU A 1 47  ? 0.867   -0.518  -0.057  1.00 40.98  ? 148  LEU A CG  1 
ATOM   347  C  CD1 . LEU A 1 47  ? 0.254   -1.651  0.854   1.00 34.94  ? 148  LEU A CD1 1 
ATOM   348  C  CD2 . LEU A 1 47  ? 2.344   -0.207  0.295   1.00 38.60  ? 148  LEU A CD2 1 
ATOM   349  N  N   . SER A 1 48  ? -1.601  0.928   -2.284  1.00 39.46  ? 149  SER A N   1 
ATOM   350  C  CA  . SER A 1 48  ? -2.419  2.078   -1.953  1.00 40.94  ? 149  SER A CA  1 
ATOM   351  C  C   . SER A 1 48  ? -3.873  1.835   -2.289  1.00 40.24  ? 149  SER A C   1 
ATOM   352  O  O   . SER A 1 48  ? -4.782  2.260   -1.581  1.00 42.11  ? 149  SER A O   1 
ATOM   353  C  CB  . SER A 1 48  ? -1.855  3.325   -2.635  1.00 42.30  ? 149  SER A CB  1 
ATOM   354  O  OG  . SER A 1 48  ? -1.845  3.092   -4.016  1.00 48.37  ? 149  SER A OG  1 
ATOM   355  N  N   . THR A 1 49  ? -4.106  1.070   -3.334  1.00 40.66  ? 150  THR A N   1 
ATOM   356  C  CA  . THR A 1 49  ? -5.473  0.754   -3.715  1.00 39.88  ? 150  THR A CA  1 
ATOM   357  C  C   . THR A 1 49  ? -6.046  -0.174  -2.646  1.00 38.19  ? 150  THR A C   1 
ATOM   358  O  O   . THR A 1 49  ? -7.163  0.003   -2.172  1.00 37.91  ? 150  THR A O   1 
ATOM   359  C  CB  . THR A 1 49  ? -5.431  0.113   -5.101  1.00 44.29  ? 150  THR A CB  1 
ATOM   360  O  OG1 . THR A 1 49  ? -5.744  1.110   -6.093  1.00 48.88  ? 150  THR A OG1 1 
ATOM   361  C  CG2 . THR A 1 49  ? -6.338  -1.085  -5.188  1.00 45.42  ? 150  THR A CG2 1 
ATOM   362  N  N   . ALA A 1 50  ? -5.252  -1.135  -2.221  1.00 35.60  ? 151  ALA A N   1 
ATOM   363  C  CA  . ALA A 1 50  ? -5.723  -2.027  -1.184  1.00 34.30  ? 151  ALA A CA  1 
ATOM   364  C  C   . ALA A 1 50  ? -6.018  -1.260  0.101   1.00 34.10  ? 151  ALA A C   1 
ATOM   365  O  O   . ALA A 1 50  ? -7.080  -1.446  0.688   1.00 32.67  ? 151  ALA A O   1 
ATOM   366  C  CB  . ALA A 1 50  ? -4.698  -3.098  -0.911  1.00 36.58  ? 151  ALA A CB  1 
ATOM   367  N  N   . LEU A 1 51  ? -5.074  -0.424  0.551   1.00 32.38  ? 152  LEU A N   1 
ATOM   368  C  CA  . LEU A 1 51  ? -5.259  0.357   1.790   1.00 30.44  ? 152  LEU A CA  1 
ATOM   369  C  C   . LEU A 1 51  ? -6.462  1.271   1.667   1.00 30.07  ? 152  LEU A C   1 
ATOM   370  O  O   . LEU A 1 51  ? -7.238  1.393   2.617   1.00 29.76  ? 152  LEU A O   1 
ATOM   371  C  CB  . LEU A 1 51  ? -4.012  1.188   2.155   1.00 31.48  ? 152  LEU A CB  1 
ATOM   372  C  CG  . LEU A 1 51  ? -2.705  0.431   2.375   1.00 30.34  ? 152  LEU A CG  1 
ATOM   373  C  CD1 . LEU A 1 51  ? -1.513  1.376   2.441   1.00 33.71  ? 152  LEU A CD1 1 
ATOM   374  C  CD2 . LEU A 1 51  ? -2.822  -0.349  3.597   1.00 30.47  ? 152  LEU A CD2 1 
ATOM   375  N  N   . ALA A 1 52  ? -6.639  1.921   0.519   1.00 32.09  ? 153  ALA A N   1 
ATOM   376  C  CA  . ALA A 1 52  ? -7.848  2.742   0.347   1.00 30.95  ? 153  ALA A CA  1 
ATOM   377  C  C   . ALA A 1 52  ? -9.112  1.846   0.504   1.00 30.89  ? 153  ALA A C   1 
ATOM   378  O  O   . ALA A 1 52  ? -10.096 2.285   1.091   1.00 32.64  ? 153  ALA A O   1 
ATOM   379  C  CB  . ALA A 1 52  ? -7.850  3.393   -0.995  1.00 32.64  ? 153  ALA A CB  1 
ATOM   380  N  N   . GLY A 1 53  ? -9.077  0.583   0.055   1.00 28.99  ? 154  GLY A N   1 
ATOM   381  C  CA  . GLY A 1 53  ? -10.256 -0.286  0.179   1.00 28.22  ? 154  GLY A CA  1 
ATOM   382  C  C   . GLY A 1 53  ? -10.510 -0.690  1.631   1.00 31.99  ? 154  GLY A C   1 
ATOM   383  O  O   . GLY A 1 53  ? -11.651 -0.836  2.111   1.00 31.86  ? 154  GLY A O   1 
ATOM   384  N  N   . ILE A 1 54  ? -9.436  -0.919  2.360   1.00 31.88  ? 155  ILE A N   1 
ATOM   385  C  CA  . ILE A 1 54  ? -9.636  -1.203  3.758   1.00 29.97  ? 155  ILE A CA  1 
ATOM   386  C  C   . ILE A 1 54  ? -10.162 0.053   4.451   1.00 30.04  ? 155  ILE A C   1 
ATOM   387  O  O   . ILE A 1 54  ? -11.087 -0.028  5.239   1.00 29.61  ? 155  ILE A O   1 
ATOM   388  C  CB  . ILE A 1 54  ? -8.339  -1.669  4.420   1.00 30.92  ? 155  ILE A CB  1 
ATOM   389  C  CG1 . ILE A 1 54  ? -7.921  -3.021  3.770   1.00 29.60  ? 155  ILE A CG1 1 
ATOM   390  C  CG2 . ILE A 1 54  ? -8.552  -1.762  5.935   1.00 25.32  ? 155  ILE A CG2 1 
ATOM   391  C  CD1 . ILE A 1 54  ? -6.456  -3.519  3.960   1.00 25.17  ? 155  ILE A CD1 1 
ATOM   392  N  N   . ARG A 1 55  ? -9.613  1.220   4.142   1.00 31.64  ? 156  ARG A N   1 
ATOM   393  C  CA  . ARG A 1 55  ? -10.064 2.451   4.801   1.00 31.53  ? 156  ARG A CA  1 
ATOM   394  C  C   . ARG A 1 55  ? -11.537 2.752   4.569   1.00 33.48  ? 156  ARG A C   1 
ATOM   395  O  O   . ARG A 1 55  ? -12.202 3.224   5.483   1.00 35.36  ? 156  ARG A O   1 
ATOM   396  C  CB  . ARG A 1 55  ? -9.222  3.619   4.325   1.00 34.22  ? 156  ARG A CB  1 
ATOM   397  C  CG  . ARG A 1 55  ? -9.637  5.039   4.864   1.00 38.08  ? 156  ARG A CG  1 
ATOM   398  C  CD  . ARG A 1 55  ? -9.034  6.110   3.946   1.00 37.28  ? 156  ARG A CD  1 
ATOM   399  N  NE  . ARG A 1 55  ? -8.466  7.151   4.807   1.00 48.44  ? 156  ARG A NE  1 
ATOM   400  C  CZ  . ARG A 1 55  ? -7.564  8.092   4.490   1.00 48.21  ? 156  ARG A CZ  1 
ATOM   401  N  NH1 . ARG A 1 55  ? -7.055  8.181   3.254   1.00 46.15  ? 156  ARG A NH1 1 
ATOM   402  N  NH2 . ARG A 1 55  ? -7.171  8.977   5.435   1.00 47.82  ? 156  ARG A NH2 1 
ATOM   403  N  N   . ALA A 1 56  ? -12.040 2.469   3.368   1.00 34.41  ? 157  ALA A N   1 
ATOM   404  C  CA  . ALA A 1 56  ? -13.453 2.683   3.033   1.00 32.67  ? 157  ALA A CA  1 
ATOM   405  C  C   . ALA A 1 56  ? -14.358 1.523   3.438   1.00 34.20  ? 157  ALA A C   1 
ATOM   406  O  O   . ALA A 1 56  ? -15.457 1.731   3.967   1.00 36.03  ? 157  ALA A O   1 
ATOM   407  C  CB  . ALA A 1 56  ? -13.601 2.929   1.524   1.00 32.00  ? 157  ALA A CB  1 
ATOM   408  N  N   . GLY A 1 57  ? -13.877 0.303   3.241   1.00 33.20  ? 158  GLY A N   1 
ATOM   409  C  CA  . GLY A 1 57  ? -14.732 -0.836  3.485   1.00 32.54  ? 158  GLY A CA  1 
ATOM   410  C  C   . GLY A 1 57  ? -14.688 -1.629  4.761   1.00 35.63  ? 158  GLY A C   1 
ATOM   411  O  O   . GLY A 1 57  ? -15.532 -2.520  4.913   1.00 36.74  ? 158  GLY A O   1 
ATOM   412  N  N   . SER A 1 58  ? -13.804 -1.313  5.691   1.00 34.01  ? 159  SER A N   1 
ATOM   413  C  CA  . SER A 1 58  ? -13.785 -2.124  6.875   1.00 30.71  ? 159  SER A CA  1 
ATOM   414  C  C   . SER A 1 58  ? -14.776 -1.624  7.917   1.00 32.45  ? 159  SER A C   1 
ATOM   415  O  O   . SER A 1 58  ? -15.107 -0.428  7.984   1.00 31.85  ? 159  SER A O   1 
ATOM   416  C  CB  . SER A 1 58  ? -12.344 -2.198  7.405   1.00 32.16  ? 159  SER A CB  1 
ATOM   417  O  OG  . SER A 1 58  ? -12.254 -2.672  8.752   1.00 26.73  ? 159  SER A OG  1 
ATOM   418  N  N   . GLN A 1 59  ? -15.274 -2.538  8.733   1.00 33.63  ? 160  GLN A N   1 
ATOM   419  C  CA  . GLN A 1 59  ? -16.197 -2.116  9.760   1.00 38.65  ? 160  GLN A CA  1 
ATOM   420  C  C   . GLN A 1 59  ? -15.458 -2.061  11.104  1.00 39.78  ? 160  GLN A C   1 
ATOM   421  O  O   . GLN A 1 59  ? -16.076 -1.815  12.142  1.00 41.16  ? 160  GLN A O   1 
ATOM   422  C  CB  . GLN A 1 59  ? -17.382 -3.085  9.854   1.00 41.62  ? 160  GLN A CB  1 
ATOM   423  C  CG  . GLN A 1 59  ? -18.366 -3.077  8.651   1.00 47.66  ? 160  GLN A CG  1 
ATOM   424  C  CD  . GLN A 1 59  ? -19.428 -4.168  8.815   1.00 52.45  ? 160  GLN A CD  1 
ATOM   425  O  OE1 . GLN A 1 59  ? -19.265 -5.290  8.320   1.00 53.90  ? 160  GLN A OE1 1 
ATOM   426  N  NE2 . GLN A 1 59  ? -20.491 -3.858  9.572   1.00 55.54  ? 160  GLN A NE2 1 
ATOM   427  N  N   . VAL A 1 60  ? -14.151 -2.316  11.093  1.00 39.16  ? 161  VAL A N   1 
ATOM   428  C  CA  . VAL A 1 60  ? -13.365 -2.265  12.314  1.00 37.88  ? 161  VAL A CA  1 
ATOM   429  C  C   . VAL A 1 60  ? -12.637 -0.937  12.289  1.00 38.73  ? 161  VAL A C   1 
ATOM   430  O  O   . VAL A 1 60  ? -11.763 -0.716  11.462  1.00 41.50  ? 161  VAL A O   1 
ATOM   431  C  CB  . VAL A 1 60  ? -12.363 -3.447  12.386  1.00 38.94  ? 161  VAL A CB  1 
ATOM   432  C  CG1 . VAL A 1 60  ? -11.584 -3.395  13.715  1.00 37.07  ? 161  VAL A CG1 1 
ATOM   433  C  CG2 . VAL A 1 60  ? -13.147 -4.794  12.252  1.00 31.30  ? 161  VAL A CG2 1 
ATOM   434  N  N   . GLU A 1 61  ? -13.025 -0.037  13.176  1.00 37.49  ? 162  GLU A N   1 
ATOM   435  C  CA  . GLU A 1 61  ? -12.417 1.289   13.256  1.00 39.32  ? 162  GLU A CA  1 
ATOM   436  C  C   . GLU A 1 61  ? -10.868 1.326   13.321  1.00 37.04  ? 162  GLU A C   1 
ATOM   437  O  O   . GLU A 1 61  ? -10.230 2.199   12.782  1.00 35.81  ? 162  GLU A O   1 
ATOM   438  C  CB  . GLU A 1 61  ? -13.027 1.999   14.472  1.00 42.95  ? 162  GLU A CB  1 
ATOM   439  C  CG  . GLU A 1 61  ? -12.587 3.419   14.712  1.00 46.57  ? 162  GLU A CG  1 
ATOM   440  C  CD  . GLU A 1 61  ? -13.095 3.916   16.057  1.00 50.95  ? 162  GLU A CD  1 
ATOM   441  O  OE1 . GLU A 1 61  ? -12.629 4.964   16.517  1.00 54.42  ? 162  GLU A OE1 1 
ATOM   442  O  OE2 . GLU A 1 61  ? -13.957 3.259   16.681  1.00 52.36  ? 162  GLU A OE2 1 
ATOM   443  N  N   . GLU A 1 62  ? -10.251 0.388   14.019  1.00 39.47  ? 163  GLU A N   1 
ATOM   444  C  CA  . GLU A 1 62  ? -8.791  0.386   14.115  1.00 42.20  ? 163  GLU A CA  1 
ATOM   445  C  C   . GLU A 1 62  ? -8.188  0.111   12.750  1.00 40.55  ? 163  GLU A C   1 
ATOM   446  O  O   . GLU A 1 62  ? -7.168  0.716   12.389  1.00 42.51  ? 163  GLU A O   1 
ATOM   447  C  CB  . GLU A 1 62  ? -8.307  -0.645  15.143  1.00 45.79  ? 163  GLU A CB  1 
ATOM   448  C  CG  . GLU A 1 62  ? -6.788  -0.877  15.157  1.00 55.28  ? 163  GLU A CG  1 
ATOM   449  C  CD  . GLU A 1 62  ? -5.943  0.377   15.511  1.00 60.65  ? 163  GLU A CD  1 
ATOM   450  O  OE1 . GLU A 1 62  ? -4.667  0.259   15.631  1.00 63.80  ? 163  GLU A OE1 1 
ATOM   451  O  OE2 . GLU A 1 62  ? -6.565  1.468   15.662  1.00 62.01  ? 163  GLU A OE2 1 
ATOM   452  N  N   . SER A 1 63  ? -8.839  -0.757  11.976  1.00 37.66  ? 164  SER A N   1 
ATOM   453  C  CA  . SER A 1 63  ? -8.342  -1.067  10.643  1.00 34.10  ? 164  SER A CA  1 
ATOM   454  C  C   . SER A 1 63  ? -8.451  0.113   9.704   1.00 33.07  ? 164  SER A C   1 
ATOM   455  O  O   . SER A 1 63  ? -7.529  0.348   8.918   1.00 33.76  ? 164  SER A O   1 
ATOM   456  C  CB  . SER A 1 63  ? -9.050  -2.269  10.070  1.00 32.01  ? 164  SER A CB  1 
ATOM   457  O  OG  . SER A 1 63  ? -8.713  -3.393  10.851  1.00 33.46  ? 164  SER A OG  1 
ATOM   458  N  N   . ARG A 1 64  ? -9.538  0.882   9.808   1.00 31.47  ? 165  ARG A N   1 
ATOM   459  C  CA  . ARG A 1 64  ? -9.689  2.065   8.955   1.00 30.83  ? 165  ARG A CA  1 
ATOM   460  C  C   . ARG A 1 64  ? -8.631  3.138   9.283   1.00 32.22  ? 165  ARG A C   1 
ATOM   461  O  O   . ARG A 1 64  ? -8.023  3.705   8.373   1.00 31.94  ? 165  ARG A O   1 
ATOM   462  C  CB  . ARG A 1 64  ? -11.109 2.684   9.070   1.00 31.09  ? 165  ARG A CB  1 
ATOM   463  C  CG  . ARG A 1 64  ? -12.288 1.728   8.711   1.00 29.55  ? 165  ARG A CG  1 
ATOM   464  C  CD  . ARG A 1 64  ? -13.685 2.448   8.532   1.00 31.29  ? 165  ARG A CD  1 
ATOM   465  N  NE  . ARG A 1 64  ? -14.227 3.054   9.753   1.00 31.88  ? 165  ARG A NE  1 
ATOM   466  C  CZ  . ARG A 1 64  ? -14.972 2.455   10.689  1.00 34.62  ? 165  ARG A CZ  1 
ATOM   467  N  NH1 . ARG A 1 64  ? -15.362 1.198   10.593  1.00 35.69  ? 165  ARG A NH1 1 
ATOM   468  N  NH2 . ARG A 1 64  ? -15.169 3.061   11.856  1.00 36.42  ? 165  ARG A NH2 1 
ATOM   469  N  N   . ILE A 1 65  ? -8.431  3.441   10.565  1.00 34.38  ? 166  ILE A N   1 
ATOM   470  C  CA  . ILE A 1 65  ? -7.425  4.428   10.982  1.00 33.22  ? 166  ILE A CA  1 
ATOM   471  C  C   . ILE A 1 65  ? -6.011  3.944   10.502  1.00 32.86  ? 166  ILE A C   1 
ATOM   472  O  O   . ILE A 1 65  ? -5.290  4.696   9.826   1.00 31.48  ? 166  ILE A O   1 
ATOM   473  C  CB  . ILE A 1 65  ? -7.406  4.607   12.547  1.00 36.13  ? 166  ILE A CB  1 
ATOM   474  C  CG1 . ILE A 1 65  ? -8.782  5.010   13.113  1.00 35.28  ? 166  ILE A CG1 1 
ATOM   475  C  CG2 . ILE A 1 65  ? -6.337  5.604   12.909  1.00 36.48  ? 166  ILE A CG2 1 
ATOM   476  C  CD1 . ILE A 1 65  ? -9.368  6.127   12.454  1.00 36.36  ? 166  ILE A CD1 1 
ATOM   477  N  N   . GLN A 1 66  ? -5.629  2.694   10.789  1.00 34.19  ? 167  GLN A N   1 
ATOM   478  C  CA  . GLN A 1 66  ? -4.314  2.209   10.340  1.00 35.30  ? 167  GLN A CA  1 
ATOM   479  C  C   . GLN A 1 66  ? -4.157  2.362   8.828   1.00 35.89  ? 167  GLN A C   1 
ATOM   480  O  O   . GLN A 1 66  ? -3.151  2.911   8.349   1.00 35.97  ? 167  GLN A O   1 
ATOM   481  C  CB  . GLN A 1 66  ? -4.121  0.734   10.684  1.00 40.41  ? 167  GLN A CB  1 
ATOM   482  C  CG  . GLN A 1 66  ? -3.534  0.482   12.038  1.00 44.84  ? 167  GLN A CG  1 
ATOM   483  C  CD  . GLN A 1 66  ? -2.458  1.524   12.328  1.00 50.66  ? 167  GLN A CD  1 
ATOM   484  O  OE1 . GLN A 1 66  ? -2.750  2.505   13.000  1.00 52.99  ? 167  GLN A OE1 1 
ATOM   485  N  NE2 . GLN A 1 66  ? -1.224  1.350   11.776  1.00 52.08  ? 167  GLN A NE2 1 
ATOM   486  N  N   . ALA A 1 67  ? -5.152  1.904   8.074   1.00 34.45  ? 168  ALA A N   1 
ATOM   487  C  CA  . ALA A 1 67  ? -5.032  1.997   6.629   1.00 34.10  ? 168  ALA A CA  1 
ATOM   488  C  C   . ALA A 1 67  ? -4.893  3.471   6.227   1.00 33.68  ? 168  ALA A C   1 
ATOM   489  O  O   . ALA A 1 67  ? -4.115  3.810   5.319   1.00 33.74  ? 168  ALA A O   1 
ATOM   490  C  CB  . ALA A 1 67  ? -6.232  1.341   5.942   1.00 33.36  ? 168  ALA A CB  1 
ATOM   491  N  N   . GLY A 1 68  ? -5.634  4.357   6.894   1.00 32.92  ? 169  GLY A N   1 
ATOM   492  C  CA  . GLY A 1 68  ? -5.507  5.782   6.575   1.00 33.54  ? 169  GLY A CA  1 
ATOM   493  C  C   . GLY A 1 68  ? -4.122  6.341   6.958   1.00 33.72  ? 169  GLY A C   1 
ATOM   494  O  O   . GLY A 1 68  ? -3.485  7.048   6.171   1.00 32.55  ? 169  GLY A O   1 
ATOM   495  N  N   . ARG A 1 69  ? -3.637  6.025   8.162   1.00 34.62  ? 170  ARG A N   1 
ATOM   496  C  CA  . ARG A 1 69  ? -2.299  6.471   8.575   1.00 36.73  ? 170  ARG A CA  1 
ATOM   497  C  C   . ARG A 1 69  ? -1.319  6.030   7.456   1.00 37.34  ? 170  ARG A C   1 
ATOM   498  O  O   . ARG A 1 69  ? -0.619  6.842   6.892   1.00 38.11  ? 170  ARG A O   1 
ATOM   499  C  CB  . ARG A 1 69  ? -1.855  5.793   9.868   1.00 37.23  ? 170  ARG A CB  1 
ATOM   500  C  CG  . ARG A 1 69  ? -2.592  6.137   11.122  1.00 41.59  ? 170  ARG A CG  1 
ATOM   501  C  CD  . ARG A 1 69  ? -1.730  5.888   12.431  1.00 45.92  ? 170  ARG A CD  1 
ATOM   502  N  NE  . ARG A 1 69  ? -2.367  6.708   13.475  1.00 56.48  ? 170  ARG A NE  1 
ATOM   503  C  CZ  . ARG A 1 69  ? -3.146  6.279   14.480  1.00 59.63  ? 170  ARG A CZ  1 
ATOM   504  N  NH1 . ARG A 1 69  ? -3.701  7.163   15.326  1.00 58.54  ? 170  ARG A NH1 1 
ATOM   505  N  NH2 . ARG A 1 69  ? -3.333  4.977   14.700  1.00 61.37  ? 170  ARG A NH2 1 
ATOM   506  N  N   . LEU A 1 70  ? -1.300  4.751   7.110   1.00 36.03  ? 171  LEU A N   1 
ATOM   507  C  CA  . LEU A 1 70  ? -0.410  4.270   6.076   1.00 34.31  ? 171  LEU A CA  1 
ATOM   508  C  C   . LEU A 1 70  ? -0.557  4.956   4.725   1.00 35.89  ? 171  LEU A C   1 
ATOM   509  O  O   . LEU A 1 70  ? 0.436   5.207   4.067   1.00 38.40  ? 171  LEU A O   1 
ATOM   510  C  CB  . LEU A 1 70  ? -0.621  2.799   5.941   1.00 32.92  ? 171  LEU A CB  1 
ATOM   511  C  CG  . LEU A 1 70  ? 0.185   1.770   6.700   1.00 35.72  ? 171  LEU A CG  1 
ATOM   512  C  CD1 . LEU A 1 70  ? 1.055   2.359   7.768   1.00 35.15  ? 171  LEU A CD1 1 
ATOM   513  C  CD2 . LEU A 1 70  ? -0.729  0.748   7.154   1.00 30.93  ? 171  LEU A CD2 1 
ATOM   514  N  N   . LEU A 1 71  ? -1.762  5.290   4.285   1.00 39.12  ? 172  LEU A N   1 
ATOM   515  C  CA  . LEU A 1 71  ? -1.875  5.974   2.974   1.00 39.77  ? 172  LEU A CA  1 
ATOM   516  C  C   . LEU A 1 71  ? -1.345  7.401   3.005   1.00 40.51  ? 172  LEU A C   1 
ATOM   517  O  O   . LEU A 1 71  ? -0.925  7.962   2.009   1.00 42.30  ? 172  LEU A O   1 
ATOM   518  C  CB  . LEU A 1 71  ? -3.331  6.051   2.522   1.00 38.48  ? 172  LEU A CB  1 
ATOM   519  C  CG  . LEU A 1 71  ? -3.879  4.847   1.789   1.00 36.49  ? 172  LEU A CG  1 
ATOM   520  C  CD1 . LEU A 1 71  ? -5.401  4.921   1.790   1.00 35.52  ? 172  LEU A CD1 1 
ATOM   521  C  CD2 . LEU A 1 71  ? -3.273  4.804   0.397   1.00 29.93  ? 172  LEU A CD2 1 
ATOM   522  N  N   . GLU A 1 72  ? -1.430  8.016   4.165   1.00 42.94  ? 173  GLU A N   1 
ATOM   523  C  CA  . GLU A 1 72  ? -0.983  9.383   4.306   1.00 44.40  ? 173  GLU A CA  1 
ATOM   524  C  C   . GLU A 1 72  ? 0.481   9.505   4.703   1.00 43.77  ? 173  GLU A C   1 
ATOM   525  O  O   . GLU A 1 72  ? 1.020   10.585  4.604   1.00 44.22  ? 173  GLU A O   1 
ATOM   526  C  CB  . GLU A 1 72  ? -1.819  10.115  5.364   1.00 46.24  ? 173  GLU A CB  1 
ATOM   527  C  CG  . GLU A 1 72  ? -3.270  10.291  5.024   1.00 50.55  ? 173  GLU A CG  1 
ATOM   528  C  CD  . GLU A 1 72  ? -3.538  11.367  3.994   1.00 52.44  ? 173  GLU A CD  1 
ATOM   529  O  OE1 . GLU A 1 72  ? -2.645  12.148  3.615   1.00 57.08  ? 173  GLU A OE1 1 
ATOM   530  O  OE2 . GLU A 1 72  ? -4.690  11.445  3.562   1.00 56.65  ? 173  GLU A OE2 1 
ATOM   531  N  N   . ARG A 1 73  ? 1.107   8.431   5.186   1.00 42.94  ? 174  ARG A N   1 
ATOM   532  C  CA  . ARG A 1 73  ? 2.505   8.459   5.625   1.00 43.41  ? 174  ARG A CA  1 
ATOM   533  C  C   . ARG A 1 73  ? 3.420   8.924   4.506   1.00 44.01  ? 174  ARG A C   1 
ATOM   534  O  O   . ARG A 1 73  ? 3.316   8.445   3.395   1.00 45.94  ? 174  ARG A O   1 
ATOM   535  C  CB  . ARG A 1 73  ? 2.937   7.080   6.073   1.00 43.65  ? 174  ARG A CB  1 
ATOM   536  C  CG  . ARG A 1 73  ? 4.378   7.035   6.465   1.00 38.67  ? 174  ARG A CG  1 
ATOM   537  C  CD  . ARG A 1 73  ? 4.627   5.849   7.306   1.00 37.95  ? 174  ARG A CD  1 
ATOM   538  N  NE  . ARG A 1 73  ? 3.694   5.692   8.413   1.00 37.29  ? 174  ARG A NE  1 
ATOM   539  C  CZ  . ARG A 1 73  ? 3.642   4.570   9.106   1.00 35.41  ? 174  ARG A CZ  1 
ATOM   540  N  NH1 . ARG A 1 73  ? 4.484   3.610   8.743   1.00 34.72  ? 174  ARG A NH1 1 
ATOM   541  N  NH2 . ARG A 1 73  ? 2.763   4.402   10.096  1.00 35.27  ? 174  ARG A NH2 1 
ATOM   542  N  N   . SER A 1 74  ? 4.306   9.875   4.765   1.00 44.44  ? 175  SER A N   1 
ATOM   543  C  CA  . SER A 1 74  ? 5.161   10.370  3.683   1.00 46.69  ? 175  SER A CA  1 
ATOM   544  C  C   . SER A 1 74  ? 6.327   9.430   3.507   1.00 44.68  ? 175  SER A C   1 
ATOM   545  O  O   . SER A 1 74  ? 6.959   8.988   4.471   1.00 46.51  ? 175  SER A O   1 
ATOM   546  C  CB  . SER A 1 74  ? 5.675   11.774  4.007   1.00 48.65  ? 175  SER A CB  1 
ATOM   547  O  OG  . SER A 1 74  ? 6.231   11.683  5.303   1.00 51.73  ? 175  SER A OG  1 
ATOM   548  N  N   . ILE A 1 75  ? 6.556   9.120   2.236   1.00 44.10  ? 176  ILE A N   1 
ATOM   549  C  CA  . ILE A 1 75  ? 7.611   8.245   1.732   1.00 45.45  ? 176  ILE A CA  1 
ATOM   550  C  C   . ILE A 1 75  ? 8.486   9.225   0.952   1.00 46.57  ? 176  ILE A C   1 
ATOM   551  O  O   . ILE A 1 75  ? 8.127   9.672   -0.167  1.00 44.47  ? 176  ILE A O   1 
ATOM   552  C  CB  . ILE A 1 75  ? 7.016   7.182   0.738   1.00 43.72  ? 176  ILE A CB  1 
ATOM   553  C  CG1 . ILE A 1 75  ? 5.908   6.352   1.453   1.00 42.34  ? 176  ILE A CG1 1 
ATOM   554  C  CG2 . ILE A 1 75  ? 8.145   6.371   0.097   1.00 42.12  ? 176  ILE A CG2 1 
ATOM   555  C  CD1 . ILE A 1 75  ? 6.293   5.806   2.838   1.00 36.12  ? 176  ILE A CD1 1 
ATOM   556  N  N   . GLY A 1 76  ? 9.616   9.579   1.567   1.00 48.51  ? 177  GLY A N   1 
ATOM   557  C  CA  . GLY A 1 76  ? 10.520  10.555  0.975   1.00 52.46  ? 177  GLY A CA  1 
ATOM   558  C  C   . GLY A 1 76  ? 9.818   11.897  0.769   1.00 53.02  ? 177  GLY A C   1 
ATOM   559  O  O   . GLY A 1 76  ? 9.861   12.501  -0.315  1.00 52.88  ? 177  GLY A O   1 
ATOM   560  N  N   . GLY A 1 77  ? 9.125   12.346  1.810   1.00 54.55  ? 178  GLY A N   1 
ATOM   561  C  CA  . GLY A 1 77  ? 8.404   13.600  1.717   1.00 57.89  ? 178  GLY A CA  1 
ATOM   562  C  C   . GLY A 1 77  ? 7.050   13.545  1.011   1.00 60.26  ? 178  GLY A C   1 
ATOM   563  O  O   . GLY A 1 77  ? 6.226   14.427  1.234   1.00 62.57  ? 178  GLY A O   1 
ATOM   564  N  N   . ILE A 1 78  ? 6.822   12.567  0.132   1.00 59.82  ? 179  ILE A N   1 
ATOM   565  C  CA  . ILE A 1 78  ? 5.530   12.414  -0.552  1.00 57.94  ? 179  ILE A CA  1 
ATOM   566  C  C   . ILE A 1 78  ? 4.737   11.260  0.095   1.00 55.98  ? 179  ILE A C   1 
ATOM   567  O  O   . ILE A 1 78  ? 5.297   10.221  0.446   1.00 56.35  ? 179  ILE A O   1 
ATOM   568  C  CB  . ILE A 1 78  ? 5.729   12.098  -2.020  1.00 59.59  ? 179  ILE A CB  1 
ATOM   569  C  CG1 . ILE A 1 78  ? 6.359   13.290  -2.701  1.00 62.76  ? 179  ILE A CG1 1 
ATOM   570  C  CG2 . ILE A 1 78  ? 4.440   11.908  -2.701  1.00 59.88  ? 179  ILE A CG2 1 
ATOM   571  C  CD1 . ILE A 1 78  ? 6.901   12.948  -4.081  1.00 64.11  ? 179  ILE A CD1 1 
ATOM   572  N  N   . ALA A 1 79  ? 3.431   11.473  0.242   1.00 52.88  ? 180  ALA A N   1 
ATOM   573  C  CA  . ALA A 1 79  ? 2.489   10.524  0.844   1.00 50.88  ? 180  ALA A CA  1 
ATOM   574  C  C   . ALA A 1 79  ? 2.446   9.172   0.137   1.00 49.12  ? 180  ALA A C   1 
ATOM   575  O  O   . ALA A 1 79  ? 2.258   9.128   -1.074  1.00 48.31  ? 180  ALA A O   1 
ATOM   576  C  CB  . ALA A 1 79  ? 1.059   11.138  0.821   1.00 47.06  ? 180  ALA A CB  1 
ATOM   577  N  N   . LEU A 1 80  ? 2.573   8.072   0.878   1.00 47.10  ? 181  LEU A N   1 
ATOM   578  C  CA  . LEU A 1 80  ? 2.487   6.748   0.249   1.00 48.35  ? 181  LEU A CA  1 
ATOM   579  C  C   . LEU A 1 80  ? 1.453   6.695   -0.866  1.00 50.12  ? 181  LEU A C   1 
ATOM   580  O  O   . LEU A 1 80  ? 1.683   6.116   -1.913  1.00 50.86  ? 181  LEU A O   1 
ATOM   581  C  CB  . LEU A 1 80  ? 2.115   5.655   1.267   1.00 44.05  ? 181  LEU A CB  1 
ATOM   582  C  CG  . LEU A 1 80  ? 1.789   4.257   0.672   1.00 41.67  ? 181  LEU A CG  1 
ATOM   583  C  CD1 . LEU A 1 80  ? 3.025   3.657   0.199   1.00 44.69  ? 181  LEU A CD1 1 
ATOM   584  C  CD2 . LEU A 1 80  ? 1.210   3.309   1.676   1.00 35.73  ? 181  LEU A CD2 1 
ATOM   585  N  N   . GLN A 1 81  ? 0.312   7.317   -0.667  1.00 53.55  ? 182  GLN A N   1 
ATOM   586  C  CA  . GLN A 1 81  ? -0.692  7.207   -1.693  1.00 58.06  ? 182  GLN A CA  1 
ATOM   587  C  C   . GLN A 1 81  ? -0.457  7.943   -3.009  1.00 62.79  ? 182  GLN A C   1 
ATOM   588  O  O   . GLN A 1 81  ? -1.278  7.883   -3.913  1.00 63.57  ? 182  GLN A O   1 
ATOM   589  C  CB  . GLN A 1 81  ? -2.024  7.564   -1.085  1.00 56.26  ? 182  GLN A CB  1 
ATOM   590  C  CG  . GLN A 1 81  ? -2.552  8.846   -1.477  1.00 58.92  ? 182  GLN A CG  1 
ATOM   591  C  CD  . GLN A 1 81  ? -3.566  9.355   -0.460  1.00 61.53  ? 182  GLN A CD  1 
ATOM   592  O  OE1 . GLN A 1 81  ? -4.603  8.703   -0.212  1.00 63.33  ? 182  GLN A OE1 1 
ATOM   593  N  NE2 . GLN A 1 81  ? -3.272  10.523  0.147   1.00 59.81  ? 182  GLN A NE2 1 
ATOM   594  N  N   . GLN A 1 82  ? 0.667   8.626   -3.131  1.00 68.16  ? 183  GLN A N   1 
ATOM   595  C  CA  . GLN A 1 82  ? 0.957   9.330   -4.361  1.00 73.14  ? 183  GLN A CA  1 
ATOM   596  C  C   . GLN A 1 82  ? 1.850   8.392   -5.138  1.00 76.24  ? 183  GLN A C   1 
ATOM   597  O  O   . GLN A 1 82  ? 1.837   8.388   -6.367  1.00 77.00  ? 183  GLN A O   1 
ATOM   598  C  CB  . GLN A 1 82  ? 1.723   10.633  -4.094  1.00 75.01  ? 183  GLN A CB  1 
ATOM   599  C  CG  . GLN A 1 82  ? 1.207   11.524  -2.956  1.00 76.29  ? 183  GLN A CG  1 
ATOM   600  C  CD  . GLN A 1 82  ? -0.035  12.321  -3.294  1.00 77.84  ? 183  GLN A CD  1 
ATOM   601  O  OE1 . GLN A 1 82  ? -0.494  12.315  -4.442  1.00 78.28  ? 183  GLN A OE1 1 
ATOM   602  N  NE2 . GLN A 1 82  ? -0.588  13.025  -2.286  1.00 78.00  ? 183  GLN A NE2 1 
ATOM   603  N  N   . TRP A 1 83  ? 2.619   7.592   -4.409  1.00 79.24  ? 184  TRP A N   1 
ATOM   604  C  CA  . TRP A 1 83  ? 3.540   6.664   -5.029  1.00 82.51  ? 184  TRP A CA  1 
ATOM   605  C  C   . TRP A 1 83  ? 2.979   5.640   -6.002  1.00 86.24  ? 184  TRP A C   1 
ATOM   606  O  O   . TRP A 1 83  ? 3.736   4.957   -6.688  1.00 86.34  ? 184  TRP A O   1 
ATOM   607  C  CB  . TRP A 1 83  ? 4.316   5.953   -3.956  1.00 81.14  ? 184  TRP A CB  1 
ATOM   608  C  CG  . TRP A 1 83  ? 5.223   6.848   -3.325  1.00 81.20  ? 184  TRP A CG  1 
ATOM   609  C  CD1 . TRP A 1 83  ? 4.931   7.770   -2.395  1.00 81.17  ? 184  TRP A CD1 1 
ATOM   610  C  CD2 . TRP A 1 83  ? 6.614   6.936   -3.579  1.00 82.65  ? 184  TRP A CD2 1 
ATOM   611  N  NE1 . TRP A 1 83  ? 6.059   8.447   -2.033  1.00 81.61  ? 184  TRP A NE1 1 
ATOM   612  C  CE2 . TRP A 1 83  ? 7.108   7.962   -2.750  1.00 82.36  ? 184  TRP A CE2 1 
ATOM   613  C  CE3 . TRP A 1 83  ? 7.485   6.267   -4.438  1.00 83.52  ? 184  TRP A CE3 1 
ATOM   614  C  CZ2 . TRP A 1 83  ? 8.458   8.317   -2.738  1.00 83.65  ? 184  TRP A CZ2 1 
ATOM   615  C  CZ3 . TRP A 1 83  ? 8.826   6.622   -4.432  1.00 83.02  ? 184  TRP A CZ3 1 
ATOM   616  C  CH2 . TRP A 1 83  ? 9.300   7.649   -3.589  1.00 83.98  ? 184  TRP A CH2 1 
ATOM   617  N  N   . GLY A 1 84  ? 1.661   5.520   -6.081  1.00 90.45  ? 185  GLY A N   1 
ATOM   618  C  CA  . GLY A 1 84  ? 1.088   4.554   -7.009  1.00 96.05  ? 185  GLY A CA  1 
ATOM   619  C  C   . GLY A 1 84  ? 0.620   5.151   -8.332  1.00 99.88  ? 185  GLY A C   1 
ATOM   620  O  O   . GLY A 1 84  ? -0.214  4.567   -9.039  1.00 99.43  ? 185  GLY A O   1 
ATOM   621  N  N   . THR A 1 85  ? 1.181   6.309   -8.676  1.00 104.05 ? 186  THR A N   1 
ATOM   622  C  CA  . THR A 1 85  ? 0.815   7.028   -9.892  1.00 108.13 ? 186  THR A CA  1 
ATOM   623  C  C   . THR A 1 85  ? 1.666   6.787   -11.153 1.00 110.50 ? 186  THR A C   1 
ATOM   624  O  O   . THR A 1 85  ? 2.906   6.636   -11.113 1.00 111.22 ? 186  THR A O   1 
ATOM   625  C  CB  . THR A 1 85  ? 0.721   8.567   -9.594  1.00 108.53 ? 186  THR A CB  1 
ATOM   626  O  OG1 . THR A 1 85  ? -0.452  8.815   -8.806  1.00 108.29 ? 186  THR A OG1 1 
ATOM   627  C  CG2 . THR A 1 85  ? 0.656   9.405   -10.890 1.00 109.40 ? 186  THR A CG2 1 
ATOM   628  N  N   . THR A 1 86  ? 0.936   6.735   -12.267 1.00 112.70 ? 187  THR A N   1 
ATOM   629  C  CA  . THR A 1 86  ? 1.474   6.552   -13.604 1.00 114.52 ? 187  THR A CA  1 
ATOM   630  C  C   . THR A 1 86  ? 2.028   7.922   -13.998 1.00 115.26 ? 187  THR A C   1 
ATOM   631  O  O   . THR A 1 86  ? 1.265   8.830   -14.367 1.00 115.55 ? 187  THR A O   1 
ATOM   632  C  CB  . THR A 1 86  ? 0.336   6.095   -14.613 1.00 115.36 ? 187  THR A CB  1 
ATOM   633  O  OG1 . THR A 1 86  ? 0.836   6.084   -15.958 1.00 115.61 ? 187  THR A OG1 1 
ATOM   634  C  CG2 . THR A 1 86  ? -0.896  7.029   -14.530 1.00 115.25 ? 187  THR A CG2 1 
ATOM   635  N  N   . GLY A 1 87  ? 3.346   8.076   -13.864 1.00 115.73 ? 188  GLY A N   1 
ATOM   636  C  CA  . GLY A 1 87  ? 4.007   9.324   -14.223 1.00 116.22 ? 188  GLY A CA  1 
ATOM   637  C  C   . GLY A 1 87  ? 3.554   10.578  -13.495 1.00 116.28 ? 188  GLY A C   1 
ATOM   638  O  O   . GLY A 1 87  ? 2.958   11.482  -14.093 1.00 116.53 ? 188  GLY A O   1 
ATOM   639  N  N   . GLY A 1 88  ? 3.836   10.635  -12.200 1.00 116.03 ? 189  GLY A N   1 
ATOM   640  C  CA  . GLY A 1 88  ? 3.459   11.799  -11.430 1.00 115.56 ? 189  GLY A CA  1 
ATOM   641  C  C   . GLY A 1 88  ? 4.730   12.413  -10.890 1.00 115.16 ? 189  GLY A C   1 
ATOM   642  O  O   . GLY A 1 88  ? 5.701   12.601  -11.626 1.00 115.59 ? 189  GLY A O   1 
ATOM   643  N  N   . ALA A 1 89  ? 4.710   12.709  -9.595  1.00 114.47 ? 190  ALA A N   1 
ATOM   644  C  CA  . ALA A 1 89  ? 5.834   13.296  -8.875  1.00 113.59 ? 190  ALA A CA  1 
ATOM   645  C  C   . ALA A 1 89  ? 6.698   12.182  -8.306  1.00 113.27 ? 190  ALA A C   1 
ATOM   646  O  O   . ALA A 1 89  ? 7.845   12.407  -7.921  1.00 113.00 ? 190  ALA A O   1 
ATOM   647  C  CB  . ALA A 1 89  ? 5.316   14.159  -7.732  1.00 113.32 ? 190  ALA A CB  1 
ATOM   648  N  N   . ALA A 1 90  ? 6.125   10.988  -8.236  1.00 112.84 ? 191  ALA A N   1 
ATOM   649  C  CA  . ALA A 1 90  ? 6.813   9.828   -7.690  1.00 112.25 ? 191  ALA A CA  1 
ATOM   650  C  C   . ALA A 1 90  ? 7.836   9.252   -8.685  1.00 111.84 ? 191  ALA A C   1 
ATOM   651  O  O   . ALA A 1 90  ? 8.994   8.978   -8.323  1.00 110.95 ? 191  ALA A O   1 
ATOM   652  C  CB  . ALA A 1 90  ? 5.777   8.764   -7.304  1.00 112.35 ? 191  ALA A CB  1 
ATOM   653  N  N   . SER A 1 91  ? 7.388   9.087   -9.933  1.00 111.34 ? 192  SER A N   1 
ATOM   654  C  CA  . SER A 1 91  ? 8.181   8.539   -11.042 1.00 110.47 ? 192  SER A CA  1 
ATOM   655  C  C   . SER A 1 91  ? 9.480   9.324   -11.289 1.00 109.56 ? 192  SER A C   1 
ATOM   656  O  O   . SER A 1 91  ? 10.564  8.738   -11.433 1.00 109.22 ? 192  SER A O   1 
ATOM   657  C  CB  . SER A 1 91  ? 7.316   8.530   -12.313 1.00 110.82 ? 192  SER A CB  1 
ATOM   658  O  OG  . SER A 1 91  ? 5.976   8.145   -12.022 1.00 111.17 ? 192  SER A OG  1 
ATOM   659  N  N   . GLN A 1 92  ? 9.345   10.649  -11.338 1.00 108.26 ? 193  GLN A N   1 
ATOM   660  C  CA  . GLN A 1 92  ? 10.462  11.569  -11.548 1.00 106.93 ? 193  GLN A CA  1 
ATOM   661  C  C   . GLN A 1 92  ? 11.333  11.679  -10.293 1.00 105.06 ? 193  GLN A C   1 
ATOM   662  O  O   . GLN A 1 92  ? 12.558  11.625  -10.360 1.00 104.72 ? 193  GLN A O   1 
ATOM   663  C  CB  . GLN A 1 92  ? 9.919   12.953  -11.921 1.00 108.27 ? 193  GLN A CB  1 
ATOM   664  C  CG  . GLN A 1 92  ? 9.514   13.138  -13.390 1.00 110.19 ? 193  GLN A CG  1 
ATOM   665  C  CD  . GLN A 1 92  ? 10.598  13.837  -14.214 1.00 111.13 ? 193  GLN A CD  1 
ATOM   666  O  OE1 . GLN A 1 92  ? 10.353  14.273  -15.344 1.00 111.70 ? 193  GLN A OE1 1 
ATOM   667  N  NE2 . GLN A 1 92  ? 11.803  13.943  -13.648 1.00 111.40 ? 193  GLN A NE2 1 
ATOM   668  N  N   . LEU A 1 93  ? 10.683  11.836  -9.149  1.00 103.14 ? 194  LEU A N   1 
ATOM   669  C  CA  . LEU A 1 93  ? 11.376  11.948  -7.877  1.00 101.24 ? 194  LEU A CA  1 
ATOM   670  C  C   . LEU A 1 93  ? 12.459  10.883  -7.800  1.00 100.49 ? 194  LEU A C   1 
ATOM   671  O  O   . LEU A 1 93  ? 13.535  11.145  -7.286  1.00 100.07 ? 194  LEU A O   1 
ATOM   672  C  CB  . LEU A 1 93  ? 10.381  11.763  -6.721  1.00 100.71 ? 194  LEU A CB  1 
ATOM   673  C  CG  . LEU A 1 93  ? 10.695  12.224  -5.287  1.00 100.14 ? 194  LEU A CG  1 
ATOM   674  C  CD1 . LEU A 1 93  ? 9.687   11.562  -4.362  1.00 100.52 ? 194  LEU A CD1 1 
ATOM   675  C  CD2 . LEU A 1 93  ? 12.103  11.848  -4.856  1.00 98.85  ? 194  LEU A CD2 1 
ATOM   676  N  N   . VAL A 1 94  ? 12.167  9.693   -8.321  1.00 99.82  ? 195  VAL A N   1 
ATOM   677  C  CA  . VAL A 1 94  ? 13.103  8.573   -8.292  1.00 99.33  ? 195  VAL A CA  1 
ATOM   678  C  C   . VAL A 1 94  ? 14.349  8.810   -9.118  1.00 98.61  ? 195  VAL A C   1 
ATOM   679  O  O   . VAL A 1 94  ? 15.460  8.661   -8.601  1.00 98.32  ? 195  VAL A O   1 
ATOM   680  C  CB  . VAL A 1 94  ? 12.437  7.267   -8.754  1.00 100.40 ? 195  VAL A CB  1 
ATOM   681  C  CG1 . VAL A 1 94  ? 13.493  6.216   -8.994  1.00 101.02 ? 195  VAL A CG1 1 
ATOM   682  C  CG2 . VAL A 1 94  ? 11.472  6.771   -7.683  1.00 99.87  ? 195  VAL A CG2 1 
ATOM   683  N  N   . LEU A 1 95  ? 14.164  9.146   -10.398 1.00 98.58  ? 196  LEU A N   1 
ATOM   684  C  CA  . LEU A 1 95  ? 15.284  9.468   -11.300 1.00 98.53  ? 196  LEU A CA  1 
ATOM   685  C  C   . LEU A 1 95  ? 16.112  10.573  -10.620 1.00 98.08  ? 196  LEU A C   1 
ATOM   686  O  O   . LEU A 1 95  ? 17.312  10.409  -10.387 1.00 97.27  ? 196  LEU A O   1 
ATOM   687  C  CB  . LEU A 1 95  ? 14.775  10.029  -12.641 1.00 99.14  ? 196  LEU A CB  1 
ATOM   688  C  CG  . LEU A 1 95  ? 14.102  9.285   -13.804 1.00 99.33  ? 196  LEU A CG  1 
ATOM   689  C  CD1 . LEU A 1 95  ? 13.321  8.065   -13.353 1.00 99.96  ? 196  LEU A CD1 1 
ATOM   690  C  CD2 . LEU A 1 95  ? 13.183  10.289  -14.488 1.00 99.00  ? 196  LEU A CD2 1 
ATOM   691  N  N   . ASP A 1 96  ? 15.422  11.684  -10.310 1.00 98.48  ? 197  ASP A N   1 
ATOM   692  C  CA  . ASP A 1 96  ? 15.952  12.903  -9.652  1.00 98.78  ? 197  ASP A CA  1 
ATOM   693  C  C   . ASP A 1 96  ? 16.342  12.769  -8.179  1.00 98.26  ? 197  ASP A C   1 
ATOM   694  O  O   . ASP A 1 96  ? 17.043  13.630  -7.634  1.00 98.55  ? 197  ASP A O   1 
ATOM   695  C  CB  . ASP A 1 96  ? 14.947  14.051  -9.776  1.00 99.45  ? 197  ASP A CB  1 
ATOM   696  C  CG  . ASP A 1 96  ? 14.866  14.599  -11.177 1.00 98.98  ? 197  ASP A CG  1 
ATOM   697  O  OD1 . ASP A 1 96  ? 14.617  13.795  -12.099 1.00 98.33  ? 197  ASP A OD1 1 
ATOM   698  O  OD2 . ASP A 1 96  ? 15.033  15.823  -11.367 1.00 101.54 ? 197  ASP A OD2 1 
ATOM   699  N  N   . ALA A 1 97  ? 15.850  11.709  -7.537  1.00 97.58  ? 198  ALA A N   1 
ATOM   700  C  CA  . ALA A 1 97  ? 16.178  11.409  -6.149  1.00 96.53  ? 198  ALA A CA  1 
ATOM   701  C  C   . ALA A 1 97  ? 17.645  11.013  -6.162  1.00 95.52  ? 198  ALA A C   1 
ATOM   702  O  O   . ALA A 1 97  ? 18.218  10.744  -7.221  1.00 94.34  ? 198  ALA A O   1 
ATOM   703  C  CB  . ALA A 1 97  ? 15.317  10.248  -5.608  1.00 96.66  ? 198  ALA A CB  1 
ATOM   704  N  N   . SER A 1 98  ? 18.210  10.926  -4.965  1.00 95.13  ? 199  SER A N   1 
ATOM   705  C  CA  . SER A 1 98  ? 19.622  10.652  -4.739  1.00 95.10  ? 199  SER A CA  1 
ATOM   706  C  C   . SER A 1 98  ? 19.866  9.530   -3.753  1.00 95.47  ? 199  SER A C   1 
ATOM   707  O  O   . SER A 1 98  ? 19.084  9.367   -2.846  1.00 96.43  ? 199  SER A O   1 
ATOM   708  C  CB  . SER A 1 98  ? 20.210  11.922  -4.181  1.00 95.21  ? 199  SER A CB  1 
ATOM   709  O  OG  . SER A 1 98  ? 19.171  12.650  -3.539  1.00 93.99  ? 199  SER A OG  1 
ATOM   710  N  N   . PRO A 1 99  ? 20.985  8.777   -3.888  1.00 96.04  ? 200  PRO A N   1 
ATOM   711  C  CA  . PRO A 1 99  ? 21.323  7.660   -2.983  1.00 95.35  ? 200  PRO A CA  1 
ATOM   712  C  C   . PRO A 1 99  ? 20.968  7.891   -1.518  1.00 94.19  ? 200  PRO A C   1 
ATOM   713  O  O   . PRO A 1 99  ? 21.055  6.992   -0.688  1.00 93.91  ? 200  PRO A O   1 
ATOM   714  C  CB  . PRO A 1 99  ? 22.831  7.486   -3.196  1.00 96.02  ? 200  PRO A CB  1 
ATOM   715  C  CG  . PRO A 1 99  ? 22.968  7.735   -4.687  1.00 96.45  ? 200  PRO A CG  1 
ATOM   716  C  CD  . PRO A 1 99  ? 22.055  8.976   -4.890  1.00 96.40  ? 200  PRO A CD  1 
ATOM   717  N  N   . GLU A 1 100 ? 20.582  9.115   -1.208  1.00 93.14  ? 201  GLU A N   1 
ATOM   718  C  CA  . GLU A 1 100 ? 20.195  9.488   0.138   1.00 92.85  ? 201  GLU A CA  1 
ATOM   719  C  C   . GLU A 1 100 ? 18.654  9.345   0.346   1.00 91.23  ? 201  GLU A C   1 
ATOM   720  O  O   . GLU A 1 100 ? 18.203  8.672   1.284   1.00 89.76  ? 201  GLU A O   1 
ATOM   721  C  CB  . GLU A 1 100 ? 20.666  10.923  0.364   1.00 94.04  ? 201  GLU A CB  1 
ATOM   722  C  CG  . GLU A 1 100 ? 20.427  11.807  -0.875  1.00 95.94  ? 201  GLU A CG  1 
ATOM   723  C  CD  . GLU A 1 100 ? 20.134  13.284  -0.533  1.00 97.05  ? 201  GLU A CD  1 
ATOM   724  O  OE1 . GLU A 1 100 ? 21.123  14.038  -0.326  1.00 97.95  ? 201  GLU A OE1 1 
ATOM   725  O  OE2 . GLU A 1 100 ? 18.929  13.679  -0.463  1.00 94.93  ? 201  GLU A OE2 1 
ATOM   726  N  N   . LEU A 1 101 ? 17.868  9.976   -0.533  1.00 89.61  ? 202  LEU A N   1 
ATOM   727  C  CA  . LEU A 1 101 ? 16.399  9.920   -0.486  1.00 88.42  ? 202  LEU A CA  1 
ATOM   728  C  C   . LEU A 1 101 ? 15.944  8.484   -0.786  1.00 87.38  ? 202  LEU A C   1 
ATOM   729  O  O   . LEU A 1 101 ? 14.905  8.033   -0.294  1.00 87.19  ? 202  LEU A O   1 
ATOM   730  C  CB  . LEU A 1 101 ? 15.779  10.863  -1.535  1.00 87.56  ? 202  LEU A CB  1 
ATOM   731  C  CG  . LEU A 1 101 ? 14.616  11.792  -1.152  1.00 87.87  ? 202  LEU A CG  1 
ATOM   732  C  CD1 . LEU A 1 101 ? 13.895  12.239  -2.391  1.00 88.08  ? 202  LEU A CD1 1 
ATOM   733  C  CD2 . LEU A 1 101 ? 13.639  11.097  -0.253  1.00 88.29  ? 202  LEU A CD2 1 
ATOM   734  N  N   . ARG A 1 102 ? 16.739  7.779   -1.591  1.00 85.62  ? 203  ARG A N   1 
ATOM   735  C  CA  . ARG A 1 102 ? 16.453  6.406   -1.986  1.00 83.52  ? 203  ARG A CA  1 
ATOM   736  C  C   . ARG A 1 102 ? 16.622  5.400   -0.862  1.00 80.62  ? 203  ARG A C   1 
ATOM   737  O  O   . ARG A 1 102 ? 15.849  4.464   -0.757  1.00 79.58  ? 203  ARG A O   1 
ATOM   738  C  CB  . ARG A 1 102 ? 17.300  6.027   -3.209  1.00 86.08  ? 203  ARG A CB  1 
ATOM   739  C  CG  . ARG A 1 102 ? 16.746  6.624   -4.509  1.00 91.01  ? 203  ARG A CG  1 
ATOM   740  C  CD  . ARG A 1 102 ? 17.816  6.983   -5.545  1.00 95.39  ? 203  ARG A CD  1 
ATOM   741  N  NE  . ARG A 1 102 ? 18.707  5.855   -5.801  1.00 99.84  ? 203  ARG A NE  1 
ATOM   742  C  CZ  . ARG A 1 102 ? 19.842  5.919   -6.498  1.00 101.88 ? 203  ARG A CZ  1 
ATOM   743  N  NH1 . ARG A 1 102 ? 20.242  7.075   -7.030  1.00 102.38 ? 203  ARG A NH1 1 
ATOM   744  N  NH2 . ARG A 1 102 ? 20.593  4.825   -6.640  1.00 102.56 ? 203  ARG A NH2 1 
ATOM   745  N  N   . ARG A 1 103 ? 17.615  5.565   -0.006  1.00 78.25  ? 204  ARG A N   1 
ATOM   746  C  CA  . ARG A 1 103 ? 17.712  4.605   1.075   1.00 76.67  ? 204  ARG A CA  1 
ATOM   747  C  C   . ARG A 1 103 ? 16.535  4.952   1.960   1.00 74.16  ? 204  ARG A C   1 
ATOM   748  O  O   . ARG A 1 103 ? 15.893  4.076   2.507   1.00 74.48  ? 204  ARG A O   1 
ATOM   749  C  CB  . ARG A 1 103 ? 19.003  4.771   1.874   1.00 80.12  ? 204  ARG A CB  1 
ATOM   750  C  CG  . ARG A 1 103 ? 19.288  3.646   2.898   1.00 85.04  ? 204  ARG A CG  1 
ATOM   751  C  CD  . ARG A 1 103 ? 19.737  2.330   2.211   1.00 90.48  ? 204  ARG A CD  1 
ATOM   752  N  NE  . ARG A 1 103 ? 20.258  1.289   3.118   1.00 94.35  ? 204  ARG A NE  1 
ATOM   753  C  CZ  . ARG A 1 103 ? 21.022  0.257   2.733   1.00 96.44  ? 204  ARG A CZ  1 
ATOM   754  N  NH1 . ARG A 1 103 ? 21.443  -0.641  3.628   1.00 97.05  ? 204  ARG A NH1 1 
ATOM   755  N  NH2 . ARG A 1 103 ? 21.386  0.122   1.453   1.00 96.75  ? 204  ARG A NH2 1 
ATOM   756  N  N   . GLU A 1 104 ? 16.241  6.240   2.079   1.00 70.94  ? 205  GLU A N   1 
ATOM   757  C  CA  . GLU A 1 104 ? 15.138  6.709   2.915   1.00 67.73  ? 205  GLU A CA  1 
ATOM   758  C  C   . GLU A 1 104 ? 13.778  6.143   2.511   1.00 64.76  ? 205  GLU A C   1 
ATOM   759  O  O   . GLU A 1 104 ? 13.104  5.486   3.310   1.00 60.84  ? 205  GLU A O   1 
ATOM   760  C  CB  . GLU A 1 104 ? 15.093  8.225   2.852   1.00 69.84  ? 205  GLU A CB  1 
ATOM   761  C  CG  . GLU A 1 104 ? 14.134  8.917   3.805   1.00 72.04  ? 205  GLU A CG  1 
ATOM   762  C  CD  . GLU A 1 104 ? 13.980  10.411  3.441   1.00 73.59  ? 205  GLU A CD  1 
ATOM   763  O  OE1 . GLU A 1 104 ? 14.974  10.982  2.881   1.00 73.21  ? 205  GLU A OE1 1 
ATOM   764  O  OE2 . GLU A 1 104 ? 12.881  10.983  3.711   1.00 71.12  ? 205  GLU A OE2 1 
ATOM   765  N  N   . ILE A 1 105 ? 13.373  6.375   1.269   1.00 62.34  ? 206  ILE A N   1 
ATOM   766  C  CA  . ILE A 1 105 ? 12.083  5.870   0.902   1.00 62.11  ? 206  ILE A CA  1 
ATOM   767  C  C   . ILE A 1 105 ? 11.997  4.343   0.979   1.00 61.19  ? 206  ILE A C   1 
ATOM   768  O  O   . ILE A 1 105 ? 10.920  3.799   1.186   1.00 62.10  ? 206  ILE A O   1 
ATOM   769  C  CB  . ILE A 1 105 ? 11.606  6.356   -0.488  1.00 63.10  ? 206  ILE A CB  1 
ATOM   770  C  CG1 . ILE A 1 105 ? 11.660  5.200   -1.449  1.00 63.00  ? 206  ILE A CG1 1 
ATOM   771  C  CG2 . ILE A 1 105 ? 12.364  7.587   -0.975  1.00 62.23  ? 206  ILE A CG2 1 
ATOM   772  C  CD1 . ILE A 1 105 ? 10.502  5.207   -2.377  1.00 64.93  ? 206  ILE A CD1 1 
ATOM   773  N  N   . THR A 1 106 ? 13.138  3.670   0.869   1.00 59.32  ? 207  THR A N   1 
ATOM   774  C  CA  . THR A 1 106 ? 13.209  2.213   0.902   1.00 56.64  ? 207  THR A CA  1 
ATOM   775  C  C   . THR A 1 106 ? 13.008  1.723   2.290   1.00 55.90  ? 207  THR A C   1 
ATOM   776  O  O   . THR A 1 106 ? 12.259  0.792   2.515   1.00 58.43  ? 207  THR A O   1 
ATOM   777  C  CB  . THR A 1 106 ? 14.570  1.714   0.349   1.00 57.55  ? 207  THR A CB  1 
ATOM   778  O  OG1 . THR A 1 106 ? 14.364  1.214   -0.976  1.00 56.26  ? 207  THR A OG1 1 
ATOM   779  C  CG2 . THR A 1 106 ? 15.213  0.634   1.243   1.00 56.55  ? 207  THR A CG2 1 
ATOM   780  N  N   . ASP A 1 107 ? 13.684  2.342   3.234   1.00 54.33  ? 208  ASP A N   1 
ATOM   781  C  CA  . ASP A 1 107 ? 13.509  1.976   4.643   1.00 52.27  ? 208  ASP A CA  1 
ATOM   782  C  C   . ASP A 1 107 ? 12.069  2.205   5.070   1.00 51.81  ? 208  ASP A C   1 
ATOM   783  O  O   . ASP A 1 107 ? 11.530  1.462   5.885   1.00 50.18  ? 208  ASP A O   1 
ATOM   784  C  CB  . ASP A 1 107 ? 14.434  2.833   5.458   1.00 56.01  ? 208  ASP A CB  1 
ATOM   785  C  CG  . ASP A 1 107 ? 15.859  2.720   5.010   1.00 59.71  ? 208  ASP A CG  1 
ATOM   786  O  OD1 . ASP A 1 107 ? 16.162  1.951   4.020   1.00 58.54  ? 208  ASP A OD1 1 
ATOM   787  O  OD2 . ASP A 1 107 ? 16.663  3.442   5.571   1.00 62.41  ? 208  ASP A OD2 1 
ATOM   788  N  N   . GLN A 1 108 ? 11.455  3.262   4.539   1.00 49.83  ? 209  GLN A N   1 
ATOM   789  C  CA  . GLN A 1 108 ? 10.121  3.642   4.944   1.00 48.29  ? 209  GLN A CA  1 
ATOM   790  C  C   . GLN A 1 108 ? 9.169   2.617   4.415   1.00 48.20  ? 209  GLN A C   1 
ATOM   791  O  O   . GLN A 1 108 ? 8.338   2.141   5.174   1.00 48.01  ? 209  GLN A O   1 
ATOM   792  C  CB  . GLN A 1 108 ? 9.784   5.067   4.452   1.00 48.50  ? 209  GLN A CB  1 
ATOM   793  C  CG  . GLN A 1 108 ? 10.333  6.196   5.357   1.00 49.23  ? 209  GLN A CG  1 
ATOM   794  C  CD  . GLN A 1 108 ? 10.637  7.530   4.640   1.00 52.94  ? 209  GLN A CD  1 
ATOM   795  O  OE1 . GLN A 1 108 ? 9.851   8.066   3.857   1.00 58.75  ? 209  GLN A OE1 1 
ATOM   796  N  NE2 . GLN A 1 108 ? 11.792  8.064   4.939   1.00 57.45  ? 209  GLN A NE2 1 
ATOM   797  N  N   . LEU A 1 109 ? 9.317   2.261   3.138   1.00 46.89  ? 210  LEU A N   1 
ATOM   798  C  CA  . LEU A 1 109 ? 8.463   1.271   2.504   1.00 46.06  ? 210  LEU A CA  1 
ATOM   799  C  C   . LEU A 1 109 ? 8.542   -0.097  3.226   1.00 46.95  ? 210  LEU A C   1 
ATOM   800  O  O   . LEU A 1 109 ? 7.543   -0.847  3.333   1.00 47.13  ? 210  LEU A O   1 
ATOM   801  C  CB  . LEU A 1 109 ? 8.821   1.152   1.014   1.00 44.06  ? 210  LEU A CB  1 
ATOM   802  C  CG  . LEU A 1 109 ? 8.335   2.308   0.123   1.00 43.58  ? 210  LEU A CG  1 
ATOM   803  C  CD1 . LEU A 1 109 ? 8.854   2.070   -1.277  1.00 42.58  ? 210  LEU A CD1 1 
ATOM   804  C  CD2 . LEU A 1 109 ? 6.778   2.419   0.118   1.00 40.58  ? 210  LEU A CD2 1 
ATOM   805  N  N   . HIS A 1 110 ? 9.714   -0.412  3.770   1.00 46.28  ? 211  HIS A N   1 
ATOM   806  C  CA  . HIS A 1 110 ? 9.860   -1.679  4.482   1.00 46.46  ? 211  HIS A CA  1 
ATOM   807  C  C   . HIS A 1 110 ? 9.014   -1.599  5.759   1.00 44.34  ? 211  HIS A C   1 
ATOM   808  O  O   . HIS A 1 110 ? 8.350   -2.547  6.144   1.00 46.49  ? 211  HIS A O   1 
ATOM   809  C  CB  . HIS A 1 110 ? 11.339  -1.965  4.898   1.00 46.99  ? 211  HIS A CB  1 
ATOM   810  C  CG  . HIS A 1 110 ? 12.323  -2.206  3.755   1.00 49.30  ? 211  HIS A CG  1 
ATOM   811  N  ND1 . HIS A 1 110 ? 13.663  -2.326  3.975   1.00 49.69  ? 211  HIS A ND1 1 
ATOM   812  C  CD2 . HIS A 1 110 ? 12.121  -2.336  2.420   1.00 48.39  ? 211  HIS A CD2 1 
ATOM   813  C  CE1 . HIS A 1 110 ? 14.281  -2.524  2.802   1.00 49.22  ? 211  HIS A CE1 1 
ATOM   814  N  NE2 . HIS A 1 110 ? 13.371  -2.532  1.861   1.00 46.71  ? 211  HIS A NE2 1 
ATOM   815  N  N   . GLN A 1 111 ? 9.073   -0.466  6.448   1.00 44.51  ? 212  GLN A N   1 
ATOM   816  C  CA  . GLN A 1 111 ? 8.329   -0.287  7.707   1.00 43.25  ? 212  GLN A CA  1 
ATOM   817  C  C   . GLN A 1 111 ? 6.805   -0.399  7.413   1.00 41.94  ? 212  GLN A C   1 
ATOM   818  O  O   . GLN A 1 111 ? 6.055   -1.005  8.149   1.00 41.84  ? 212  GLN A O   1 
ATOM   819  C  CB  . GLN A 1 111 ? 8.699   1.093   8.299   1.00 43.61  ? 212  GLN A CB  1 
ATOM   820  C  CG  . GLN A 1 111 ? 7.944   1.484   9.595   1.00 45.37  ? 212  GLN A CG  1 
ATOM   821  C  CD  . GLN A 1 111 ? 8.034   0.353   10.577  1.00 47.87  ? 212  GLN A CD  1 
ATOM   822  O  OE1 . GLN A 1 111 ? 9.004   -0.400  10.516  1.00 49.70  ? 212  GLN A OE1 1 
ATOM   823  N  NE2 . GLN A 1 111 ? 7.034   0.191   11.463  1.00 46.50  ? 212  GLN A NE2 1 
ATOM   824  N  N   . VAL A 1 112 ? 6.356   0.174   6.309   1.00 41.62  ? 213  VAL A N   1 
ATOM   825  C  CA  . VAL A 1 112 ? 4.950   0.091   5.947   1.00 42.23  ? 213  VAL A CA  1 
ATOM   826  C  C   . VAL A 1 112 ? 4.503   -1.360  5.841   1.00 42.97  ? 213  VAL A C   1 
ATOM   827  O  O   . VAL A 1 112 ? 3.499   -1.741  6.448   1.00 44.97  ? 213  VAL A O   1 
ATOM   828  C  CB  . VAL A 1 112 ? 4.685   0.796   4.619   1.00 41.73  ? 213  VAL A CB  1 
ATOM   829  C  CG1 . VAL A 1 112 ? 3.338   0.350   4.057   1.00 39.03  ? 213  VAL A CG1 1 
ATOM   830  C  CG2 . VAL A 1 112 ? 4.751   2.301   4.833   1.00 40.04  ? 213  VAL A CG2 1 
HETATM 831  N  N   . MSE A 1 113 ? 5.291   -2.168  5.136   1.00 44.80  ? 214  MSE A N   1 
HETATM 832  C  CA  . MSE A 1 113 ? 4.966   -3.561  4.925   1.00 43.55  ? 214  MSE A CA  1 
HETATM 833  C  C   . MSE A 1 113 ? 4.889   -4.350  6.195   1.00 44.25  ? 214  MSE A C   1 
HETATM 834  O  O   . MSE A 1 113 ? 4.062   -5.261  6.286   1.00 44.15  ? 214  MSE A O   1 
HETATM 835  C  CB  . MSE A 1 113 ? 5.933   -4.186  3.927   1.00 43.20  ? 214  MSE A CB  1 
HETATM 836  C  CG  . MSE A 1 113 ? 5.803   -3.558  2.547   1.00 44.34  ? 214  MSE A CG  1 
HETATM 837  SE SE  . MSE A 1 113 ? 3.942   -3.371  1.838   1.00 44.00  ? 214  MSE A SE  1 
HETATM 838  C  CE  . MSE A 1 113 ? 3.486   -5.231  1.431   1.00 33.73  ? 214  MSE A CE  1 
ATOM   839  N  N   . SER A 1 114 ? 5.711   -4.038  7.191   1.00 44.78  ? 215  SER A N   1 
ATOM   840  C  CA  . SER A 1 114 ? 5.570   -4.795  8.452   1.00 45.36  ? 215  SER A CA  1 
ATOM   841  C  C   . SER A 1 114 ? 4.295   -4.385  9.236   1.00 43.99  ? 215  SER A C   1 
ATOM   842  O  O   . SER A 1 114 ? 3.676   -5.192  9.924   1.00 43.33  ? 215  SER A O   1 
ATOM   843  C  CB  . SER A 1 114 ? 6.806   -4.652  9.318   1.00 46.33  ? 215  SER A CB  1 
ATOM   844  O  OG  . SER A 1 114 ? 7.116   -3.298  9.428   1.00 55.28  ? 215  SER A OG  1 
ATOM   845  N  N   . GLU A 1 115 ? 3.908   -3.124  9.142   1.00 42.50  ? 216  GLU A N   1 
ATOM   846  C  CA  . GLU A 1 115 ? 2.655   -2.695  9.743   1.00 39.96  ? 216  GLU A CA  1 
ATOM   847  C  C   . GLU A 1 115 ? 1.510   -3.344  8.888   1.00 38.98  ? 216  GLU A C   1 
ATOM   848  O  O   . GLU A 1 115 ? 0.507   -3.823  9.441   1.00 36.05  ? 216  GLU A O   1 
ATOM   849  C  CB  . GLU A 1 115 ? 2.591   -1.175  9.707   1.00 41.25  ? 216  GLU A CB  1 
ATOM   850  C  CG  . GLU A 1 115 ? 3.392   -0.502  10.858  1.00 42.27  ? 216  GLU A CG  1 
ATOM   851  C  CD  . GLU A 1 115 ? 3.399   1.017   10.759  1.00 46.11  ? 216  GLU A CD  1 
ATOM   852  O  OE1 . GLU A 1 115 ? 2.343   1.659   10.923  1.00 46.09  ? 216  GLU A OE1 1 
ATOM   853  O  OE2 . GLU A 1 115 ? 4.471   1.593   10.492  1.00 49.70  ? 216  GLU A OE2 1 
ATOM   854  N  N   . VAL A 1 116 ? 1.671   -3.389  7.553   1.00 37.55  ? 217  VAL A N   1 
ATOM   855  C  CA  . VAL A 1 116 ? 0.659   -4.015  6.652   1.00 39.14  ? 217  VAL A CA  1 
ATOM   856  C  C   . VAL A 1 116 ? 0.411   -5.457  7.050   1.00 39.69  ? 217  VAL A C   1 
ATOM   857  O  O   . VAL A 1 116 ? -0.721  -5.928  7.036   1.00 40.16  ? 217  VAL A O   1 
ATOM   858  C  CB  . VAL A 1 116 ? 1.093   -3.963  5.159   1.00 39.38  ? 217  VAL A CB  1 
ATOM   859  C  CG1 . VAL A 1 116 ? 0.391   -5.082  4.312   1.00 36.69  ? 217  VAL A CG1 1 
ATOM   860  C  CG2 . VAL A 1 116 ? 0.831   -2.518  4.623   1.00 38.14  ? 217  VAL A CG2 1 
ATOM   861  N  N   . ALA A 1 117 ? 1.472   -6.129  7.488   1.00 42.63  ? 218  ALA A N   1 
ATOM   862  C  CA  . ALA A 1 117 ? 1.344   -7.511  7.924   1.00 44.47  ? 218  ALA A CA  1 
ATOM   863  C  C   . ALA A 1 117 ? 0.463   -7.595  9.151   1.00 45.23  ? 218  ALA A C   1 
ATOM   864  O  O   . ALA A 1 117 ? -0.230  -8.573  9.324   1.00 51.03  ? 218  ALA A O   1 
ATOM   865  C  CB  . ALA A 1 117 ? 2.709   -8.161  8.188   1.00 41.07  ? 218  ALA A CB  1 
ATOM   866  N  N   . LEU A 1 118 ? 0.451   -6.597  10.018  1.00 44.56  ? 219  LEU A N   1 
ATOM   867  C  CA  . LEU A 1 118 ? -0.469  -6.724  11.136  1.00 45.06  ? 219  LEU A CA  1 
ATOM   868  C  C   . LEU A 1 118 ? -1.855  -6.413  10.636  1.00 45.04  ? 219  LEU A C   1 
ATOM   869  O  O   . LEU A 1 118 ? -2.791  -7.142  10.923  1.00 46.74  ? 219  LEU A O   1 
ATOM   870  C  CB  . LEU A 1 118 ? -0.148  -5.749  12.237  1.00 49.02  ? 219  LEU A CB  1 
ATOM   871  C  CG  . LEU A 1 118 ? 1.125   -6.140  12.972  1.00 51.13  ? 219  LEU A CG  1 
ATOM   872  C  CD1 . LEU A 1 118 ? 1.552   -4.967  13.862  1.00 50.70  ? 219  LEU A CD1 1 
ATOM   873  C  CD2 . LEU A 1 118 ? 0.890   -7.452  13.755  1.00 49.87  ? 219  LEU A CD2 1 
ATOM   874  N  N   . LEU A 1 119 ? -1.978  -5.302  9.921   1.00 42.55  ? 220  LEU A N   1 
ATOM   875  C  CA  . LEU A 1 119 ? -3.238  -4.894  9.337   1.00 41.19  ? 220  LEU A CA  1 
ATOM   876  C  C   . LEU A 1 119 ? -3.909  -6.093  8.656   1.00 41.13  ? 220  LEU A C   1 
ATOM   877  O  O   . LEU A 1 119 ? -5.098  -6.362  8.902   1.00 40.96  ? 220  LEU A O   1 
ATOM   878  C  CB  . LEU A 1 119 ? -3.002  -3.845  8.265   1.00 39.10  ? 220  LEU A CB  1 
ATOM   879  C  CG  . LEU A 1 119 ? -3.983  -2.688  8.270   1.00 38.90  ? 220  LEU A CG  1 
ATOM   880  C  CD1 . LEU A 1 119 ? -4.097  -2.214  6.849   1.00 37.28  ? 220  LEU A CD1 1 
ATOM   881  C  CD2 . LEU A 1 119 ? -5.317  -3.051  8.919   1.00 34.79  ? 220  LEU A CD2 1 
ATOM   882  N  N   . ARG A 1 120 ? -3.152  -6.801  7.809   1.00 38.22  ? 221  ARG A N   1 
ATOM   883  C  CA  . ARG A 1 120 ? -3.735  -7.904  7.102   1.00 39.33  ? 221  ARG A CA  1 
ATOM   884  C  C   . ARG A 1 120 ? -4.248  -9.017  7.971   1.00 40.77  ? 221  ARG A C   1 
ATOM   885  O  O   . ARG A 1 120 ? -5.169  -9.704  7.555   1.00 40.80  ? 221  ARG A O   1 
ATOM   886  C  CB  . ARG A 1 120 ? -2.827  -8.428  6.005   1.00 40.22  ? 221  ARG A CB  1 
ATOM   887  C  CG  . ARG A 1 120 ? -2.159  -9.686  6.303   1.00 46.22  ? 221  ARG A CG  1 
ATOM   888  C  CD  . ARG A 1 120 ? -1.460  -10.131 5.058   1.00 50.22  ? 221  ARG A CD  1 
ATOM   889  N  NE  . ARG A 1 120 ? -2.337  -11.010 4.310   1.00 52.47  ? 221  ARG A NE  1 
ATOM   890  C  CZ  . ARG A 1 120 ? -2.406  -11.068 2.991   1.00 53.15  ? 221  ARG A CZ  1 
ATOM   891  N  NH1 . ARG A 1 120 ? -1.634  -10.282 2.253   1.00 51.94  ? 221  ARG A NH1 1 
ATOM   892  N  NH2 . ARG A 1 120 ? -3.261  -11.916 2.426   1.00 57.30  ? 221  ARG A NH2 1 
ATOM   893  N  N   . GLN A 1 121 ? -3.707  -9.219  9.166   1.00 40.63  ? 222  GLN A N   1 
ATOM   894  C  CA  . GLN A 1 121 ? -4.305  -10.251 9.999   1.00 41.24  ? 222  GLN A CA  1 
ATOM   895  C  C   . GLN A 1 121 ? -5.715  -9.842  10.391  1.00 40.02  ? 222  GLN A C   1 
ATOM   896  O  O   . GLN A 1 121 ? -6.644  -10.647 10.351  1.00 39.41  ? 222  GLN A O   1 
ATOM   897  C  CB  . GLN A 1 121 ? -3.502  -10.468 11.256  1.00 44.32  ? 222  GLN A CB  1 
ATOM   898  C  CG  . GLN A 1 121 ? -2.121  -10.916 10.884  1.00 54.63  ? 222  GLN A CG  1 
ATOM   899  C  CD  . GLN A 1 121 ? -1.231  -11.254 12.078  1.00 55.68  ? 222  GLN A CD  1 
ATOM   900  O  OE1 . GLN A 1 121 ? -0.007  -11.239 11.975  1.00 60.32  ? 222  GLN A OE1 1 
ATOM   901  N  NE2 . GLN A 1 121 ? -1.840  -11.578 13.207  1.00 55.59  ? 222  GLN A NE2 1 
ATOM   902  N  N   . ALA A 1 122 ? -5.882  -8.589  10.794  1.00 37.61  ? 223  ALA A N   1 
ATOM   903  C  CA  . ALA A 1 122 ? -7.209  -8.128  11.180  1.00 37.33  ? 223  ALA A CA  1 
ATOM   904  C  C   . ALA A 1 122 ? -8.165  -8.195  9.998   1.00 37.78  ? 223  ALA A C   1 
ATOM   905  O  O   . ALA A 1 122 ? -9.313  -8.599  10.114  1.00 40.90  ? 223  ALA A O   1 
ATOM   906  C  CB  . ALA A 1 122 ? -7.148  -6.694  11.681  1.00 34.49  ? 223  ALA A CB  1 
ATOM   907  N  N   . VAL A 1 123 ? -7.703  -7.788  8.837   1.00 36.91  ? 224  VAL A N   1 
ATOM   908  C  CA  . VAL A 1 123 ? -8.616  -7.796  7.730   1.00 36.32  ? 224  VAL A CA  1 
ATOM   909  C  C   . VAL A 1 123 ? -8.983  -9.222  7.357   1.00 35.75  ? 224  VAL A C   1 
ATOM   910  O  O   . VAL A 1 123 ? -10.114 -9.519  7.042   1.00 36.56  ? 224  VAL A O   1 
ATOM   911  C  CB  . VAL A 1 123 ? -8.004  -7.031  6.527   1.00 35.85  ? 224  VAL A CB  1 
ATOM   912  C  CG1 . VAL A 1 123 ? -8.906  -7.163  5.342   1.00 28.22  ? 224  VAL A CG1 1 
ATOM   913  C  CG2 . VAL A 1 123 ? -7.768  -5.570  6.919   1.00 29.80  ? 224  VAL A CG2 1 
ATOM   914  N  N   . GLU A 1 124 ? -8.021  -10.121 7.396   1.00 35.49  ? 225  GLU A N   1 
ATOM   915  C  CA  . GLU A 1 124 ? -8.342  -11.470 7.035   1.00 35.99  ? 225  GLU A CA  1 
ATOM   916  C  C   . GLU A 1 124 ? -9.421  -12.000 7.931   1.00 38.37  ? 225  GLU A C   1 
ATOM   917  O  O   . GLU A 1 124 ? -10.369 -12.603 7.440   1.00 39.04  ? 225  GLU A O   1 
ATOM   918  C  CB  . GLU A 1 124 ? -7.117  -12.362 7.106   1.00 34.28  ? 225  GLU A CB  1 
ATOM   919  C  CG  . GLU A 1 124 ? -6.179  -12.260 5.881   1.00 35.04  ? 225  GLU A CG  1 
ATOM   920  C  CD  . GLU A 1 124 ? -5.094  -13.312 5.971   1.00 36.83  ? 225  GLU A CD  1 
ATOM   921  O  OE1 . GLU A 1 124 ? -5.211  -14.128 6.885   1.00 39.07  ? 225  GLU A OE1 1 
ATOM   922  O  OE2 . GLU A 1 124 ? -4.135  -13.354 5.185   1.00 37.71  ? 225  GLU A OE2 1 
ATOM   923  N  N   . SER A 1 125 ? -9.340  -11.744 9.224   1.00 38.28  ? 226  SER A N   1 
ATOM   924  C  CA  . SER A 1 125 ? -10.345 -12.332 10.022  1.00 41.12  ? 226  SER A CA  1 
ATOM   925  C  C   . SER A 1 125 ? -11.673 -11.629 9.934   1.00 43.16  ? 226  SER A C   1 
ATOM   926  O  O   . SER A 1 125 ? -12.669 -12.244 10.264  1.00 45.30  ? 226  SER A O   1 
ATOM   927  C  CB  . SER A 1 125 ? -9.843  -12.540 11.451  1.00 45.71  ? 226  SER A CB  1 
ATOM   928  O  OG  . SER A 1 125 ? -9.781  -11.347 12.201  1.00 48.65  ? 226  SER A OG  1 
ATOM   929  N  N   . GLU A 1 126 ? -11.712 -10.363 9.516   1.00 43.76  ? 227  GLU A N   1 
ATOM   930  C  CA  . GLU A 1 126 ? -12.996 -9.688  9.298   1.00 42.98  ? 227  GLU A CA  1 
ATOM   931  C  C   . GLU A 1 126 ? -13.561 -10.295 8.001   1.00 42.63  ? 227  GLU A C   1 
ATOM   932  O  O   . GLU A 1 126 ? -14.718 -10.594 7.892   1.00 46.73  ? 227  GLU A O   1 
ATOM   933  C  CB  . GLU A 1 126 ? -12.802 -8.183  9.084   1.00 43.64  ? 227  GLU A CB  1 
ATOM   934  C  CG  . GLU A 1 126 ? -14.053 -7.420  8.611   1.00 41.28  ? 227  GLU A CG  1 
ATOM   935  C  CD  . GLU A 1 126 ? -13.891 -5.872  8.614   1.00 43.19  ? 227  GLU A CD  1 
ATOM   936  O  OE1 . GLU A 1 126 ? -14.912 -5.157  8.448   1.00 42.71  ? 227  GLU A OE1 1 
ATOM   937  O  OE2 . GLU A 1 126 ? -12.749 -5.367  8.773   1.00 42.01  ? 227  GLU A OE2 1 
ATOM   938  N  N   . VAL A 1 127 ? -12.756 -10.452 6.974   1.00 42.21  ? 228  VAL A N   1 
ATOM   939  C  CA  . VAL A 1 127 ? -13.304 -11.059 5.770   1.00 44.23  ? 228  VAL A CA  1 
ATOM   940  C  C   . VAL A 1 127 ? -13.851 -12.473 6.069   1.00 47.52  ? 228  VAL A C   1 
ATOM   941  O  O   . VAL A 1 127 ? -14.882 -12.896 5.555   1.00 49.59  ? 228  VAL A O   1 
ATOM   942  C  CB  . VAL A 1 127 ? -12.232 -11.209 4.720   1.00 42.21  ? 228  VAL A CB  1 
ATOM   943  C  CG1 . VAL A 1 127 ? -12.660 -12.194 3.693   1.00 39.02  ? 228  VAL A CG1 1 
ATOM   944  C  CG2 . VAL A 1 127 ? -11.961 -9.883  4.093   1.00 44.11  ? 228  VAL A CG2 1 
ATOM   945  N  N   . SER A 1 128 ? -13.181 -13.224 6.917   1.00 46.98  ? 229  SER A N   1 
ATOM   946  C  CA  . SER A 1 128 ? -13.713 -14.529 7.129   1.00 49.58  ? 229  SER A CA  1 
ATOM   947  C  C   . SER A 1 128 ? -14.934 -14.473 8.070   1.00 51.44  ? 229  SER A C   1 
ATOM   948  O  O   . SER A 1 128 ? -15.810 -15.301 7.949   1.00 52.41  ? 229  SER A O   1 
ATOM   949  C  CB  . SER A 1 128 ? -12.590 -15.503 7.564   1.00 46.20  ? 229  SER A CB  1 
ATOM   950  O  OG  . SER A 1 128 ? -12.382 -15.416 8.936   1.00 46.00  ? 229  SER A OG  1 
ATOM   951  N  N   . ARG A 1 129 ? -15.026 -13.482 8.958   1.00 53.20  ? 230  ARG A N   1 
ATOM   952  C  CA  . ARG A 1 129 ? -16.173 -13.350 9.880   1.00 56.34  ? 230  ARG A CA  1 
ATOM   953  C  C   . ARG A 1 129 ? -17.408 -12.937 9.054   1.00 57.77  ? 230  ARG A C   1 
ATOM   954  O  O   . ARG A 1 129 ? -18.497 -13.499 9.191   1.00 59.27  ? 230  ARG A O   1 
ATOM   955  C  CB  . ARG A 1 129 ? -15.863 -12.250 10.914  1.00 58.98  ? 230  ARG A CB  1 
ATOM   956  C  CG  . ARG A 1 129 ? -16.772 -12.070 12.145  1.00 63.36  ? 230  ARG A CG  1 
ATOM   957  C  CD  . ARG A 1 129 ? -16.674 -10.587 12.711  1.00 68.37  ? 230  ARG A CD  1 
ATOM   958  N  NE  . ARG A 1 129 ? -17.543 -9.654  11.945  1.00 75.21  ? 230  ARG A NE  1 
ATOM   959  C  CZ  . ARG A 1 129 ? -17.322 -8.350  11.674  1.00 78.22  ? 230  ARG A CZ  1 
ATOM   960  N  NH1 . ARG A 1 129 ? -18.227 -7.666  10.947  1.00 79.90  ? 230  ARG A NH1 1 
ATOM   961  N  NH2 . ARG A 1 129 ? -16.226 -7.713  12.108  1.00 78.37  ? 230  ARG A NH2 1 
ATOM   962  N  N   . VAL A 1 130 ? -17.217 -11.975 8.161   1.00 57.43  ? 231  VAL A N   1 
ATOM   963  C  CA  . VAL A 1 130 ? -18.294 -11.471 7.347   1.00 54.59  ? 231  VAL A CA  1 
ATOM   964  C  C   . VAL A 1 130 ? -18.863 -12.558 6.478   1.00 55.23  ? 231  VAL A C   1 
ATOM   965  O  O   . VAL A 1 130 ? -20.070 -12.641 6.324   1.00 57.04  ? 231  VAL A O   1 
ATOM   966  C  CB  . VAL A 1 130 ? -17.808 -10.283 6.490   1.00 54.43  ? 231  VAL A CB  1 
ATOM   967  C  CG1 . VAL A 1 130 ? -18.602 -10.200 5.196   1.00 52.73  ? 231  VAL A CG1 1 
ATOM   968  C  CG2 . VAL A 1 130 ? -17.910 -8.987  7.312   1.00 50.58  ? 231  VAL A CG2 1 
ATOM   969  N  N   . SER A 1 131 ? -18.011 -13.418 5.936   1.00 54.58  ? 232  SER A N   1 
ATOM   970  C  CA  . SER A 1 131 ? -18.505 -14.480 5.069   1.00 52.92  ? 232  SER A CA  1 
ATOM   971  C  C   . SER A 1 131 ? -18.611 -15.912 5.600   1.00 54.92  ? 232  SER A C   1 
ATOM   972  O  O   . SER A 1 131 ? -18.495 -16.855 4.827   1.00 54.96  ? 232  SER A O   1 
ATOM   973  C  CB  . SER A 1 131 ? -17.652 -14.548 3.838   1.00 51.71  ? 232  SER A CB  1 
ATOM   974  O  OG  . SER A 1 131 ? -16.390 -15.095 4.159   1.00 49.22  ? 232  SER A OG  1 
ATOM   975  N  N   . ALA A 1 132 ? -18.803 -16.095 6.895   1.00 56.95  ? 233  ALA A N   1 
ATOM   976  C  CA  . ALA A 1 132 ? -18.922 -17.435 7.424   1.00 61.04  ? 233  ALA A CA  1 
ATOM   977  C  C   . ALA A 1 132 ? -20.020 -18.216 6.673   1.00 64.73  ? 233  ALA A C   1 
ATOM   978  O  O   . ALA A 1 132 ? -19.723 -19.080 5.847   1.00 66.78  ? 233  ALA A O   1 
ATOM   979  C  CB  . ALA A 1 132 ? -19.224 -17.357 8.895   1.00 59.58  ? 233  ALA A CB  1 
ATOM   980  N  N   . ASP A 1 133 ? -21.276 -17.867 6.942   1.00 69.00  ? 234  ASP A N   1 
ATOM   981  C  CA  . ASP A 1 133 ? -22.490 -18.487 6.377   1.00 72.78  ? 234  ASP A CA  1 
ATOM   982  C  C   . ASP A 1 133 ? -22.809 -18.186 4.896   1.00 76.84  ? 234  ASP A C   1 
ATOM   983  O  O   . ASP A 1 133 ? -23.850 -18.584 4.375   1.00 78.55  ? 234  ASP A O   1 
ATOM   984  C  CB  . ASP A 1 133 ? -23.648 -18.022 7.254   1.00 71.18  ? 234  ASP A CB  1 
ATOM   985  C  CG  . ASP A 1 133 ? -23.266 -17.981 8.742   1.00 70.12  ? 234  ASP A CG  1 
ATOM   986  O  OD1 . ASP A 1 133 ? -23.508 -16.980 9.441   1.00 67.88  ? 234  ASP A OD1 1 
ATOM   987  O  OD2 . ASP A 1 133 ? -22.711 -18.975 9.233   1.00 71.60  ? 234  ASP A OD2 1 
ATOM   988  N  N   . TYR A 1 134 ? -21.881 -17.523 4.224   1.00 81.36  ? 235  TYR A N   1 
ATOM   989  C  CA  . TYR A 1 134 ? -22.045 -17.078 2.847   1.00 85.39  ? 235  TYR A CA  1 
ATOM   990  C  C   . TYR A 1 134 ? -20.970 -17.688 1.944   1.00 87.45  ? 235  TYR A C   1 
ATOM   991  O  O   . TYR A 1 134 ? -20.783 -18.938 2.018   1.00 88.46  ? 235  TYR A O   1 
ATOM   992  C  CB  . TYR A 1 134 ? -21.963 -15.537 2.845   1.00 87.44  ? 235  TYR A CB  1 
ATOM   993  C  CG  . TYR A 1 134 ? -22.525 -14.945 4.139   1.00 91.07  ? 235  TYR A CG  1 
ATOM   994  C  CD1 . TYR A 1 134 ? -21.795 -15.030 5.351   1.00 92.20  ? 235  TYR A CD1 1 
ATOM   995  C  CD2 . TYR A 1 134 ? -23.832 -14.429 4.190   1.00 92.48  ? 235  TYR A CD2 1 
ATOM   996  C  CE1 . TYR A 1 134 ? -22.356 -14.644 6.582   1.00 93.25  ? 235  TYR A CE1 1 
ATOM   997  C  CE2 . TYR A 1 134 ? -24.413 -14.039 5.410   1.00 94.20  ? 235  TYR A CE2 1 
ATOM   998  C  CZ  . TYR A 1 134 ? -23.669 -14.148 6.605   1.00 95.28  ? 235  TYR A CZ  1 
ATOM   999  O  OH  . TYR A 1 134 ? -24.257 -13.809 7.817   1.00 95.79  ? 235  TYR A OH  1 
ATOM   1000 O  OXT . TYR A 1 134 ? -20.343 -16.899 1.183   1.00 88.18  ? 235  TYR A OXT 1 
HETATM 1001 O  O   . HOH B 2 .   ? -16.298 4.671   3.488   1.00 62.37  ? 2001 HOH A O   1 
HETATM 1002 O  O   . HOH B 2 .   ? -19.729 -4.190  -4.243  1.00 66.93  ? 2002 HOH A O   1 
HETATM 1003 O  O   . HOH B 2 .   ? -13.184 -2.729  -0.938  1.00 62.44  ? 2003 HOH A O   1 
HETATM 1004 O  O   . HOH B 2 .   ? -17.346 -6.639  4.568   1.00 49.00  ? 2004 HOH A O   1 
HETATM 1005 O  O   . HOH B 2 .   ? -20.060 -6.943  4.265   1.00 48.26  ? 2005 HOH A O   1 
HETATM 1006 O  O   . HOH B 2 .   ? -18.095 -8.934  1.079   1.00 86.51  ? 2006 HOH A O   1 
HETATM 1007 O  O   . HOH B 2 .   ? -9.650  -12.499 -0.458  1.00 66.06  ? 2007 HOH A O   1 
HETATM 1008 O  O   . HOH B 2 .   ? -12.465 -12.328 -8.182  1.00 60.67  ? 2008 HOH A O   1 
HETATM 1009 O  O   . HOH B 2 .   ? 2.001   -8.791  0.719   1.00 60.16  ? 2009 HOH A O   1 
HETATM 1010 O  O   . HOH B 2 .   ? 1.021   -12.224 -5.323  1.00 79.13  ? 2010 HOH A O   1 
HETATM 1011 O  O   . HOH B 2 .   ? 5.051   -7.638  -5.285  1.00 53.39  ? 2011 HOH A O   1 
HETATM 1012 O  O   . HOH B 2 .   ? 9.010   -5.593  5.408   1.00 44.13  ? 2012 HOH A O   1 
HETATM 1013 O  O   . HOH B 2 .   ? 13.639  -6.187  4.232   1.00 85.77  ? 2013 HOH A O   1 
HETATM 1014 O  O   . HOH B 2 .   ? 17.756  -2.917  0.597   1.00 63.26  ? 2014 HOH A O   1 
HETATM 1015 O  O   . HOH B 2 .   ? 19.012  -4.551  -6.436  1.00 60.20  ? 2015 HOH A O   1 
HETATM 1016 O  O   . HOH B 2 .   ? 14.515  -5.165  -5.137  1.00 49.77  ? 2016 HOH A O   1 
HETATM 1017 O  O   . HOH B 2 .   ? 19.717  -2.847  -8.493  1.00 66.09  ? 2017 HOH A O   1 
HETATM 1018 O  O   . HOH B 2 .   ? -16.320 -8.845  3.553   1.00 63.31  ? 2018 HOH A O   1 
HETATM 1019 O  O   . HOH B 2 .   ? -11.444 -14.318 -0.010  1.00 71.06  ? 2019 HOH A O   1 
HETATM 1020 O  O   . HOH B 2 .   ? 2.091   -11.683 1.207   1.00 48.13  ? 2020 HOH A O   1 
HETATM 1021 O  O   . HOH B 2 .   ? 7.071   -7.486  6.124   1.00 64.64  ? 2021 HOH A O   1 
HETATM 1022 O  O   . HOH B 2 .   ? -5.765  5.527   -3.843  1.00 55.26  ? 2022 HOH A O   1 
HETATM 1023 O  O   . HOH B 2 .   ? -10.747 5.257   1.270   1.00 52.21  ? 2023 HOH A O   1 
HETATM 1024 O  O   . HOH B 2 .   ? -8.645  7.137   1.964   1.00 46.16  ? 2024 HOH A O   1 
HETATM 1025 O  O   . HOH B 2 .   ? -14.561 4.993   6.079   1.00 64.60  ? 2025 HOH A O   1 
HETATM 1026 O  O   . HOH B 2 .   ? -12.369 6.403   2.513   1.00 63.48  ? 2026 HOH A O   1 
HETATM 1027 O  O   . HOH B 2 .   ? -16.311 0.504   13.992  1.00 57.83  ? 2027 HOH A O   1 
HETATM 1028 O  O   . HOH B 2 .   ? -9.637  -6.883  14.949  1.00 56.64  ? 2028 HOH A O   1 
HETATM 1029 O  O   . HOH B 2 .   ? -23.837 -2.155  9.186   1.00 85.87  ? 2029 HOH A O   1 
HETATM 1030 O  O   . HOH B 2 .   ? -22.311 -6.218  12.479  1.00 80.02  ? 2030 HOH A O   1 
HETATM 1031 O  O   . HOH B 2 .   ? -8.371  -4.475  15.270  1.00 65.41  ? 2031 HOH A O   1 
HETATM 1032 O  O   . HOH B 2 .   ? -4.110  -3.284  12.638  1.00 61.31  ? 2032 HOH A O   1 
HETATM 1033 O  O   . HOH B 2 .   ? -14.968 -0.965  15.322  1.00 49.38  ? 2033 HOH A O   1 
HETATM 1034 O  O   . HOH B 2 .   ? -11.271 -1.311  16.242  1.00 51.19  ? 2034 HOH A O   1 
HETATM 1035 O  O   . HOH B 2 .   ? -10.267 -5.656  10.163  1.00 34.90  ? 2035 HOH A O   1 
HETATM 1036 O  O   . HOH B 2 .   ? -7.090  -3.476  13.001  1.00 40.14  ? 2036 HOH A O   1 
HETATM 1037 O  O   . HOH B 2 .   ? -18.298 0.579   11.629  1.00 53.68  ? 2037 HOH A O   1 
HETATM 1038 O  O   . HOH B 2 .   ? -4.306  8.604   17.454  1.00 60.94  ? 2038 HOH A O   1 
HETATM 1039 O  O   . HOH B 2 .   ? 3.056   12.961  4.380   1.00 78.96  ? 2039 HOH A O   1 
HETATM 1040 O  O   . HOH B 2 .   ? -5.255  9.756   1.962   1.00 59.84  ? 2040 HOH A O   1 
HETATM 1041 O  O   . HOH B 2 .   ? 6.984   3.849   7.184   1.00 43.46  ? 2041 HOH A O   1 
HETATM 1042 O  O   . HOH B 2 .   ? 7.421   8.672   7.441   1.00 59.22  ? 2042 HOH A O   1 
HETATM 1043 O  O   . HOH B 2 .   ? 2.260   -10.200 5.076   1.00 73.79  ? 2043 HOH A O   1 
HETATM 1044 O  O   . HOH B 2 .   ? 0.470   -1.283  14.248  1.00 69.84  ? 2044 HOH A O   1 
HETATM 1045 O  O   . HOH B 2 .   ? 9.183   11.302  4.226   1.00 53.29  ? 2045 HOH A O   1 
HETATM 1046 O  O   . HOH B 2 .   ? 14.720  12.857  -15.418 1.00 82.88  ? 2046 HOH A O   1 
HETATM 1047 O  O   . HOH B 2 .   ? 20.947  8.060   3.557   1.00 78.79  ? 2047 HOH A O   1 
HETATM 1048 O  O   . HOH B 2 .   ? 14.404  5.983   5.959   1.00 75.56  ? 2048 HOH A O   1 
HETATM 1049 O  O   . HOH B 2 .   ? 12.674  0.196   7.643   1.00 52.01  ? 2049 HOH A O   1 
HETATM 1050 O  O   . HOH B 2 .   ? 6.211   -1.733  13.182  1.00 67.20  ? 2050 HOH A O   1 
HETATM 1051 O  O   . HOH B 2 .   ? 4.177   -7.503  4.608   1.00 56.02  ? 2051 HOH A O   1 
HETATM 1052 O  O   . HOH B 2 .   ? -0.750  -1.915  11.258  1.00 45.15  ? 2052 HOH A O   1 
HETATM 1053 O  O   . HOH B 2 .   ? 0.091   -11.298 7.893   1.00 72.56  ? 2053 HOH A O   1 
HETATM 1054 O  O   . HOH B 2 .   ? -3.946  -7.077  13.139  1.00 76.81  ? 2054 HOH A O   1 
HETATM 1055 O  O   . HOH B 2 .   ? 1.119   -8.615  3.717   1.00 47.22  ? 2055 HOH A O   1 
HETATM 1056 O  O   . HOH B 2 .   ? -6.452  -13.363 11.088  1.00 55.16  ? 2056 HOH A O   1 
HETATM 1057 O  O   . HOH B 2 .   ? -3.427  -13.417 8.368   1.00 69.66  ? 2057 HOH A O   1 
HETATM 1058 O  O   . HOH B 2 .   ? -6.761  -14.836 9.124   1.00 50.13  ? 2058 HOH A O   1 
HETATM 1059 O  O   . HOH B 2 .   ? -8.709  -13.595 14.236  1.00 82.97  ? 2059 HOH A O   1 
HETATM 1060 O  O   . HOH B 2 .   ? -16.613 -5.018  6.381   1.00 45.38  ? 2060 HOH A O   1 
HETATM 1061 O  O   . HOH B 2 .   ? -9.391  -15.664 9.156   1.00 41.52  ? 2061 HOH A O   1 
HETATM 1062 O  O   . HOH B 2 .   ? -13.764 -9.419  12.588  1.00 54.39  ? 2062 HOH A O   1 
HETATM 1063 O  O   . HOH B 2 .   ? -20.630 -14.873 10.824  1.00 75.43  ? 2063 HOH A O   1 
HETATM 1064 O  O   . HOH B 2 .   ? -18.005 -20.158 3.494   1.00 73.05  ? 2064 HOH A O   1 
HETATM 1065 O  O   . HOH B 2 .   ? -23.102 -20.584 1.016   1.00 77.70  ? 2065 HOH A O   1 
# 
